data_8XAJ
#
_entry.id   8XAJ
#
_cell.length_a   1.00
_cell.length_b   1.00
_cell.length_c   1.00
_cell.angle_alpha   90.00
_cell.angle_beta   90.00
_cell.angle_gamma   90.00
#
_symmetry.space_group_name_H-M   'P 1'
#
loop_
_entity.id
_entity.type
_entity.pdbx_description
1 polymer 'Calcium permeable stress-gated cation channel 1'
2 non-polymer 1,2-DIOLEOYL-SN-GLYCERO-3-PHOSPHOCHOLINE
#
_entity_poly.entity_id   1
_entity_poly.type   'polypeptide(L)'
_entity_poly.pdbx_seq_one_letter_code
;MATLQDIGVSAGINILSAFVFFIIFAVLRLQPFNDRVYFSKWYLKGLRSSPARGGAFAQRFVNLDFRSYMKFLNWMPEAL
KMPEPELIDHAGLDSVVYLRIYWLGLKIFTPIAVLAWAVLVPVNWTNNTLEMAKQLRNVTSSDIDKLSVSNIPEYSMRFW
THIVMAYAFTIWTCYVLMKEYETIANMRLQFVASEARRPDQFTVLVRNVPPDADESVSELVEHFFLVNHPDHYLTHQVVC
NANKLADLVKKKKKLQNWLDYYQLKYARNNSQRIMVKLGFLGLWGQKVDAIEHYIAEIDKISKEISKEREEVVNDPKAIM
PAAFVSFKTRWAAAVCAQTQQTRNPTQWLTEWAPEPRDVFWSNLAIPYVSLTVRRLIMHVAFFFLTFFFIVPIAFVQSLA
TIEGIVKAAPFLKFIVDDKFMKSVIQGFLPGIALKLFLAFLPSILMIMSKFEGFTSISSLERRAAFRYYIFNLVNVFLAS
VIAGAAFEQLNSFLNQSANQIPKTIGVAIPMKATFFITYIMVDGWAGVAGEILMLKPLIMFHLKNAFLVKTDKDREEAMD
PGSIGFNTGEPRIQLYFLLGLVYAPVTPMLLPFILVFFALAYIVYRHQIINVYNQEYESAAAFWPDVHGRVIAALVISQL
LLMGLLGTKHAALAAPFLIALPVLTIGFHHFCKGRYEPAFIRYPLQEAMMKDTLETAREPNLNLKGYLQNAYVHPVFKGD
EDDYDIDDKLGKFEDEAIIVPTKRQSRRNTPAPSIISGDDSPSLPFSGKLV
;
_entity_poly.pdbx_strand_id   A,B
#
loop_
_chem_comp.id
_chem_comp.type
_chem_comp.name
_chem_comp.formula
PCW non-polymer 1,2-DIOLEOYL-SN-GLYCERO-3-PHOSPHOCHOLINE 'C44 H85 N O8 P 1'
#
# COMPACT_ATOMS: atom_id res chain seq x y z
N THR A 3 1.10 -19.69 -46.00
CA THR A 3 2.02 -19.72 -44.88
C THR A 3 1.45 -20.59 -43.76
N LEU A 4 0.14 -20.83 -43.82
CA LEU A 4 -0.48 -21.72 -42.85
C LEU A 4 0.12 -23.12 -42.95
N GLN A 5 0.31 -23.61 -44.17
CA GLN A 5 1.06 -24.85 -44.34
C GLN A 5 2.47 -24.71 -43.81
N ASP A 6 3.11 -23.56 -44.08
CA ASP A 6 4.47 -23.35 -43.60
C ASP A 6 4.52 -23.33 -42.08
N ILE A 7 3.54 -22.69 -41.44
CA ILE A 7 3.55 -22.65 -39.98
C ILE A 7 3.27 -24.04 -39.41
N GLY A 8 2.39 -24.81 -40.04
CA GLY A 8 2.19 -26.17 -39.61
C GLY A 8 3.45 -27.01 -39.72
N VAL A 9 4.17 -26.86 -40.83
CA VAL A 9 5.40 -27.63 -41.04
C VAL A 9 6.47 -27.22 -40.05
N SER A 10 6.62 -25.92 -39.79
CA SER A 10 7.62 -25.47 -38.83
C SER A 10 7.28 -25.94 -37.43
N ALA A 11 5.99 -25.89 -37.06
CA ALA A 11 5.57 -26.42 -35.77
C ALA A 11 5.88 -27.91 -35.67
N GLY A 12 5.60 -28.66 -36.73
CA GLY A 12 5.91 -30.07 -36.74
C GLY A 12 7.40 -30.34 -36.58
N ILE A 13 8.23 -29.56 -37.26
CA ILE A 13 9.67 -29.74 -37.16
C ILE A 13 10.14 -29.47 -35.74
N ASN A 14 9.67 -28.37 -35.15
CA ASN A 14 10.10 -28.04 -33.79
C ASN A 14 9.64 -29.07 -32.78
N ILE A 15 8.38 -29.53 -32.89
CA ILE A 15 7.87 -30.51 -31.94
C ILE A 15 8.54 -31.87 -32.16
N LEU A 16 8.91 -32.17 -33.40
CA LEU A 16 9.64 -33.42 -33.66
C LEU A 16 11.04 -33.36 -33.07
N SER A 17 11.70 -32.20 -33.17
CA SER A 17 12.97 -32.03 -32.47
C SER A 17 12.77 -32.15 -30.97
N ALA A 18 11.64 -31.68 -30.45
CA ALA A 18 11.33 -31.86 -29.04
C ALA A 18 11.27 -33.34 -28.68
N PHE A 19 10.55 -34.13 -29.48
CA PHE A 19 10.52 -35.57 -29.21
C PHE A 19 11.88 -36.22 -29.43
N VAL A 20 12.72 -35.67 -30.29
CA VAL A 20 14.06 -36.22 -30.48
C VAL A 20 14.90 -36.01 -29.22
N PHE A 21 14.79 -34.83 -28.62
CA PHE A 21 15.45 -34.60 -27.34
C PHE A 21 14.85 -35.49 -26.26
N PHE A 22 13.54 -35.70 -26.31
CA PHE A 22 12.90 -36.62 -25.36
C PHE A 22 13.35 -38.06 -25.55
N ILE A 23 13.78 -38.42 -26.76
CA ILE A 23 14.22 -39.79 -27.01
C ILE A 23 15.72 -39.98 -26.73
N ILE A 24 16.53 -38.92 -26.88
CA ILE A 24 17.88 -39.01 -26.35
C ILE A 24 17.82 -38.96 -24.82
N PHE A 25 16.73 -38.45 -24.26
CA PHE A 25 16.47 -38.64 -22.84
C PHE A 25 16.33 -40.12 -22.48
N ALA A 26 16.07 -40.97 -23.46
CA ALA A 26 16.01 -42.41 -23.22
C ALA A 26 17.38 -43.09 -23.34
N VAL A 27 18.48 -42.35 -23.17
CA VAL A 27 19.80 -42.97 -23.19
C VAL A 27 20.19 -43.45 -21.80
N LEU A 28 19.76 -42.74 -20.76
CA LEU A 28 20.03 -43.19 -19.41
C LEU A 28 19.28 -44.50 -19.14
N ARG A 29 19.83 -45.28 -18.21
CA ARG A 29 19.30 -46.60 -17.81
C ARG A 29 19.50 -47.66 -18.89
N LEU A 30 20.30 -47.35 -19.92
CA LEU A 30 20.79 -48.37 -20.84
C LEU A 30 22.31 -48.32 -20.90
N GLN A 31 22.87 -47.11 -20.79
CA GLN A 31 24.30 -46.92 -20.78
C GLN A 31 24.90 -47.48 -19.49
N PRO A 32 26.15 -47.96 -19.55
CA PRO A 32 26.88 -48.29 -18.32
C PRO A 32 26.89 -47.12 -17.34
N PHE A 33 26.66 -47.43 -16.07
CA PHE A 33 26.68 -46.52 -14.93
C PHE A 33 25.45 -45.63 -14.87
N ASN A 34 24.65 -45.57 -15.94
CA ASN A 34 23.23 -45.20 -15.96
C ASN A 34 22.87 -44.11 -14.97
N ASP A 35 23.71 -43.08 -14.90
CA ASP A 35 23.46 -41.97 -13.98
C ASP A 35 23.83 -40.64 -14.65
N ARG A 36 23.44 -40.47 -15.91
CA ARG A 36 23.74 -39.22 -16.60
C ARG A 36 23.07 -38.03 -15.91
N VAL A 37 21.75 -37.96 -15.97
CA VAL A 37 21.04 -37.12 -15.01
C VAL A 37 21.31 -37.69 -13.63
N TYR A 38 21.75 -36.84 -12.70
CA TYR A 38 22.22 -37.41 -11.45
C TYR A 38 21.13 -38.19 -10.73
N PHE A 39 19.88 -37.97 -11.10
CA PHE A 39 18.80 -38.86 -10.69
C PHE A 39 18.75 -38.90 -9.17
N SER A 40 18.65 -37.73 -8.55
CA SER A 40 18.83 -37.59 -7.11
C SER A 40 17.73 -38.27 -6.31
N LYS A 41 16.77 -38.93 -6.97
CA LYS A 41 15.62 -39.54 -6.34
C LYS A 41 15.92 -40.22 -5.01
N TRP A 42 17.03 -40.94 -4.93
CA TRP A 42 17.39 -41.55 -3.66
C TRP A 42 18.29 -40.65 -2.83
N TYR A 43 18.81 -39.57 -3.43
CA TYR A 43 19.77 -38.70 -2.78
C TYR A 43 19.23 -37.29 -2.60
N LEU A 44 18.14 -36.97 -3.31
CA LEU A 44 17.44 -35.69 -3.18
C LEU A 44 17.18 -35.37 -1.71
N LYS A 45 16.45 -36.24 -1.03
CA LYS A 45 16.28 -36.13 0.41
C LYS A 45 16.71 -37.41 1.10
N GLY A 46 17.79 -38.02 0.59
CA GLY A 46 18.31 -39.24 1.18
C GLY A 46 17.34 -40.39 1.19
N LEU A 47 16.60 -40.60 0.08
CA LEU A 47 15.52 -41.57 0.10
C LEU A 47 16.04 -42.99 0.31
N ARG A 48 17.31 -43.25 0.03
CA ARG A 48 17.96 -44.45 0.53
C ARG A 48 19.42 -44.18 0.89
N SER A 49 19.81 -42.90 0.94
CA SER A 49 21.18 -42.55 1.30
C SER A 49 21.44 -42.88 2.77
N SER A 50 22.64 -43.37 3.04
CA SER A 50 23.08 -43.72 4.40
C SER A 50 22.12 -44.69 5.06
N VAL A 62 28.49 -58.54 -19.91
CA VAL A 62 28.38 -57.53 -18.86
C VAL A 62 27.51 -56.37 -19.33
N ASN A 63 26.25 -56.37 -18.87
CA ASN A 63 25.29 -55.32 -19.20
C ASN A 63 25.03 -55.27 -20.71
N LEU A 64 24.83 -56.45 -21.30
CA LEU A 64 24.57 -56.57 -22.73
C LEU A 64 23.12 -56.87 -23.06
N ASP A 65 22.45 -57.70 -22.27
CA ASP A 65 21.07 -58.07 -22.51
C ASP A 65 20.15 -57.30 -21.56
N PHE A 66 18.86 -57.65 -21.59
CA PHE A 66 17.85 -57.09 -20.69
C PHE A 66 17.72 -55.57 -20.87
N ARG A 67 17.48 -55.18 -22.12
CA ARG A 67 17.15 -53.78 -22.40
C ARG A 67 15.69 -53.48 -22.09
N SER A 68 14.81 -54.44 -22.39
CA SER A 68 13.39 -54.41 -22.00
C SER A 68 12.60 -53.31 -22.68
N TYR A 69 13.27 -52.46 -23.46
CA TYR A 69 12.62 -51.45 -24.30
C TYR A 69 11.65 -50.59 -23.49
N MET A 70 12.22 -49.79 -22.59
CA MET A 70 11.42 -48.89 -21.77
C MET A 70 10.53 -48.00 -22.63
N LYS A 71 11.07 -47.49 -23.74
CA LYS A 71 10.33 -46.64 -24.68
C LYS A 71 9.71 -45.43 -23.98
N PHE A 72 10.45 -44.86 -23.02
CA PHE A 72 10.06 -43.68 -22.23
C PHE A 72 8.64 -43.80 -21.68
N LEU A 73 8.10 -45.02 -21.63
CA LEU A 73 6.84 -45.28 -20.97
C LEU A 73 7.01 -45.50 -19.48
N ASN A 74 8.25 -45.66 -19.02
CA ASN A 74 8.51 -45.90 -17.61
C ASN A 74 8.60 -44.61 -16.80
N TRP A 75 8.66 -43.44 -17.45
CA TRP A 75 8.59 -42.17 -16.74
C TRP A 75 7.38 -41.32 -17.14
N MET A 76 6.88 -41.50 -18.36
CA MET A 76 5.88 -40.58 -18.89
C MET A 76 4.62 -40.48 -18.04
N PRO A 77 3.98 -41.59 -17.63
CA PRO A 77 2.69 -41.43 -16.94
C PRO A 77 2.77 -41.20 -15.44
N GLU A 78 3.80 -41.73 -14.76
CA GLU A 78 3.75 -41.70 -13.30
C GLU A 78 4.18 -40.35 -12.75
N ALA A 79 4.82 -39.52 -13.58
CA ALA A 79 4.97 -38.13 -13.22
C ALA A 79 3.62 -37.48 -12.98
N LEU A 80 2.57 -37.99 -13.61
CA LEU A 80 1.21 -37.67 -13.24
C LEU A 80 0.65 -38.63 -12.20
N LYS A 81 1.13 -39.86 -12.17
CA LYS A 81 0.63 -40.88 -11.22
C LYS A 81 1.44 -40.80 -9.92
N MET A 82 1.07 -39.82 -9.11
CA MET A 82 1.57 -39.66 -7.76
C MET A 82 0.54 -38.85 -6.98
N PRO A 83 0.18 -39.27 -5.78
CA PRO A 83 -0.68 -38.43 -4.93
C PRO A 83 0.02 -37.11 -4.65
N GLU A 84 -0.76 -36.06 -4.47
CA GLU A 84 -0.19 -34.73 -4.37
C GLU A 84 0.39 -34.44 -2.98
N PRO A 85 -0.26 -34.79 -1.87
CA PRO A 85 0.45 -34.75 -0.57
C PRO A 85 1.75 -35.53 -0.60
N GLU A 86 1.78 -36.66 -1.29
CA GLU A 86 3.03 -37.40 -1.43
C GLU A 86 4.08 -36.54 -2.10
N LEU A 87 3.71 -35.80 -3.15
CA LEU A 87 4.65 -34.89 -3.79
C LEU A 87 5.10 -33.79 -2.84
N ILE A 88 4.17 -33.26 -2.03
CA ILE A 88 4.53 -32.20 -1.08
C ILE A 88 5.61 -32.70 -0.12
N ASP A 89 5.38 -33.86 0.48
CA ASP A 89 6.40 -34.42 1.36
C ASP A 89 7.66 -34.80 0.58
N HIS A 90 7.51 -35.10 -0.72
CA HIS A 90 8.64 -35.51 -1.52
C HIS A 90 9.59 -34.36 -1.80
N ALA A 91 9.06 -33.17 -2.08
CA ALA A 91 9.89 -32.03 -2.44
C ALA A 91 9.65 -30.81 -1.57
N GLY A 92 8.42 -30.56 -1.15
CA GLY A 92 8.11 -29.38 -0.38
C GLY A 92 6.98 -28.59 -1.00
N LEU A 93 6.35 -27.73 -0.21
CA LEU A 93 5.23 -26.97 -0.71
C LEU A 93 5.65 -25.96 -1.77
N ASP A 94 6.86 -25.41 -1.64
CA ASP A 94 7.36 -24.47 -2.62
C ASP A 94 7.31 -25.06 -4.03
N SER A 95 7.84 -26.26 -4.19
CA SER A 95 7.96 -26.84 -5.52
C SER A 95 6.61 -27.34 -6.04
N VAL A 96 5.77 -27.84 -5.15
CA VAL A 96 4.43 -28.25 -5.58
C VAL A 96 3.65 -27.04 -6.09
N VAL A 97 3.73 -25.91 -5.39
CA VAL A 97 3.08 -24.70 -5.88
C VAL A 97 3.75 -24.21 -7.16
N TYR A 98 5.07 -24.32 -7.24
CA TYR A 98 5.77 -23.88 -8.44
C TYR A 98 5.51 -24.79 -9.63
N LEU A 99 4.89 -25.95 -9.43
CA LEU A 99 4.31 -26.69 -10.53
C LEU A 99 2.84 -26.35 -10.74
N ARG A 100 2.14 -26.07 -9.64
CA ARG A 100 0.76 -25.63 -9.75
C ARG A 100 0.66 -24.33 -10.52
N ILE A 101 1.75 -23.60 -10.68
CA ILE A 101 1.71 -22.42 -11.55
C ILE A 101 1.54 -22.83 -13.01
N TYR A 102 2.27 -23.86 -13.45
CA TYR A 102 2.06 -24.36 -14.80
C TYR A 102 0.69 -25.00 -14.96
N TRP A 103 0.24 -25.72 -13.93
CA TRP A 103 -1.11 -26.28 -13.98
C TRP A 103 -2.15 -25.17 -14.09
N LEU A 104 -1.96 -24.09 -13.33
CA LEU A 104 -2.82 -22.94 -13.46
C LEU A 104 -2.84 -22.44 -14.89
N GLY A 105 -1.67 -22.20 -15.46
CA GLY A 105 -1.60 -21.70 -16.83
C GLY A 105 -2.36 -22.57 -17.81
N LEU A 106 -2.25 -23.89 -17.65
CA LEU A 106 -3.06 -24.80 -18.44
C LEU A 106 -4.55 -24.55 -18.21
N LYS A 107 -4.94 -24.31 -16.96
CA LYS A 107 -6.36 -24.09 -16.66
C LYS A 107 -6.87 -22.78 -17.26
N ILE A 108 -6.01 -21.75 -17.33
CA ILE A 108 -6.42 -20.54 -18.03
C ILE A 108 -6.62 -20.82 -19.50
N PHE A 109 -5.64 -21.47 -20.14
CA PHE A 109 -5.59 -21.42 -21.59
C PHE A 109 -6.15 -22.64 -22.30
N THR A 110 -6.69 -23.63 -21.59
CA THR A 110 -7.41 -24.61 -22.39
C THR A 110 -8.85 -24.17 -22.70
N PRO A 111 -9.64 -23.65 -21.75
CA PRO A 111 -11.00 -23.25 -22.13
C PRO A 111 -11.00 -22.03 -23.02
N ILE A 112 -10.11 -21.07 -22.73
CA ILE A 112 -9.97 -19.92 -23.62
C ILE A 112 -9.61 -20.38 -25.02
N ALA A 113 -8.71 -21.35 -25.14
CA ALA A 113 -8.34 -21.81 -26.47
C ALA A 113 -9.51 -22.41 -27.21
N VAL A 114 -10.22 -23.35 -26.58
CA VAL A 114 -11.29 -24.03 -27.29
C VAL A 114 -12.41 -23.05 -27.64
N LEU A 115 -12.79 -22.19 -26.70
CA LEU A 115 -13.89 -21.27 -26.95
C LEU A 115 -13.50 -20.20 -27.96
N ALA A 116 -12.27 -19.69 -27.86
CA ALA A 116 -11.80 -18.68 -28.79
C ALA A 116 -11.80 -19.21 -30.20
N TRP A 117 -11.23 -20.41 -30.41
CA TRP A 117 -11.30 -21.00 -31.73
C TRP A 117 -12.74 -21.13 -32.19
N ALA A 118 -13.54 -21.92 -31.46
CA ALA A 118 -14.88 -22.27 -31.88
C ALA A 118 -15.81 -21.07 -32.09
N VAL A 119 -15.53 -19.91 -31.49
CA VAL A 119 -16.41 -18.77 -31.69
C VAL A 119 -15.79 -17.74 -32.63
N LEU A 120 -14.57 -17.29 -32.32
CA LEU A 120 -13.92 -16.30 -33.17
C LEU A 120 -13.69 -16.82 -34.58
N VAL A 121 -12.94 -17.92 -34.71
CA VAL A 121 -12.44 -18.30 -36.04
C VAL A 121 -13.55 -18.41 -37.06
N PRO A 122 -14.73 -19.00 -36.76
CA PRO A 122 -15.86 -18.85 -37.69
C PRO A 122 -16.23 -17.40 -37.93
N VAL A 123 -16.56 -16.67 -36.85
CA VAL A 123 -16.96 -15.27 -36.99
C VAL A 123 -15.84 -14.45 -37.60
N ASN A 124 -14.59 -14.76 -37.23
CA ASN A 124 -13.45 -14.01 -37.70
C ASN A 124 -13.24 -14.21 -39.20
N TRP A 125 -13.25 -15.46 -39.65
CA TRP A 125 -12.92 -15.79 -41.04
C TRP A 125 -14.19 -15.98 -41.87
N THR A 126 -14.95 -14.90 -42.02
CA THR A 126 -16.17 -14.96 -42.82
C THR A 126 -16.36 -13.66 -43.62
N ASN A 127 -15.40 -12.73 -43.54
CA ASN A 127 -15.62 -11.38 -44.05
C ASN A 127 -15.88 -11.38 -45.56
N ASN A 128 -15.25 -12.29 -46.30
CA ASN A 128 -15.43 -12.31 -47.75
C ASN A 128 -16.86 -12.63 -48.13
N THR A 129 -17.42 -13.69 -47.55
CA THR A 129 -18.81 -14.09 -47.78
C THR A 129 -19.15 -15.18 -46.77
N LEU A 130 -20.42 -15.58 -46.77
CA LEU A 130 -20.91 -16.60 -45.84
C LEU A 130 -21.77 -17.60 -46.59
N GLU A 131 -21.81 -18.82 -46.06
CA GLU A 131 -22.64 -19.91 -46.58
C GLU A 131 -22.33 -20.19 -48.06
N MET A 132 -21.10 -20.64 -48.28
CA MET A 132 -20.57 -20.85 -49.62
C MET A 132 -20.26 -22.34 -49.79
N ALA A 133 -19.76 -22.70 -50.96
CA ALA A 133 -19.35 -24.08 -51.24
C ALA A 133 -17.84 -24.28 -51.16
N LYS A 134 -17.08 -23.26 -50.78
CA LYS A 134 -15.63 -23.39 -50.72
C LYS A 134 -15.15 -24.20 -49.53
N GLN A 135 -16.06 -24.58 -48.62
CA GLN A 135 -15.65 -25.32 -47.43
C GLN A 135 -14.98 -26.64 -47.80
N LEU A 136 -15.53 -27.34 -48.79
CA LEU A 136 -14.95 -28.60 -49.24
C LEU A 136 -13.71 -28.40 -50.11
N ARG A 137 -13.43 -27.19 -50.55
CA ARG A 137 -12.29 -26.92 -51.41
C ARG A 137 -11.02 -26.74 -50.59
N ASN A 138 -9.88 -26.86 -51.27
CA ASN A 138 -8.58 -26.72 -50.62
C ASN A 138 -8.35 -25.31 -50.09
N VAL A 139 -9.09 -24.32 -50.59
CA VAL A 139 -8.97 -22.95 -50.09
C VAL A 139 -9.39 -22.82 -48.64
N THR A 140 -10.00 -23.86 -48.06
CA THR A 140 -10.41 -23.81 -46.66
C THR A 140 -9.21 -23.69 -45.74
N SER A 141 -8.15 -24.43 -46.01
CA SER A 141 -7.00 -24.50 -45.12
C SER A 141 -5.69 -24.41 -45.91
N SER A 142 -5.63 -23.50 -46.88
CA SER A 142 -4.41 -23.31 -47.66
C SER A 142 -4.07 -21.85 -47.89
N ASP A 143 -4.80 -20.92 -47.31
CA ASP A 143 -4.56 -19.50 -47.52
C ASP A 143 -3.62 -18.97 -46.44
N ILE A 144 -3.46 -17.65 -46.40
CA ILE A 144 -2.62 -17.02 -45.39
C ILE A 144 -3.25 -17.21 -44.01
N ASP A 145 -2.42 -17.25 -42.98
CA ASP A 145 -2.92 -17.46 -41.63
C ASP A 145 -3.40 -16.13 -41.04
N LYS A 146 -4.26 -15.44 -41.77
CA LYS A 146 -4.85 -14.18 -41.31
C LYS A 146 -6.33 -14.35 -41.01
N LEU A 147 -6.68 -15.48 -40.42
CA LEU A 147 -7.99 -15.59 -39.80
C LEU A 147 -7.91 -15.01 -38.40
N SER A 148 -7.33 -13.82 -38.31
CA SER A 148 -7.13 -13.07 -37.07
C SER A 148 -7.95 -11.79 -37.15
N VAL A 149 -7.92 -11.01 -36.06
CA VAL A 149 -8.66 -9.77 -36.00
C VAL A 149 -8.29 -8.83 -37.15
N SER A 150 -7.12 -9.01 -37.74
CA SER A 150 -6.72 -8.20 -38.88
C SER A 150 -7.56 -8.47 -40.12
N ASN A 151 -8.31 -9.58 -40.14
CA ASN A 151 -9.11 -9.91 -41.31
C ASN A 151 -10.36 -9.05 -41.39
N ILE A 152 -10.91 -8.66 -40.26
CA ILE A 152 -12.21 -7.98 -40.23
C ILE A 152 -12.08 -6.57 -40.79
N PRO A 153 -12.94 -6.14 -41.72
CA PRO A 153 -12.95 -4.73 -42.13
C PRO A 153 -13.12 -3.77 -40.98
N GLU A 154 -12.94 -2.47 -41.25
CA GLU A 154 -12.79 -1.49 -40.18
C GLU A 154 -14.04 -1.41 -39.30
N TYR A 155 -15.16 -0.97 -39.87
CA TYR A 155 -16.30 -0.59 -39.07
C TYR A 155 -17.30 -1.72 -38.85
N SER A 156 -16.97 -2.94 -39.25
CA SER A 156 -17.93 -4.04 -39.14
C SER A 156 -18.24 -4.36 -37.70
N MET A 157 -19.50 -4.69 -37.43
CA MET A 157 -19.94 -4.99 -36.06
C MET A 157 -19.39 -6.30 -35.54
N ARG A 158 -18.76 -7.11 -36.39
CA ARG A 158 -18.17 -8.36 -35.91
C ARG A 158 -17.18 -8.14 -34.78
N PHE A 159 -16.56 -6.95 -34.74
CA PHE A 159 -15.62 -6.64 -33.68
C PHE A 159 -16.25 -6.80 -32.30
N TRP A 160 -17.57 -6.57 -32.20
CA TRP A 160 -18.25 -6.76 -30.92
C TRP A 160 -17.96 -8.14 -30.34
N THR A 161 -17.97 -9.17 -31.19
CA THR A 161 -17.65 -10.51 -30.71
C THR A 161 -16.34 -10.51 -29.97
N HIS A 162 -15.29 -9.96 -30.58
CA HIS A 162 -13.99 -9.91 -29.94
C HIS A 162 -14.11 -9.29 -28.56
N ILE A 163 -14.82 -8.16 -28.46
CA ILE A 163 -14.99 -7.50 -27.18
C ILE A 163 -15.50 -8.48 -26.14
N VAL A 164 -16.62 -9.14 -26.43
CA VAL A 164 -17.22 -9.98 -25.40
C VAL A 164 -16.26 -11.09 -25.04
N MET A 165 -15.53 -11.61 -26.02
CA MET A 165 -14.56 -12.67 -25.74
C MET A 165 -13.59 -12.23 -24.66
N ALA A 166 -13.04 -11.02 -24.81
CA ALA A 166 -12.13 -10.50 -23.80
C ALA A 166 -12.79 -10.56 -22.44
N TYR A 167 -14.01 -10.02 -22.33
CA TYR A 167 -14.74 -10.09 -21.08
C TYR A 167 -14.76 -11.51 -20.56
N ALA A 168 -15.28 -12.43 -21.39
CA ALA A 168 -15.37 -13.82 -20.96
C ALA A 168 -14.01 -14.30 -20.48
N PHE A 169 -12.98 -14.11 -21.30
CA PHE A 169 -11.66 -14.59 -20.94
C PHE A 169 -11.25 -14.01 -19.59
N THR A 170 -11.38 -12.69 -19.44
CA THR A 170 -11.03 -12.06 -18.18
C THR A 170 -11.77 -12.75 -17.05
N ILE A 171 -13.10 -12.85 -17.18
CA ILE A 171 -13.88 -13.45 -16.11
C ILE A 171 -13.37 -14.85 -15.83
N TRP A 172 -13.19 -15.65 -16.88
CA TRP A 172 -12.73 -17.01 -16.68
C TRP A 172 -11.38 -17.01 -15.99
N THR A 173 -10.46 -16.16 -16.46
CA THR A 173 -9.16 -16.09 -15.81
C THR A 173 -9.34 -15.74 -14.35
N CYS A 174 -10.14 -14.71 -14.07
CA CYS A 174 -10.36 -14.33 -12.69
C CYS A 174 -10.83 -15.54 -11.89
N TYR A 175 -11.78 -16.30 -12.45
CA TYR A 175 -12.28 -17.47 -11.75
C TYR A 175 -11.13 -18.36 -11.29
N VAL A 176 -10.31 -18.82 -12.24
CA VAL A 176 -9.26 -19.74 -11.82
C VAL A 176 -8.33 -19.03 -10.85
N LEU A 177 -8.01 -17.76 -11.13
CA LEU A 177 -7.09 -17.03 -10.27
C LEU A 177 -7.64 -16.91 -8.86
N MET A 178 -8.96 -16.88 -8.69
CA MET A 178 -9.50 -16.96 -7.34
C MET A 178 -9.40 -18.37 -6.80
N LYS A 179 -9.94 -19.34 -7.56
CA LYS A 179 -9.99 -20.72 -7.07
C LYS A 179 -8.60 -21.23 -6.74
N GLU A 180 -7.72 -21.27 -7.74
CA GLU A 180 -6.29 -21.49 -7.53
C GLU A 180 -5.80 -20.86 -6.26
N TYR A 181 -6.02 -19.55 -6.12
CA TYR A 181 -5.47 -18.84 -4.98
C TYR A 181 -5.90 -19.51 -3.69
N GLU A 182 -7.22 -19.70 -3.55
CA GLU A 182 -7.76 -20.37 -2.36
C GLU A 182 -7.08 -21.69 -2.12
N THR A 183 -6.97 -22.51 -3.18
CA THR A 183 -6.36 -23.83 -3.04
C THR A 183 -4.99 -23.71 -2.39
N ILE A 184 -4.13 -22.86 -2.93
CA ILE A 184 -2.77 -22.79 -2.41
C ILE A 184 -2.81 -22.29 -0.98
N ALA A 185 -3.70 -21.35 -0.69
CA ALA A 185 -3.83 -20.88 0.69
C ALA A 185 -4.06 -22.07 1.61
N ASN A 186 -5.05 -22.90 1.28
CA ASN A 186 -5.34 -24.04 2.14
C ASN A 186 -4.09 -24.89 2.30
N MET A 187 -3.38 -25.12 1.21
CA MET A 187 -2.21 -25.99 1.27
C MET A 187 -1.19 -25.44 2.25
N ARG A 188 -0.92 -24.13 2.17
CA ARG A 188 0.04 -23.55 3.10
C ARG A 188 -0.43 -23.77 4.54
N LEU A 189 -1.72 -23.55 4.79
CA LEU A 189 -2.23 -23.79 6.13
C LEU A 189 -2.10 -25.26 6.47
N GLN A 190 -2.49 -26.15 5.54
CA GLN A 190 -2.34 -27.57 5.82
C GLN A 190 -0.87 -27.94 6.00
N PHE A 191 0.04 -27.13 5.45
CA PHE A 191 1.45 -27.35 5.70
C PHE A 191 1.82 -26.93 7.12
N VAL A 192 1.37 -25.76 7.56
CA VAL A 192 1.85 -25.26 8.84
C VAL A 192 1.25 -26.05 9.99
N ALA A 193 -0.04 -26.38 9.91
CA ALA A 193 -0.68 -27.10 11.00
C ALA A 193 -0.15 -28.52 11.13
N SER A 194 0.04 -29.20 10.01
CA SER A 194 0.49 -30.60 10.01
C SER A 194 1.96 -30.61 9.61
N GLU A 195 2.84 -30.51 10.60
CA GLU A 195 4.28 -30.62 10.36
C GLU A 195 4.95 -31.03 11.66
N ALA A 196 6.22 -31.40 11.55
CA ALA A 196 6.97 -31.98 12.67
C ALA A 196 8.06 -31.03 13.11
N ARG A 197 7.77 -30.24 14.15
CA ARG A 197 8.78 -29.58 14.97
C ARG A 197 9.68 -28.65 14.13
N ARG A 198 9.06 -27.58 13.66
CA ARG A 198 9.82 -26.49 13.07
C ARG A 198 10.15 -25.46 14.13
N PRO A 199 11.43 -25.18 14.40
CA PRO A 199 11.76 -24.16 15.40
C PRO A 199 11.23 -22.79 15.05
N ASP A 200 11.12 -22.47 13.75
CA ASP A 200 10.69 -21.14 13.35
C ASP A 200 9.28 -20.80 13.81
N GLN A 201 8.48 -21.81 14.15
CA GLN A 201 7.14 -21.53 14.62
C GLN A 201 7.15 -20.99 16.04
N PHE A 202 8.26 -21.10 16.75
CA PHE A 202 8.36 -20.62 18.12
C PHE A 202 9.27 -19.40 18.26
N THR A 203 9.67 -18.79 17.16
CA THR A 203 10.73 -17.78 17.19
C THR A 203 10.32 -16.54 16.40
N VAL A 204 10.74 -15.39 16.90
CA VAL A 204 10.46 -14.10 16.29
C VAL A 204 11.76 -13.33 16.17
N LEU A 205 12.02 -12.77 15.00
CA LEU A 205 13.21 -11.97 14.77
C LEU A 205 12.95 -10.56 15.29
N VAL A 206 13.79 -10.13 16.24
CA VAL A 206 13.76 -8.79 16.81
C VAL A 206 14.94 -8.03 16.27
N ARG A 207 14.69 -6.84 15.72
CA ARG A 207 15.68 -6.07 15.01
C ARG A 207 15.62 -4.62 15.44
N ASN A 208 16.77 -3.95 15.34
CA ASN A 208 16.89 -2.52 15.68
C ASN A 208 16.52 -2.25 17.13
N VAL A 209 17.15 -2.97 18.05
CA VAL A 209 16.99 -2.63 19.46
C VAL A 209 17.83 -1.38 19.69
N PRO A 210 17.45 -0.50 20.60
CA PRO A 210 18.17 0.75 20.75
C PRO A 210 19.40 0.55 21.61
N PRO A 211 20.44 1.33 21.39
CA PRO A 211 21.61 1.25 22.27
C PRO A 211 21.28 1.77 23.65
N ASP A 212 21.97 1.22 24.65
CA ASP A 212 21.84 1.66 26.02
C ASP A 212 23.22 2.04 26.52
N ALA A 213 23.25 2.82 27.62
CA ALA A 213 24.50 3.35 28.10
C ALA A 213 25.47 2.24 28.50
N ASP A 214 25.16 1.52 29.57
CA ASP A 214 25.95 0.38 30.03
C ASP A 214 25.01 -0.79 30.28
N GLU A 215 24.69 -1.53 29.22
CA GLU A 215 23.92 -2.76 29.31
C GLU A 215 24.14 -3.56 28.04
N SER A 216 24.50 -4.83 28.21
CA SER A 216 24.66 -5.71 27.07
C SER A 216 23.34 -5.87 26.34
N VAL A 217 23.43 -6.16 25.04
CA VAL A 217 22.23 -6.29 24.22
C VAL A 217 21.34 -7.42 24.74
N SER A 218 21.96 -8.53 25.13
CA SER A 218 21.19 -9.64 25.69
C SER A 218 20.46 -9.21 26.95
N GLU A 219 21.08 -8.36 27.77
CA GLU A 219 20.40 -7.85 28.95
C GLU A 219 19.18 -7.02 28.57
N LEU A 220 19.33 -6.17 27.55
CA LEU A 220 18.20 -5.38 27.07
C LEU A 220 17.05 -6.27 26.63
N VAL A 221 17.36 -7.28 25.81
CA VAL A 221 16.30 -8.14 25.28
C VAL A 221 15.65 -8.95 26.40
N GLU A 222 16.45 -9.47 27.33
CA GLU A 222 15.91 -10.21 28.46
C GLU A 222 14.94 -9.34 29.24
N HIS A 223 15.37 -8.13 29.62
CA HIS A 223 14.50 -7.28 30.43
C HIS A 223 13.25 -6.90 29.65
N PHE A 224 13.40 -6.55 28.38
CA PHE A 224 12.28 -6.06 27.60
C PHE A 224 11.23 -7.15 27.43
N PHE A 225 11.65 -8.36 27.06
CA PHE A 225 10.70 -9.43 26.80
C PHE A 225 10.30 -10.20 28.06
N LEU A 226 10.93 -9.91 29.20
CA LEU A 226 10.42 -10.42 30.46
C LEU A 226 9.36 -9.49 31.04
N VAL A 227 9.54 -8.18 30.86
CA VAL A 227 8.54 -7.23 31.34
C VAL A 227 7.30 -7.25 30.46
N ASN A 228 7.49 -7.27 29.14
CA ASN A 228 6.38 -7.06 28.21
C ASN A 228 5.79 -8.35 27.65
N HIS A 229 6.51 -9.47 27.70
CA HIS A 229 5.98 -10.75 27.24
C HIS A 229 6.20 -11.81 28.31
N PRO A 230 5.54 -11.68 29.46
CA PRO A 230 5.66 -12.70 30.49
C PRO A 230 4.78 -13.89 30.14
N ASP A 231 4.77 -14.87 31.03
CA ASP A 231 4.07 -16.14 30.84
C ASP A 231 4.59 -16.91 29.62
N HIS A 232 5.61 -16.37 28.97
CA HIS A 232 6.15 -16.85 27.71
C HIS A 232 7.63 -16.46 27.69
N TYR A 233 8.22 -16.35 26.50
CA TYR A 233 9.63 -15.99 26.36
C TYR A 233 10.51 -17.07 26.99
N LEU A 234 10.50 -18.23 26.33
CA LEU A 234 11.37 -19.32 26.72
C LEU A 234 12.84 -18.88 26.76
N THR A 235 13.32 -18.27 25.69
CA THR A 235 14.72 -17.89 25.60
C THR A 235 14.90 -16.95 24.42
N HIS A 236 16.16 -16.57 24.18
CA HIS A 236 16.51 -15.65 23.11
C HIS A 236 17.97 -15.87 22.74
N GLN A 237 18.27 -15.65 21.46
CA GLN A 237 19.64 -15.76 20.95
C GLN A 237 20.01 -14.44 20.30
N VAL A 238 21.11 -13.85 20.74
CA VAL A 238 21.57 -12.59 20.19
C VAL A 238 22.58 -12.89 19.10
N VAL A 239 22.66 -12.01 18.10
CA VAL A 239 23.47 -12.24 16.93
C VAL A 239 24.76 -11.44 17.01
N CYS A 240 25.73 -11.84 16.20
CA CYS A 240 27.09 -11.32 16.29
C CYS A 240 27.78 -11.48 14.95
N ASN A 241 28.83 -10.68 14.76
CA ASN A 241 29.67 -10.78 13.55
C ASN A 241 30.80 -11.74 13.84
N ALA A 242 30.65 -12.98 13.40
CA ALA A 242 31.68 -14.01 13.57
C ALA A 242 32.29 -14.29 12.21
N ASN A 243 33.29 -13.50 11.84
CA ASN A 243 34.01 -13.69 10.59
C ASN A 243 35.20 -14.62 10.76
N LYS A 244 36.02 -14.39 11.81
CA LYS A 244 37.16 -15.26 12.06
C LYS A 244 36.71 -16.70 12.27
N LEU A 245 35.68 -16.89 13.10
CA LEU A 245 35.12 -18.22 13.30
C LEU A 245 34.68 -18.83 11.98
N ALA A 246 34.15 -18.02 11.06
CA ALA A 246 33.65 -18.54 9.79
C ALA A 246 34.78 -19.10 8.94
N ASP A 247 35.85 -18.32 8.74
CA ASP A 247 36.96 -18.83 7.94
C ASP A 247 37.62 -20.03 8.62
N LEU A 248 37.74 -20.01 9.95
CA LEU A 248 38.34 -21.13 10.65
C LEU A 248 37.51 -22.40 10.47
N VAL A 249 36.18 -22.29 10.56
CA VAL A 249 35.38 -23.50 10.39
C VAL A 249 35.39 -23.96 8.94
N LYS A 250 35.50 -23.03 7.99
CA LYS A 250 35.66 -23.44 6.59
C LYS A 250 36.95 -24.22 6.40
N LYS A 251 38.04 -23.75 6.99
CA LYS A 251 39.30 -24.48 6.94
C LYS A 251 39.15 -25.85 7.61
N LYS A 252 38.42 -25.90 8.71
CA LYS A 252 38.15 -27.18 9.36
C LYS A 252 37.41 -28.13 8.44
N LYS A 253 36.43 -27.61 7.68
CA LYS A 253 35.68 -28.47 6.76
C LYS A 253 36.57 -28.99 5.65
N LYS A 254 37.44 -28.12 5.11
CA LYS A 254 38.38 -28.58 4.09
C LYS A 254 39.31 -29.66 4.64
N LEU A 255 39.81 -29.45 5.87
CA LEU A 255 40.68 -30.44 6.48
C LEU A 255 39.95 -31.75 6.72
N GLN A 256 38.68 -31.66 7.11
CA GLN A 256 37.87 -32.87 7.31
C GLN A 256 37.71 -33.63 6.01
N ASN A 257 37.44 -32.91 4.91
CA ASN A 257 37.37 -33.57 3.60
C ASN A 257 38.68 -34.25 3.26
N TRP A 258 39.80 -33.56 3.49
CA TRP A 258 41.10 -34.15 3.18
C TRP A 258 41.34 -35.40 4.00
N LEU A 259 41.00 -35.36 5.28
CA LEU A 259 41.20 -36.53 6.14
C LEU A 259 40.33 -37.69 5.70
N ASP A 260 39.07 -37.40 5.34
CA ASP A 260 38.19 -38.47 4.89
C ASP A 260 38.70 -39.10 3.59
N TYR A 261 39.18 -38.27 2.67
CA TYR A 261 39.75 -38.79 1.42
C TYR A 261 40.99 -39.63 1.70
N TYR A 262 41.85 -39.16 2.60
CA TYR A 262 43.06 -39.90 2.93
C TYR A 262 42.71 -41.25 3.55
N GLN A 263 41.76 -41.26 4.48
CA GLN A 263 41.37 -42.50 5.14
C GLN A 263 40.76 -43.48 4.14
N LEU A 264 39.91 -42.98 3.25
CA LEU A 264 39.29 -43.86 2.25
C LEU A 264 40.35 -44.44 1.32
N LYS A 265 41.29 -43.62 0.88
CA LYS A 265 42.35 -44.12 0.01
C LYS A 265 43.23 -45.14 0.74
N TYR A 266 43.55 -44.88 2.01
CA TYR A 266 44.42 -45.79 2.76
C TYR A 266 43.73 -47.11 3.02
N ALA A 267 42.43 -47.08 3.34
CA ALA A 267 41.68 -48.32 3.47
C ALA A 267 41.61 -49.06 2.15
N ARG A 268 41.38 -48.33 1.05
CA ARG A 268 41.41 -48.95 -0.26
C ARG A 268 42.81 -49.46 -0.60
N ASN A 269 43.84 -48.70 -0.25
CA ASN A 269 45.22 -49.10 -0.52
C ASN A 269 46.12 -48.42 0.50
N ASN A 270 46.69 -49.20 1.41
CA ASN A 270 47.61 -48.64 2.40
C ASN A 270 48.87 -48.11 1.74
N SER A 271 49.34 -48.79 0.69
CA SER A 271 50.55 -48.40 -0.04
C SER A 271 51.75 -48.27 0.89
N GLN A 272 51.87 -49.24 1.81
CA GLN A 272 52.94 -49.25 2.81
C GLN A 272 52.99 -47.94 3.59
N ARG A 273 51.81 -47.45 3.98
CA ARG A 273 51.67 -46.22 4.77
C ARG A 273 52.30 -45.04 4.03
N ILE A 274 51.72 -44.71 2.87
CA ILE A 274 52.22 -43.61 2.05
C ILE A 274 52.01 -42.30 2.79
N MET A 275 53.10 -41.58 3.03
CA MET A 275 53.08 -40.33 3.79
C MET A 275 53.54 -39.22 2.87
N VAL A 276 52.58 -38.56 2.22
CA VAL A 276 52.86 -37.46 1.29
C VAL A 276 52.03 -36.25 1.72
N LYS A 277 52.70 -35.12 1.95
CA LYS A 277 52.01 -33.91 2.36
C LYS A 277 52.91 -32.71 2.05
N LEU A 278 52.29 -31.65 1.55
CA LEU A 278 52.98 -30.40 1.22
C LEU A 278 54.17 -30.65 0.29
N GLY A 279 53.98 -31.57 -0.66
CA GLY A 279 55.04 -31.88 -1.61
C GLY A 279 55.25 -30.81 -2.65
N PHE A 280 54.25 -29.96 -2.89
CA PHE A 280 54.40 -28.89 -3.88
C PHE A 280 55.47 -27.89 -3.46
N LEU A 281 55.49 -27.53 -2.18
CA LEU A 281 56.44 -26.54 -1.69
C LEU A 281 57.84 -27.11 -1.48
N GLY A 282 57.99 -28.44 -1.45
CA GLY A 282 59.29 -29.04 -1.29
C GLY A 282 59.71 -29.20 0.16
N LEU A 283 60.56 -28.28 0.64
CA LEU A 283 61.05 -28.34 2.01
C LEU A 283 59.94 -28.17 3.03
N TRP A 284 58.90 -27.40 2.70
CA TRP A 284 57.78 -27.23 3.62
C TRP A 284 56.99 -28.52 3.74
N GLY A 285 56.61 -28.84 4.97
CA GLY A 285 55.88 -30.09 5.23
C GLY A 285 56.72 -31.34 5.23
N GLN A 286 57.53 -31.54 4.19
CA GLN A 286 58.47 -32.65 4.09
C GLN A 286 57.76 -34.01 4.06
N LYS A 287 56.43 -34.00 3.94
CA LYS A 287 55.63 -35.22 3.83
C LYS A 287 55.94 -36.19 4.97
N VAL A 288 55.66 -35.74 6.19
CA VAL A 288 56.05 -36.50 7.37
C VAL A 288 55.20 -37.76 7.51
N ASP A 289 53.90 -37.60 7.79
CA ASP A 289 53.03 -38.76 7.96
C ASP A 289 51.76 -38.63 7.15
N ALA A 290 51.30 -37.39 6.94
CA ALA A 290 50.11 -37.04 6.20
C ALA A 290 48.81 -37.54 6.83
N ILE A 291 48.88 -38.15 8.02
CA ILE A 291 47.69 -38.57 8.76
C ILE A 291 47.69 -37.98 10.17
N GLU A 292 48.76 -38.19 10.92
CA GLU A 292 48.89 -37.53 12.22
C GLU A 292 48.95 -36.02 12.05
N HIS A 293 49.51 -35.55 10.92
CA HIS A 293 49.49 -34.12 10.64
C HIS A 293 48.07 -33.59 10.58
N TYR A 294 47.20 -34.29 9.84
CA TYR A 294 45.84 -33.80 9.65
C TYR A 294 45.05 -33.82 10.94
N ILE A 295 45.19 -34.88 11.75
CA ILE A 295 44.52 -34.88 13.04
C ILE A 295 45.11 -33.78 13.92
N ALA A 296 46.39 -33.43 13.71
CA ALA A 296 46.97 -32.31 14.45
C ALA A 296 46.28 -31.00 14.09
N GLU A 297 46.08 -30.73 12.80
CA GLU A 297 45.33 -29.52 12.47
C GLU A 297 43.89 -29.61 12.99
N ILE A 298 43.28 -30.79 12.98
CA ILE A 298 41.92 -30.91 13.50
C ILE A 298 41.89 -30.49 14.97
N ASP A 299 42.82 -31.03 15.77
CA ASP A 299 42.87 -30.69 17.19
C ASP A 299 43.14 -29.20 17.38
N LYS A 300 44.08 -28.65 16.61
CA LYS A 300 44.41 -27.23 16.75
C LYS A 300 43.20 -26.36 16.44
N ILE A 301 42.56 -26.60 15.29
CA ILE A 301 41.39 -25.84 14.88
C ILE A 301 40.32 -25.91 15.95
N SER A 302 40.03 -27.12 16.43
CA SER A 302 39.06 -27.27 17.51
C SER A 302 39.47 -26.42 18.71
N LYS A 303 40.78 -26.32 18.98
CA LYS A 303 41.24 -25.54 20.11
C LYS A 303 40.89 -24.06 19.95
N GLU A 304 41.22 -23.45 18.80
CA GLU A 304 40.93 -22.02 18.75
C GLU A 304 39.43 -21.77 18.57
N ILE A 305 38.68 -22.70 17.97
CA ILE A 305 37.23 -22.53 17.93
C ILE A 305 36.65 -22.54 19.33
N SER A 306 37.11 -23.46 20.18
CA SER A 306 36.65 -23.45 21.56
C SER A 306 37.08 -22.16 22.27
N LYS A 307 38.29 -21.68 22.00
CA LYS A 307 38.81 -20.51 22.72
C LYS A 307 38.10 -19.23 22.31
N GLU A 308 37.84 -19.04 21.02
CA GLU A 308 37.33 -17.78 20.50
C GLU A 308 35.81 -17.78 20.31
N ARG A 309 35.22 -18.94 20.04
CA ARG A 309 33.77 -19.03 19.90
C ARG A 309 33.06 -18.53 21.15
N GLU A 310 33.56 -18.88 22.33
CA GLU A 310 32.97 -18.44 23.58
C GLU A 310 33.36 -17.02 23.97
N GLU A 311 34.34 -16.43 23.30
CA GLU A 311 34.78 -15.09 23.63
C GLU A 311 34.06 -14.01 22.83
N VAL A 312 33.76 -14.29 21.56
CA VAL A 312 33.15 -13.27 20.71
C VAL A 312 31.73 -12.96 21.16
N VAL A 313 31.04 -13.92 21.76
CA VAL A 313 29.64 -13.71 22.13
C VAL A 313 29.52 -12.61 23.19
N ASN A 314 30.38 -12.66 24.20
CA ASN A 314 30.30 -11.72 25.32
C ASN A 314 31.32 -10.60 25.20
N ASP A 315 31.15 -9.76 24.17
CA ASP A 315 31.94 -8.55 24.06
C ASP A 315 31.17 -7.54 23.22
N PRO A 316 31.30 -6.25 23.53
CA PRO A 316 30.60 -5.23 22.74
C PRO A 316 31.32 -4.92 21.45
N LYS A 317 30.80 -3.96 20.70
CA LYS A 317 31.40 -3.46 19.46
C LYS A 317 31.48 -4.58 18.43
N ALA A 318 30.87 -5.72 18.74
CA ALA A 318 30.76 -6.81 17.77
C ALA A 318 29.38 -7.46 17.83
N ILE A 319 28.49 -6.99 18.69
CA ILE A 319 27.14 -7.53 18.80
C ILE A 319 26.21 -6.49 18.19
N MET A 320 25.74 -6.75 16.98
CA MET A 320 24.79 -5.85 16.35
C MET A 320 23.42 -5.98 16.98
N PRO A 321 22.58 -4.94 16.87
CA PRO A 321 21.28 -4.99 17.53
C PRO A 321 20.29 -5.91 16.83
N ALA A 322 20.11 -7.11 17.37
CA ALA A 322 19.13 -8.07 16.86
C ALA A 322 19.16 -9.31 17.75
N ALA A 323 18.08 -10.09 17.67
CA ALA A 323 17.97 -11.34 18.41
C ALA A 323 16.89 -12.19 17.75
N PHE A 324 16.88 -13.46 18.10
CA PHE A 324 15.84 -14.39 17.65
C PHE A 324 15.16 -14.93 18.90
N VAL A 325 14.16 -14.21 19.39
CA VAL A 325 13.53 -14.57 20.65
C VAL A 325 12.60 -15.75 20.42
N SER A 326 12.80 -16.81 21.18
CA SER A 326 12.01 -18.04 21.03
C SER A 326 11.09 -18.17 22.23
N PHE A 327 9.82 -18.50 21.97
CA PHE A 327 8.79 -18.50 23.00
C PHE A 327 8.40 -19.92 23.36
N LYS A 328 7.43 -20.01 24.28
CA LYS A 328 6.94 -21.27 24.80
C LYS A 328 5.71 -21.79 24.07
N THR A 329 5.14 -21.00 23.15
CA THR A 329 3.89 -21.34 22.50
C THR A 329 3.85 -20.69 21.13
N ARG A 330 3.27 -21.39 20.16
CA ARG A 330 3.08 -20.80 18.84
C ARG A 330 2.16 -19.60 18.90
N TRP A 331 1.15 -19.65 19.77
CA TRP A 331 0.29 -18.50 19.97
C TRP A 331 1.09 -17.28 20.40
N ALA A 332 1.97 -17.45 21.39
CA ALA A 332 2.77 -16.34 21.87
C ALA A 332 3.70 -15.82 20.78
N ALA A 333 4.31 -16.72 20.02
CA ALA A 333 5.21 -16.29 18.95
C ALA A 333 4.47 -15.48 17.91
N ALA A 334 3.28 -15.93 17.50
CA ALA A 334 2.48 -15.17 16.55
C ALA A 334 2.09 -13.82 17.13
N VAL A 335 1.75 -13.79 18.41
CA VAL A 335 1.39 -12.53 19.07
C VAL A 335 2.54 -11.55 18.98
N CYS A 336 3.75 -11.98 19.35
CA CYS A 336 4.89 -11.08 19.29
C CYS A 336 5.24 -10.70 17.86
N ALA A 337 4.97 -11.58 16.90
CA ALA A 337 5.37 -11.30 15.53
C ALA A 337 4.45 -10.29 14.88
N GLN A 338 3.16 -10.33 15.20
CA GLN A 338 2.20 -9.51 14.48
C GLN A 338 1.91 -8.17 15.14
N THR A 339 2.53 -7.88 16.29
CA THR A 339 2.33 -6.63 17.00
C THR A 339 3.60 -5.81 16.96
N GLN A 340 3.51 -4.54 17.35
CA GLN A 340 4.68 -3.72 17.58
C GLN A 340 4.83 -3.45 19.07
N GLN A 341 6.09 -3.39 19.52
CA GLN A 341 6.41 -3.41 20.94
C GLN A 341 6.51 -2.01 21.54
N THR A 342 7.38 -1.17 20.98
CA THR A 342 7.79 0.07 21.62
C THR A 342 7.15 1.27 20.92
N ARG A 343 7.17 2.42 21.60
CA ARG A 343 6.60 3.65 21.06
C ARG A 343 7.20 4.01 19.71
N ASN A 344 8.45 3.62 19.45
CA ASN A 344 9.11 3.92 18.19
C ASN A 344 8.87 2.75 17.23
N PRO A 345 8.09 2.93 16.18
CA PRO A 345 7.79 1.79 15.30
C PRO A 345 8.99 1.25 14.54
N THR A 346 10.11 1.95 14.55
CA THR A 346 11.34 1.45 13.93
C THR A 346 12.30 0.86 14.95
N GLN A 347 11.91 0.78 16.21
CA GLN A 347 12.71 0.17 17.26
C GLN A 347 12.02 -1.09 17.73
N TRP A 348 12.81 -2.09 18.10
CA TRP A 348 12.28 -3.37 18.57
C TRP A 348 11.33 -3.98 17.54
N LEU A 349 11.71 -3.90 16.26
CA LEU A 349 10.91 -4.56 15.23
C LEU A 349 10.83 -6.05 15.50
N THR A 350 9.65 -6.62 15.32
CA THR A 350 9.43 -8.04 15.49
C THR A 350 8.72 -8.58 14.27
N GLU A 351 9.28 -9.65 13.70
CA GLU A 351 8.62 -10.31 12.57
C GLU A 351 8.77 -11.82 12.73
N TRP A 352 7.90 -12.56 12.05
CA TRP A 352 7.97 -14.01 12.13
C TRP A 352 9.32 -14.47 11.62
N ALA A 353 10.03 -15.20 12.46
CA ALA A 353 11.36 -15.64 12.09
C ALA A 353 11.27 -16.59 10.90
N PRO A 354 12.11 -16.41 9.89
CA PRO A 354 12.12 -17.38 8.79
C PRO A 354 12.66 -18.71 9.27
N GLU A 355 12.75 -19.68 8.38
CA GLU A 355 13.44 -20.92 8.74
C GLU A 355 14.90 -20.59 9.04
N PRO A 356 15.52 -21.24 10.01
CA PRO A 356 16.93 -20.94 10.32
C PRO A 356 17.83 -21.07 9.10
N ARG A 357 17.51 -21.98 8.19
CA ARG A 357 18.22 -22.05 6.92
C ARG A 357 17.98 -20.80 6.07
N ASP A 358 16.77 -20.26 6.13
CA ASP A 358 16.40 -19.11 5.30
C ASP A 358 17.18 -17.86 5.67
N VAL A 359 17.45 -17.65 6.96
CA VAL A 359 17.88 -16.34 7.44
C VAL A 359 19.09 -15.83 6.67
N PHE A 360 19.05 -14.55 6.32
CA PHE A 360 20.17 -13.86 5.67
C PHE A 360 20.92 -13.10 6.75
N TRP A 361 21.91 -13.74 7.35
CA TRP A 361 22.60 -13.17 8.49
C TRP A 361 23.39 -11.91 8.16
N SER A 362 23.42 -11.48 6.91
CA SER A 362 24.25 -10.35 6.52
C SER A 362 23.57 -9.00 6.71
N ASN A 363 22.26 -8.95 6.92
CA ASN A 363 21.52 -7.70 6.90
C ASN A 363 20.59 -7.58 8.09
N LEU A 364 21.09 -7.93 9.27
CA LEU A 364 20.31 -7.84 10.49
C LEU A 364 20.75 -6.66 11.37
N ALA A 365 21.48 -5.71 10.81
CA ALA A 365 22.02 -4.60 11.59
C ALA A 365 21.88 -3.28 10.85
N ILE A 366 20.73 -3.05 10.23
CA ILE A 366 20.51 -1.89 9.39
C ILE A 366 19.45 -1.02 10.04
N PRO A 367 19.76 0.23 10.39
CA PRO A 367 18.73 1.14 10.91
C PRO A 367 17.69 1.43 9.84
N TYR A 368 16.57 2.01 10.28
CA TYR A 368 15.49 2.28 9.34
C TYR A 368 15.89 3.31 8.29
N VAL A 369 16.61 4.36 8.71
CA VAL A 369 17.00 5.40 7.76
C VAL A 369 17.92 4.81 6.70
N SER A 370 18.81 3.91 7.09
CA SER A 370 19.66 3.25 6.11
C SER A 370 18.84 2.44 5.12
N LEU A 371 17.83 1.72 5.62
CA LEU A 371 16.95 0.98 4.72
C LEU A 371 16.31 1.90 3.69
N THR A 372 15.70 3.00 4.14
CA THR A 372 15.00 3.87 3.22
C THR A 372 15.96 4.46 2.19
N VAL A 373 17.14 4.89 2.65
CA VAL A 373 18.13 5.46 1.73
C VAL A 373 18.54 4.43 0.68
N ARG A 374 18.81 3.20 1.12
CA ARG A 374 19.23 2.15 0.18
C ARG A 374 18.12 1.83 -0.81
N ARG A 375 16.88 1.75 -0.34
CA ARG A 375 15.77 1.45 -1.25
C ARG A 375 15.61 2.52 -2.30
N LEU A 376 15.70 3.80 -1.91
CA LEU A 376 15.60 4.85 -2.93
C LEU A 376 16.77 4.79 -3.91
N ILE A 377 17.98 4.60 -3.40
CA ILE A 377 19.15 4.56 -4.27
C ILE A 377 19.01 3.44 -5.29
N MET A 378 18.61 2.26 -4.84
CA MET A 378 18.50 1.14 -5.76
C MET A 378 17.25 1.16 -6.61
N HIS A 379 16.17 1.82 -6.20
CA HIS A 379 15.07 2.03 -7.13
C HIS A 379 15.52 2.91 -8.29
N VAL A 380 16.24 3.99 -7.99
CA VAL A 380 16.76 4.83 -9.07
C VAL A 380 17.75 4.05 -9.92
N ALA A 381 18.62 3.27 -9.29
CA ALA A 381 19.62 2.50 -10.02
C ALA A 381 18.96 1.47 -10.94
N PHE A 382 17.93 0.80 -10.47
CA PHE A 382 17.24 -0.18 -11.30
C PHE A 382 16.53 0.50 -12.46
N PHE A 383 15.94 1.68 -12.22
CA PHE A 383 15.36 2.44 -13.31
C PHE A 383 16.40 2.73 -14.38
N PHE A 384 17.56 3.25 -13.98
CA PHE A 384 18.60 3.57 -14.94
C PHE A 384 19.13 2.33 -15.64
N LEU A 385 19.17 1.20 -14.93
CA LEU A 385 19.59 -0.06 -15.53
C LEU A 385 18.62 -0.47 -16.63
N THR A 386 17.32 -0.51 -16.33
CA THR A 386 16.38 -1.07 -17.28
C THR A 386 16.16 -0.14 -18.47
N PHE A 387 16.17 1.18 -18.25
CA PHE A 387 15.84 2.09 -19.35
C PHE A 387 17.05 2.57 -20.12
N PHE A 388 18.26 2.36 -19.63
CA PHE A 388 19.46 2.61 -20.40
C PHE A 388 20.29 1.35 -20.49
N PHE A 389 19.55 0.26 -20.70
CA PHE A 389 20.08 -1.09 -20.86
C PHE A 389 21.20 -1.17 -21.90
N ILE A 390 21.06 -0.46 -23.02
CA ILE A 390 21.87 -0.77 -24.19
C ILE A 390 23.13 0.08 -24.33
N VAL A 391 23.18 1.27 -23.73
CA VAL A 391 24.26 2.20 -24.04
C VAL A 391 25.63 1.67 -23.67
N PRO A 392 25.89 1.25 -22.42
CA PRO A 392 27.27 0.86 -22.08
C PRO A 392 27.73 -0.39 -22.81
N ILE A 393 26.84 -1.38 -22.98
CA ILE A 393 27.24 -2.58 -23.67
C ILE A 393 27.47 -2.31 -25.15
N ALA A 394 26.68 -1.43 -25.76
CA ALA A 394 26.94 -1.04 -27.14
C ALA A 394 28.30 -0.37 -27.24
N PHE A 395 28.62 0.52 -26.30
CA PHE A 395 29.91 1.19 -26.33
C PHE A 395 31.06 0.19 -26.23
N VAL A 396 30.97 -0.73 -25.27
CA VAL A 396 32.09 -1.66 -25.07
C VAL A 396 32.21 -2.62 -26.25
N GLN A 397 31.09 -3.06 -26.82
CA GLN A 397 31.17 -3.91 -28.00
C GLN A 397 31.81 -3.18 -29.17
N SER A 398 31.43 -1.92 -29.38
CA SER A 398 32.08 -1.13 -30.43
C SER A 398 33.56 -0.96 -30.15
N LEU A 399 33.95 -0.87 -28.88
CA LEU A 399 35.37 -0.79 -28.55
C LEU A 399 36.08 -2.12 -28.81
N ALA A 400 35.40 -3.24 -28.59
CA ALA A 400 35.99 -4.57 -28.76
C ALA A 400 35.85 -4.97 -30.24
N THR A 401 36.85 -4.58 -31.03
CA THR A 401 36.87 -4.86 -32.45
C THR A 401 37.98 -5.84 -32.77
N ILE A 402 37.71 -6.71 -33.75
CA ILE A 402 38.71 -7.70 -34.16
C ILE A 402 39.94 -7.04 -34.77
N GLU A 403 39.74 -5.94 -35.51
CA GLU A 403 40.89 -5.26 -36.09
C GLU A 403 41.67 -4.46 -35.04
N GLY A 404 40.98 -3.97 -34.01
CA GLY A 404 41.65 -3.21 -32.96
C GLY A 404 42.32 -4.05 -31.89
N ILE A 405 42.14 -5.37 -31.94
CA ILE A 405 42.74 -6.27 -30.97
C ILE A 405 44.13 -6.73 -31.39
N VAL A 406 44.63 -6.27 -32.54
CA VAL A 406 45.93 -6.70 -33.02
C VAL A 406 47.01 -6.28 -32.04
N LYS A 407 47.90 -7.21 -31.73
CA LYS A 407 48.98 -6.98 -30.77
C LYS A 407 50.08 -8.00 -31.05
N ALA A 408 51.08 -8.06 -30.16
CA ALA A 408 52.16 -9.02 -30.33
C ALA A 408 51.69 -10.46 -30.19
N ALA A 409 50.81 -10.72 -29.21
CA ALA A 409 50.33 -12.09 -29.01
C ALA A 409 49.57 -12.64 -30.20
N PRO A 410 48.59 -11.92 -30.81
CA PRO A 410 47.82 -12.51 -31.91
C PRO A 410 48.60 -12.68 -33.20
N PHE A 411 49.92 -12.49 -33.16
CA PHE A 411 50.73 -12.70 -34.36
C PHE A 411 50.56 -14.11 -34.91
N LEU A 412 50.61 -15.11 -34.03
CA LEU A 412 50.35 -16.49 -34.42
C LEU A 412 48.86 -16.78 -34.60
N LYS A 413 47.99 -15.86 -34.18
CA LYS A 413 46.54 -16.03 -34.24
C LYS A 413 45.91 -15.11 -35.28
N PHE A 414 46.54 -15.01 -36.44
CA PHE A 414 46.04 -14.17 -37.53
C PHE A 414 44.84 -14.85 -38.18
N ILE A 415 44.38 -14.26 -39.29
CA ILE A 415 43.26 -14.84 -40.04
C ILE A 415 43.66 -16.16 -40.69
N VAL A 416 44.96 -16.45 -40.77
CA VAL A 416 45.42 -17.66 -41.43
C VAL A 416 44.86 -18.90 -40.75
N ASP A 417 44.91 -18.95 -39.42
CA ASP A 417 44.42 -20.09 -38.68
C ASP A 417 43.03 -19.89 -38.09
N ASP A 418 42.51 -18.68 -38.09
CA ASP A 418 41.20 -18.39 -37.52
C ASP A 418 40.12 -18.50 -38.59
N LYS A 419 38.90 -18.10 -38.22
CA LYS A 419 37.76 -17.89 -39.10
C LYS A 419 37.26 -19.17 -39.76
N PHE A 420 37.92 -20.30 -39.53
CA PHE A 420 37.50 -21.54 -40.18
C PHE A 420 36.14 -21.99 -39.65
N MET A 421 36.10 -22.39 -38.38
CA MET A 421 34.86 -22.76 -37.70
C MET A 421 34.53 -21.80 -36.57
N LYS A 422 35.38 -20.81 -36.33
CA LYS A 422 35.24 -19.88 -35.22
C LYS A 422 34.70 -18.52 -35.67
N SER A 423 34.63 -18.28 -36.98
CA SER A 423 34.19 -16.98 -37.47
C SER A 423 32.75 -16.67 -37.05
N VAL A 424 31.96 -17.70 -36.74
CA VAL A 424 30.58 -17.47 -36.30
C VAL A 424 30.58 -16.65 -35.01
N ILE A 425 31.37 -17.07 -34.03
CA ILE A 425 31.40 -16.36 -32.75
C ILE A 425 32.01 -14.97 -32.91
N GLN A 426 33.07 -14.87 -33.72
CA GLN A 426 33.72 -13.58 -33.91
C GLN A 426 32.83 -12.59 -34.68
N GLY A 427 31.88 -13.08 -35.46
CA GLY A 427 30.93 -12.21 -36.13
C GLY A 427 29.69 -11.96 -35.30
N PHE A 428 29.42 -12.84 -34.34
CA PHE A 428 28.26 -12.74 -33.48
C PHE A 428 28.57 -12.03 -32.17
N LEU A 429 29.84 -11.67 -31.95
CA LEU A 429 30.24 -10.93 -30.75
C LEU A 429 29.27 -9.81 -30.34
N PRO A 430 28.67 -9.04 -31.25
CA PRO A 430 27.61 -8.11 -30.80
C PRO A 430 26.50 -8.80 -30.02
N GLY A 431 26.13 -10.01 -30.43
CA GLY A 431 25.21 -10.80 -29.64
C GLY A 431 25.86 -11.39 -28.39
N ILE A 432 27.18 -11.62 -28.44
CA ILE A 432 27.85 -12.21 -27.30
C ILE A 432 27.86 -11.27 -26.11
N ALA A 433 28.13 -9.99 -26.33
CA ALA A 433 28.12 -9.03 -25.22
C ALA A 433 26.72 -8.92 -24.60
N LEU A 434 25.70 -8.86 -25.45
CA LEU A 434 24.33 -8.77 -24.97
C LEU A 434 23.97 -10.01 -24.16
N LYS A 435 24.30 -11.20 -24.68
CA LYS A 435 23.97 -12.44 -23.98
C LYS A 435 24.75 -12.55 -22.67
N LEU A 436 25.98 -12.04 -22.65
CA LEU A 436 26.74 -11.99 -21.40
C LEU A 436 26.01 -11.16 -20.36
N PHE A 437 25.54 -9.97 -20.76
CA PHE A 437 24.88 -9.14 -19.75
C PHE A 437 23.61 -9.81 -19.29
N LEU A 438 22.81 -10.35 -20.21
CA LEU A 438 21.57 -11.00 -19.82
C LEU A 438 21.81 -12.22 -18.94
N ALA A 439 22.96 -12.87 -19.09
CA ALA A 439 23.30 -13.97 -18.19
C ALA A 439 23.65 -13.45 -16.80
N PHE A 440 24.39 -12.35 -16.72
CA PHE A 440 24.68 -11.77 -15.41
C PHE A 440 23.47 -11.10 -14.77
N LEU A 441 22.43 -10.81 -15.54
CA LEU A 441 21.32 -10.00 -15.02
C LEU A 441 20.67 -10.59 -13.77
N PRO A 442 20.38 -11.89 -13.69
CA PRO A 442 19.87 -12.41 -12.41
C PRO A 442 20.79 -12.11 -11.24
N SER A 443 22.11 -12.17 -11.47
CA SER A 443 23.04 -11.87 -10.40
C SER A 443 23.00 -10.40 -10.03
N ILE A 444 22.90 -9.50 -11.01
CA ILE A 444 22.79 -8.08 -10.70
C ILE A 444 21.53 -7.81 -9.89
N LEU A 445 20.42 -8.42 -10.28
CA LEU A 445 19.17 -8.23 -9.55
C LEU A 445 19.28 -8.74 -8.12
N MET A 446 19.93 -9.90 -7.95
CA MET A 446 20.12 -10.41 -6.59
C MET A 446 21.04 -9.52 -5.77
N ILE A 447 22.09 -8.98 -6.38
CA ILE A 447 22.98 -8.07 -5.66
C ILE A 447 22.23 -6.82 -5.22
N MET A 448 21.46 -6.24 -6.14
CA MET A 448 20.69 -5.05 -5.81
C MET A 448 19.63 -5.34 -4.77
N SER A 449 19.15 -6.58 -4.72
CA SER A 449 18.21 -6.96 -3.67
C SER A 449 18.91 -7.09 -2.32
N LYS A 450 20.11 -7.70 -2.31
CA LYS A 450 20.82 -7.86 -1.06
C LYS A 450 21.30 -6.53 -0.50
N PHE A 451 21.62 -5.57 -1.37
CA PHE A 451 22.12 -4.29 -0.87
C PHE A 451 21.10 -3.60 0.01
N GLU A 452 19.84 -3.61 -0.40
CA GLU A 452 18.72 -3.19 0.43
C GLU A 452 18.34 -4.37 1.33
N GLY A 453 18.83 -4.35 2.57
CA GLY A 453 18.77 -5.52 3.43
C GLY A 453 17.39 -6.09 3.62
N PHE A 454 17.25 -7.41 3.43
CA PHE A 454 15.93 -8.03 3.49
C PHE A 454 15.83 -9.20 4.45
N THR A 455 16.94 -9.73 4.96
CA THR A 455 17.04 -10.65 6.11
C THR A 455 16.55 -12.06 5.84
N SER A 456 16.00 -12.35 4.66
CA SER A 456 15.46 -13.69 4.42
C SER A 456 15.60 -14.03 2.95
N ILE A 457 16.29 -15.13 2.66
CA ILE A 457 16.55 -15.52 1.28
C ILE A 457 15.27 -15.49 0.46
N SER A 458 14.15 -15.86 1.08
CA SER A 458 12.88 -15.85 0.35
C SER A 458 12.52 -14.44 -0.11
N SER A 459 12.68 -13.45 0.76
CA SER A 459 12.36 -12.08 0.38
C SER A 459 13.32 -11.57 -0.68
N LEU A 460 14.59 -11.96 -0.59
CA LEU A 460 15.55 -11.65 -1.63
C LEU A 460 15.07 -12.17 -2.98
N GLU A 461 14.64 -13.44 -3.00
CA GLU A 461 14.19 -14.04 -4.25
C GLU A 461 12.94 -13.36 -4.78
N ARG A 462 12.00 -13.01 -3.89
CA ARG A 462 10.79 -12.34 -4.35
C ARG A 462 11.11 -10.97 -4.95
N ARG A 463 11.99 -10.22 -4.29
CA ARG A 463 12.35 -8.89 -4.82
C ARG A 463 13.08 -9.02 -6.16
N ALA A 464 14.01 -9.95 -6.25
CA ALA A 464 14.70 -10.15 -7.52
C ALA A 464 13.75 -10.62 -8.60
N ALA A 465 12.76 -11.44 -8.25
CA ALA A 465 11.76 -11.85 -9.22
C ALA A 465 10.94 -10.67 -9.72
N PHE A 466 10.58 -9.75 -8.83
CA PHE A 466 9.83 -8.57 -9.27
C PHE A 466 10.67 -7.71 -10.20
N ARG A 467 11.93 -7.48 -9.83
CA ARG A 467 12.80 -6.67 -10.68
C ARG A 467 12.98 -7.33 -12.04
N TYR A 468 13.18 -8.64 -12.05
CA TYR A 468 13.34 -9.35 -13.31
C TYR A 468 12.06 -9.28 -14.12
N TYR A 469 10.91 -9.36 -13.46
CA TYR A 469 9.66 -9.29 -14.19
C TYR A 469 9.52 -7.95 -14.90
N ILE A 470 9.80 -6.86 -14.20
CA ILE A 470 9.64 -5.55 -14.82
C ILE A 470 10.64 -5.36 -15.95
N PHE A 471 11.91 -5.71 -15.71
CA PHE A 471 12.93 -5.55 -16.74
C PHE A 471 12.61 -6.42 -17.96
N ASN A 472 12.21 -7.67 -17.72
CA ASN A 472 11.87 -8.58 -18.79
C ASN A 472 10.69 -8.06 -19.58
N LEU A 473 9.64 -7.60 -18.88
CA LEU A 473 8.51 -6.97 -19.53
C LEU A 473 8.99 -5.90 -20.50
N VAL A 474 9.62 -4.86 -19.98
CA VAL A 474 10.02 -3.72 -20.80
C VAL A 474 10.84 -4.21 -21.98
N ASN A 475 12.00 -4.79 -21.70
CA ASN A 475 12.92 -5.15 -22.77
C ASN A 475 12.30 -6.13 -23.74
N VAL A 476 12.05 -7.37 -23.30
CA VAL A 476 11.58 -8.40 -24.23
C VAL A 476 10.29 -7.95 -24.91
N PHE A 477 9.24 -7.69 -24.13
CA PHE A 477 7.94 -7.41 -24.73
C PHE A 477 8.01 -6.21 -25.67
N LEU A 478 8.35 -5.02 -25.15
CA LEU A 478 8.25 -3.83 -25.98
C LEU A 478 9.27 -3.85 -27.11
N ALA A 479 10.53 -4.19 -26.83
CA ALA A 479 11.52 -4.27 -27.90
C ALA A 479 11.13 -5.29 -28.95
N SER A 480 10.28 -6.26 -28.61
CA SER A 480 9.70 -7.10 -29.65
C SER A 480 8.59 -6.36 -30.39
N VAL A 481 7.84 -5.52 -29.69
CA VAL A 481 6.66 -4.91 -30.29
C VAL A 481 6.98 -3.58 -30.96
N ILE A 482 7.91 -2.80 -30.42
CA ILE A 482 8.20 -1.46 -30.94
C ILE A 482 9.67 -1.39 -31.33
N ALA A 483 10.13 -0.21 -31.75
CA ALA A 483 11.48 -0.02 -32.26
C ALA A 483 12.55 -0.31 -31.21
N GLY A 484 13.81 -0.21 -31.59
CA GLY A 484 14.87 -0.89 -30.86
C GLY A 484 15.23 -0.40 -29.46
N ALA A 485 15.81 0.78 -29.34
CA ALA A 485 16.41 1.17 -28.07
C ALA A 485 15.36 1.48 -27.02
N ALA A 486 15.67 1.12 -25.77
CA ALA A 486 14.71 1.29 -24.69
C ALA A 486 14.62 2.73 -24.21
N PHE A 487 15.74 3.46 -24.17
CA PHE A 487 15.69 4.84 -23.71
C PHE A 487 14.98 5.74 -24.71
N GLU A 488 15.21 5.52 -26.01
CA GLU A 488 14.45 6.26 -27.00
C GLU A 488 12.98 5.87 -26.99
N GLN A 489 12.68 4.61 -26.66
CA GLN A 489 11.28 4.21 -26.49
C GLN A 489 10.64 4.94 -25.33
N LEU A 490 11.37 5.08 -24.22
CA LEU A 490 10.85 5.85 -23.09
C LEU A 490 10.65 7.30 -23.46
N ASN A 491 11.60 7.88 -24.20
CA ASN A 491 11.45 9.26 -24.65
C ASN A 491 10.20 9.41 -25.51
N SER A 492 10.02 8.50 -26.46
CA SER A 492 8.84 8.56 -27.33
C SER A 492 7.55 8.45 -26.52
N PHE A 493 7.49 7.47 -25.63
CA PHE A 493 6.28 7.27 -24.83
C PHE A 493 6.02 8.47 -23.92
N LEU A 494 7.07 9.15 -23.49
CA LEU A 494 6.87 10.40 -22.77
C LEU A 494 6.34 11.49 -23.69
N ASN A 495 6.69 11.44 -24.97
CA ASN A 495 6.23 12.46 -25.91
C ASN A 495 4.99 12.04 -26.69
N GLN A 496 4.34 10.94 -26.31
CA GLN A 496 3.03 10.61 -26.84
C GLN A 496 1.95 10.90 -25.79
N SER A 497 0.73 11.07 -26.27
CA SER A 497 -0.40 11.31 -25.39
C SER A 497 -0.67 10.09 -24.52
N ALA A 498 -1.44 10.30 -23.45
CA ALA A 498 -1.87 9.18 -22.63
C ALA A 498 -2.88 8.31 -23.35
N ASN A 499 -3.51 8.83 -24.40
CA ASN A 499 -4.45 8.07 -25.22
C ASN A 499 -3.79 7.45 -26.44
N GLN A 500 -2.49 7.63 -26.62
CA GLN A 500 -1.79 7.16 -27.81
C GLN A 500 -0.91 5.94 -27.56
N ILE A 501 -0.45 5.74 -26.33
CA ILE A 501 0.36 4.56 -26.02
C ILE A 501 -0.40 3.27 -26.27
N PRO A 502 -1.61 3.06 -25.74
CA PRO A 502 -2.35 1.84 -26.09
C PRO A 502 -2.59 1.75 -27.59
N LYS A 503 -2.84 2.87 -28.26
CA LYS A 503 -3.10 2.81 -29.69
C LYS A 503 -1.90 2.27 -30.44
N THR A 504 -0.71 2.82 -30.17
CA THR A 504 0.46 2.40 -30.92
C THR A 504 0.85 0.96 -30.59
N ILE A 505 0.81 0.56 -29.31
CA ILE A 505 1.22 -0.80 -29.01
C ILE A 505 0.19 -1.81 -29.55
N GLY A 506 -1.09 -1.50 -29.40
CA GLY A 506 -2.12 -2.39 -29.91
C GLY A 506 -2.07 -2.53 -31.41
N VAL A 507 -1.81 -1.44 -32.14
CA VAL A 507 -1.72 -1.57 -33.58
C VAL A 507 -0.47 -2.34 -33.96
N ALA A 508 0.59 -2.26 -33.15
CA ALA A 508 1.80 -3.03 -33.48
C ALA A 508 1.69 -4.50 -33.13
N ILE A 509 0.71 -4.89 -32.30
CA ILE A 509 0.59 -6.30 -31.89
C ILE A 509 0.41 -7.26 -33.07
N PRO A 510 -0.56 -7.06 -33.98
CA PRO A 510 -0.88 -8.14 -34.93
C PRO A 510 0.25 -8.55 -35.86
N MET A 511 1.10 -7.61 -36.31
CA MET A 511 2.20 -8.03 -37.17
C MET A 511 3.24 -8.83 -36.40
N LYS A 512 3.44 -8.53 -35.12
CA LYS A 512 4.38 -9.30 -34.30
C LYS A 512 3.77 -10.59 -33.78
N ALA A 513 2.48 -10.85 -34.09
CA ALA A 513 1.88 -12.12 -33.71
C ALA A 513 2.71 -13.32 -34.17
N THR A 514 3.12 -13.34 -35.45
CA THR A 514 3.82 -14.50 -35.97
C THR A 514 5.23 -14.60 -35.39
N PHE A 515 5.89 -13.46 -35.17
CA PHE A 515 7.19 -13.49 -34.51
C PHE A 515 7.06 -14.03 -33.10
N PHE A 516 5.94 -13.74 -32.43
CA PHE A 516 5.72 -14.31 -31.11
C PHE A 516 5.43 -15.79 -31.19
N ILE A 517 4.78 -16.26 -32.25
CA ILE A 517 4.65 -17.69 -32.48
C ILE A 517 6.02 -18.33 -32.54
N THR A 518 6.91 -17.74 -33.34
CA THR A 518 8.25 -18.28 -33.50
C THR A 518 9.02 -18.25 -32.19
N TYR A 519 8.90 -17.15 -31.44
CA TYR A 519 9.57 -17.07 -30.14
C TYR A 519 9.05 -18.11 -29.19
N ILE A 520 7.73 -18.33 -29.18
CA ILE A 520 7.17 -19.38 -28.32
C ILE A 520 7.80 -20.72 -28.66
N MET A 521 7.72 -21.14 -29.93
CA MET A 521 8.34 -22.43 -30.24
C MET A 521 9.80 -22.43 -29.83
N VAL A 522 10.63 -21.58 -30.45
CA VAL A 522 12.06 -21.65 -30.22
C VAL A 522 12.38 -21.60 -28.74
N ASP A 523 12.09 -20.47 -28.10
CA ASP A 523 12.56 -20.30 -26.72
C ASP A 523 11.87 -21.27 -25.78
N GLY A 524 10.53 -21.24 -25.71
CA GLY A 524 9.86 -22.03 -24.71
C GLY A 524 10.03 -23.53 -24.95
N TRP A 525 9.76 -23.98 -26.18
CA TRP A 525 9.85 -25.40 -26.47
C TRP A 525 11.28 -25.91 -26.30
N ALA A 526 12.27 -25.16 -26.78
CA ALA A 526 13.66 -25.59 -26.58
C ALA A 526 14.01 -25.62 -25.11
N GLY A 527 13.50 -24.64 -24.34
CA GLY A 527 13.80 -24.61 -22.92
C GLY A 527 13.25 -25.83 -22.19
N VAL A 528 11.98 -26.16 -22.44
CA VAL A 528 11.40 -27.31 -21.76
C VAL A 528 12.02 -28.61 -22.29
N ALA A 529 12.30 -28.68 -23.59
CA ALA A 529 12.92 -29.88 -24.15
C ALA A 529 14.28 -30.15 -23.55
N GLY A 530 15.13 -29.11 -23.49
CA GLY A 530 16.39 -29.27 -22.79
C GLY A 530 16.22 -29.53 -21.31
N GLU A 531 15.25 -28.88 -20.67
CA GLU A 531 15.11 -28.89 -19.22
C GLU A 531 15.04 -30.30 -18.66
N ILE A 532 14.74 -31.30 -19.49
CA ILE A 532 14.79 -32.67 -19.02
C ILE A 532 16.24 -33.09 -18.77
N LEU A 533 17.15 -32.74 -19.70
CA LEU A 533 18.59 -32.86 -19.50
C LEU A 533 19.30 -32.09 -20.62
N MET A 534 20.24 -31.22 -20.27
CA MET A 534 20.96 -30.44 -21.27
C MET A 534 22.42 -30.84 -21.29
N LEU A 535 23.19 -30.11 -22.09
CA LEU A 535 24.64 -30.18 -22.00
C LEU A 535 25.13 -29.73 -20.64
N LYS A 536 24.57 -28.65 -20.09
CA LYS A 536 25.14 -28.05 -18.89
C LYS A 536 25.17 -29.00 -17.69
N PRO A 537 24.12 -29.74 -17.34
CA PRO A 537 24.21 -30.56 -16.12
C PRO A 537 25.21 -31.68 -16.26
N LEU A 538 25.22 -32.33 -17.42
CA LEU A 538 26.18 -33.42 -17.65
C LEU A 538 27.60 -32.88 -17.61
N ILE A 539 27.85 -31.75 -18.27
CA ILE A 539 29.22 -31.27 -18.38
C ILE A 539 29.67 -30.63 -17.09
N MET A 540 28.76 -30.22 -16.21
CA MET A 540 29.23 -29.78 -14.90
C MET A 540 29.48 -30.97 -13.99
N PHE A 541 28.55 -31.93 -13.95
CA PHE A 541 28.70 -33.04 -13.01
C PHE A 541 29.86 -33.95 -13.38
N HIS A 542 29.91 -34.41 -14.63
CA HIS A 542 30.94 -35.37 -15.00
C HIS A 542 32.33 -34.72 -15.05
N LEU A 543 32.39 -33.40 -15.19
CA LEU A 543 33.66 -32.71 -15.07
C LEU A 543 34.05 -32.55 -13.60
N LYS A 544 33.10 -32.14 -12.75
CA LYS A 544 33.36 -32.06 -11.32
C LYS A 544 33.73 -33.42 -10.74
N ASN A 545 33.37 -34.50 -11.44
CA ASN A 545 33.79 -35.84 -11.05
C ASN A 545 35.30 -35.89 -10.85
N ALA A 546 36.06 -35.41 -11.82
CA ALA A 546 37.52 -35.39 -11.73
C ALA A 546 38.09 -34.05 -11.33
N PHE A 547 37.27 -33.00 -11.22
CA PHE A 547 37.81 -31.68 -10.85
C PHE A 547 37.90 -31.48 -9.35
N LEU A 548 36.76 -31.54 -8.65
CA LEU A 548 36.74 -31.04 -7.27
C LEU A 548 37.34 -32.05 -6.30
N VAL A 549 36.65 -33.17 -6.09
CA VAL A 549 37.17 -34.19 -5.17
C VAL A 549 37.14 -35.58 -5.79
N LYS A 550 35.96 -36.04 -6.17
CA LYS A 550 35.74 -37.42 -6.62
C LYS A 550 34.34 -37.49 -7.22
N THR A 551 33.85 -38.71 -7.49
CA THR A 551 32.58 -38.88 -8.16
C THR A 551 31.40 -38.30 -7.38
N ASP A 552 31.07 -38.86 -6.22
CA ASP A 552 30.07 -38.23 -5.35
C ASP A 552 30.38 -38.60 -3.90
N LYS A 553 31.17 -37.77 -3.24
CA LYS A 553 31.33 -37.79 -1.79
C LYS A 553 31.37 -36.32 -1.36
N ASP A 554 31.78 -36.09 -0.11
CA ASP A 554 31.96 -34.71 0.38
C ASP A 554 30.65 -33.93 0.24
N ARG A 555 29.68 -34.31 1.07
CA ARG A 555 28.36 -33.70 0.96
C ARG A 555 28.39 -32.31 1.59
N GLU A 556 29.26 -31.45 1.07
CA GLU A 556 29.23 -30.01 1.31
C GLU A 556 29.43 -29.42 -0.08
N GLU A 557 28.33 -29.30 -0.82
CA GLU A 557 28.38 -29.02 -2.25
C GLU A 557 26.98 -28.72 -2.73
N ALA A 558 26.90 -27.94 -3.81
CA ALA A 558 25.62 -27.57 -4.40
C ALA A 558 25.53 -27.96 -5.87
N MET A 559 26.24 -29.02 -6.28
CA MET A 559 26.14 -29.45 -7.68
C MET A 559 24.71 -29.89 -8.00
N ASP A 560 24.09 -30.61 -7.08
CA ASP A 560 22.67 -30.91 -7.22
C ASP A 560 21.91 -29.64 -6.92
N PRO A 561 21.07 -29.14 -7.84
CA PRO A 561 20.53 -27.77 -7.71
C PRO A 561 19.87 -27.48 -6.38
N GLY A 562 20.23 -26.34 -5.80
CA GLY A 562 19.67 -25.96 -4.52
C GLY A 562 18.17 -25.73 -4.59
N SER A 563 17.70 -25.11 -5.67
CA SER A 563 16.28 -24.88 -5.84
C SER A 563 16.00 -24.55 -7.30
N ILE A 564 14.90 -25.11 -7.81
CA ILE A 564 14.43 -24.70 -9.12
C ILE A 564 14.05 -23.23 -9.05
N GLY A 565 14.57 -22.45 -9.98
CA GLY A 565 14.55 -21.01 -9.84
C GLY A 565 13.18 -20.37 -9.79
N PHE A 566 12.76 -19.93 -8.61
CA PHE A 566 11.73 -18.91 -8.55
C PHE A 566 12.32 -17.53 -8.78
N ASN A 567 13.59 -17.35 -8.42
CA ASN A 567 14.31 -16.14 -8.82
C ASN A 567 14.27 -15.98 -10.33
N THR A 568 14.59 -17.05 -11.05
CA THR A 568 14.65 -17.02 -12.50
C THR A 568 13.82 -18.17 -13.04
N GLY A 569 12.79 -17.85 -13.81
CA GLY A 569 11.91 -18.86 -14.38
C GLY A 569 10.44 -18.54 -14.15
N GLU A 570 10.12 -18.02 -12.98
CA GLU A 570 8.78 -17.48 -12.77
C GLU A 570 8.55 -16.26 -13.67
N PRO A 571 9.51 -15.33 -13.78
CA PRO A 571 9.32 -14.24 -14.74
C PRO A 571 9.13 -14.71 -16.17
N ARG A 572 9.80 -15.79 -16.59
CA ARG A 572 9.68 -16.23 -17.98
C ARG A 572 8.29 -16.78 -18.26
N ILE A 573 7.80 -17.67 -17.39
CA ILE A 573 6.46 -18.20 -17.62
C ILE A 573 5.41 -17.13 -17.38
N GLN A 574 5.72 -16.10 -16.59
CA GLN A 574 4.82 -14.95 -16.54
C GLN A 574 4.78 -14.22 -17.86
N LEU A 575 5.93 -14.08 -18.52
CA LEU A 575 5.95 -13.51 -19.86
C LEU A 575 5.10 -14.33 -20.81
N TYR A 576 5.11 -15.65 -20.65
CA TYR A 576 4.28 -16.48 -21.51
C TYR A 576 2.80 -16.32 -21.17
N PHE A 577 2.45 -16.17 -19.90
CA PHE A 577 1.10 -15.75 -19.54
C PHE A 577 0.72 -14.48 -20.29
N LEU A 578 1.64 -13.52 -20.32
CA LEU A 578 1.36 -12.27 -21.00
C LEU A 578 1.09 -12.49 -22.48
N LEU A 579 1.91 -13.32 -23.12
CA LEU A 579 1.68 -13.63 -24.53
C LEU A 579 0.33 -14.30 -24.75
N GLY A 580 -0.03 -15.23 -23.88
CA GLY A 580 -1.30 -15.92 -24.05
C GLY A 580 -2.50 -15.00 -23.87
N LEU A 581 -2.44 -14.13 -22.86
CA LEU A 581 -3.57 -13.23 -22.62
C LEU A 581 -3.67 -12.13 -23.66
N VAL A 582 -2.54 -11.66 -24.17
CA VAL A 582 -2.57 -10.59 -25.17
C VAL A 582 -3.17 -11.10 -26.47
N TYR A 583 -2.84 -12.33 -26.86
CA TYR A 583 -3.15 -12.83 -28.19
C TYR A 583 -4.35 -13.75 -28.22
N ALA A 584 -5.16 -13.77 -27.18
CA ALA A 584 -6.36 -14.58 -27.22
C ALA A 584 -7.45 -13.91 -28.06
N PRO A 585 -7.74 -12.62 -27.87
CA PRO A 585 -8.78 -12.00 -28.70
C PRO A 585 -8.30 -11.50 -30.04
N VAL A 586 -6.99 -11.47 -30.29
CA VAL A 586 -6.48 -10.76 -31.44
C VAL A 586 -6.10 -11.75 -32.54
N THR A 587 -5.14 -12.63 -32.26
CA THR A 587 -4.75 -13.71 -33.17
C THR A 587 -4.72 -15.00 -32.36
N PRO A 588 -5.83 -15.74 -32.31
CA PRO A 588 -5.85 -16.98 -31.53
C PRO A 588 -4.91 -18.06 -32.03
N MET A 589 -4.20 -17.84 -33.14
CA MET A 589 -3.28 -18.86 -33.65
C MET A 589 -2.14 -19.13 -32.68
N LEU A 590 -1.72 -18.12 -31.92
CA LEU A 590 -0.76 -18.34 -30.83
C LEU A 590 -1.29 -19.38 -29.85
N LEU A 591 -2.57 -19.32 -29.57
CA LEU A 591 -3.19 -19.88 -28.38
C LEU A 591 -3.18 -21.41 -28.30
N PRO A 592 -3.20 -22.16 -29.42
CA PRO A 592 -2.89 -23.60 -29.30
C PRO A 592 -1.41 -23.86 -29.01
N PHE A 593 -0.54 -23.17 -29.74
CA PHE A 593 0.90 -23.43 -29.60
C PHE A 593 1.35 -23.21 -28.17
N ILE A 594 0.96 -22.08 -27.59
CA ILE A 594 1.32 -21.79 -26.21
C ILE A 594 0.84 -22.91 -25.28
N LEU A 595 -0.37 -23.42 -25.54
CA LEU A 595 -0.89 -24.50 -24.73
C LEU A 595 0.10 -25.65 -24.65
N VAL A 596 0.63 -26.05 -25.81
CA VAL A 596 1.56 -27.18 -25.84
C VAL A 596 2.72 -26.92 -24.91
N PHE A 597 3.25 -25.70 -24.93
CA PHE A 597 4.35 -25.37 -24.04
C PHE A 597 3.97 -25.67 -22.60
N PHE A 598 2.84 -25.11 -22.14
CA PHE A 598 2.38 -25.41 -20.79
C PHE A 598 2.34 -26.91 -20.57
N ALA A 599 1.69 -27.63 -21.50
CA ALA A 599 1.62 -29.07 -21.39
C ALA A 599 3.00 -29.65 -21.10
N LEU A 600 3.95 -29.41 -22.00
CA LEU A 600 5.26 -30.03 -21.82
C LEU A 600 5.89 -29.57 -20.53
N ALA A 601 5.72 -28.28 -20.21
CA ALA A 601 6.26 -27.78 -18.95
C ALA A 601 5.71 -28.58 -17.78
N TYR A 602 4.39 -28.69 -17.71
CA TYR A 602 3.77 -29.37 -16.58
C TYR A 602 4.20 -30.83 -16.51
N ILE A 603 4.74 -31.38 -17.59
CA ILE A 603 5.36 -32.69 -17.49
C ILE A 603 6.77 -32.56 -16.96
N VAL A 604 7.63 -31.87 -17.71
CA VAL A 604 9.07 -31.94 -17.47
C VAL A 604 9.39 -31.56 -16.04
N TYR A 605 9.06 -30.32 -15.67
CA TYR A 605 9.40 -29.85 -14.33
C TYR A 605 8.80 -30.77 -13.27
N ARG A 606 7.58 -31.25 -13.50
CA ARG A 606 6.99 -32.20 -12.56
C ARG A 606 7.91 -33.40 -12.38
N HIS A 607 8.23 -34.08 -13.48
CA HIS A 607 9.18 -35.18 -13.38
C HIS A 607 10.51 -34.69 -12.81
N GLN A 608 10.92 -33.49 -13.23
CA GLN A 608 12.13 -32.90 -12.69
C GLN A 608 12.03 -32.70 -11.18
N ILE A 609 10.89 -32.18 -10.71
CA ILE A 609 10.69 -32.01 -9.28
C ILE A 609 10.77 -33.36 -8.58
N ILE A 610 10.41 -34.44 -9.28
CA ILE A 610 10.53 -35.76 -8.69
C ILE A 610 11.99 -36.10 -8.44
N ASN A 611 12.86 -35.80 -9.40
CA ASN A 611 14.16 -36.47 -9.48
C ASN A 611 15.32 -35.58 -9.06
N VAL A 612 15.48 -34.40 -9.66
CA VAL A 612 16.65 -33.56 -9.41
C VAL A 612 16.22 -32.12 -9.14
N TYR A 613 15.80 -31.86 -7.90
CA TYR A 613 15.85 -30.53 -7.26
C TYR A 613 15.73 -30.70 -5.77
N ASN A 614 16.57 -29.96 -5.03
CA ASN A 614 16.54 -29.90 -3.59
C ASN A 614 15.84 -28.62 -3.16
N GLN A 615 15.90 -28.31 -1.87
CA GLN A 615 15.34 -27.08 -1.33
C GLN A 615 16.44 -26.31 -0.61
N GLU A 616 16.92 -25.22 -1.23
CA GLU A 616 17.90 -24.38 -0.55
C GLU A 616 17.31 -23.74 0.69
N TYR A 617 16.05 -23.28 0.60
CA TYR A 617 15.27 -22.88 1.74
C TYR A 617 13.86 -23.41 1.52
N GLU A 618 12.97 -23.16 2.49
CA GLU A 618 11.60 -23.63 2.36
C GLU A 618 10.70 -22.75 3.20
N SER A 619 9.92 -21.89 2.56
CA SER A 619 8.94 -21.06 3.26
C SER A 619 7.59 -21.20 2.58
N ALA A 620 6.90 -22.31 2.86
CA ALA A 620 5.45 -22.48 2.75
C ALA A 620 4.79 -21.71 1.61
N ALA A 621 5.38 -21.76 0.41
CA ALA A 621 4.78 -21.14 -0.77
C ALA A 621 4.39 -19.69 -0.51
N ALA A 622 5.27 -18.96 0.17
CA ALA A 622 5.00 -17.57 0.52
C ALA A 622 4.98 -16.64 -0.67
N PHE A 623 5.46 -17.10 -1.82
CA PHE A 623 5.62 -16.24 -2.99
C PHE A 623 4.36 -16.15 -3.84
N TRP A 624 3.30 -16.87 -3.49
CA TRP A 624 2.17 -16.96 -4.41
C TRP A 624 1.46 -15.62 -4.66
N PRO A 625 1.21 -14.76 -3.67
CA PRO A 625 0.56 -13.48 -3.99
C PRO A 625 1.36 -12.65 -4.97
N ASP A 626 2.69 -12.77 -4.94
CA ASP A 626 3.56 -12.18 -5.94
C ASP A 626 3.16 -12.62 -7.35
N VAL A 627 3.05 -13.94 -7.54
CA VAL A 627 2.68 -14.49 -8.85
C VAL A 627 1.29 -14.03 -9.25
N HIS A 628 0.34 -14.05 -8.30
CA HIS A 628 -1.02 -13.66 -8.62
C HIS A 628 -1.09 -12.22 -9.06
N GLY A 629 -0.35 -11.34 -8.38
CA GLY A 629 -0.28 -9.96 -8.80
C GLY A 629 0.26 -9.80 -10.19
N ARG A 630 1.30 -10.56 -10.54
CA ARG A 630 1.79 -10.47 -11.90
C ARG A 630 0.79 -10.99 -12.93
N VAL A 631 0.01 -12.02 -12.60
CA VAL A 631 -0.99 -12.49 -13.56
C VAL A 631 -2.04 -11.42 -13.78
N ILE A 632 -2.49 -10.76 -12.69
CA ILE A 632 -3.45 -9.67 -12.84
C ILE A 632 -2.85 -8.55 -13.67
N ALA A 633 -1.58 -8.23 -13.45
CA ALA A 633 -0.95 -7.16 -14.21
C ALA A 633 -0.89 -7.50 -15.69
N ALA A 634 -0.49 -8.72 -16.02
CA ALA A 634 -0.46 -9.13 -17.43
C ALA A 634 -1.84 -9.10 -18.04
N LEU A 635 -2.86 -9.48 -17.27
CA LEU A 635 -4.22 -9.44 -17.78
C LEU A 635 -4.63 -8.00 -18.11
N VAL A 636 -4.33 -7.06 -17.21
CA VAL A 636 -4.68 -5.67 -17.44
C VAL A 636 -3.92 -5.13 -18.65
N ILE A 637 -2.65 -5.50 -18.79
CA ILE A 637 -1.87 -5.07 -19.94
C ILE A 637 -2.51 -5.57 -21.23
N SER A 638 -2.94 -6.83 -21.25
CA SER A 638 -3.59 -7.37 -22.44
C SER A 638 -4.87 -6.61 -22.76
N GLN A 639 -5.66 -6.29 -21.74
CA GLN A 639 -6.90 -5.56 -21.97
C GLN A 639 -6.63 -4.17 -22.54
N LEU A 640 -5.62 -3.49 -22.00
CA LEU A 640 -5.28 -2.17 -22.52
C LEU A 640 -4.80 -2.23 -23.96
N LEU A 641 -3.96 -3.22 -24.28
CA LEU A 641 -3.46 -3.32 -25.65
C LEU A 641 -4.58 -3.68 -26.62
N LEU A 642 -5.52 -4.52 -26.21
CA LEU A 642 -6.67 -4.81 -27.06
C LEU A 642 -7.53 -3.57 -27.26
N MET A 643 -7.71 -2.76 -26.21
CA MET A 643 -8.43 -1.51 -26.34
C MET A 643 -7.75 -0.60 -27.35
N GLY A 644 -6.42 -0.50 -27.28
CA GLY A 644 -5.71 0.31 -28.24
C GLY A 644 -5.87 -0.19 -29.66
N LEU A 645 -5.75 -1.50 -29.86
CA LEU A 645 -5.88 -2.05 -31.21
C LEU A 645 -7.28 -1.80 -31.77
N LEU A 646 -8.31 -2.07 -30.97
CA LEU A 646 -9.67 -1.82 -31.45
C LEU A 646 -9.93 -0.33 -31.63
N GLY A 647 -9.19 0.53 -30.93
CA GLY A 647 -9.27 1.95 -31.22
C GLY A 647 -8.68 2.29 -32.57
N THR A 648 -7.56 1.64 -32.93
CA THR A 648 -6.97 1.88 -34.25
C THR A 648 -7.90 1.44 -35.36
N LYS A 649 -8.37 0.19 -35.29
CA LYS A 649 -9.34 -0.33 -36.24
C LYS A 649 -10.71 0.17 -35.82
N HIS A 650 -11.12 1.30 -36.38
CA HIS A 650 -12.32 2.01 -35.94
C HIS A 650 -13.51 1.08 -35.80
N ALA A 651 -13.98 0.88 -34.57
CA ALA A 651 -15.09 -0.03 -34.33
C ALA A 651 -16.22 0.70 -33.64
N ALA A 652 -17.20 -0.04 -33.14
CA ALA A 652 -18.22 0.55 -32.28
C ALA A 652 -17.55 1.02 -30.99
N LEU A 653 -18.36 1.54 -30.07
CA LEU A 653 -17.80 2.02 -28.82
C LEU A 653 -17.05 0.87 -28.15
N ALA A 654 -15.72 0.98 -28.13
CA ALA A 654 -14.86 -0.11 -27.72
C ALA A 654 -13.91 0.35 -26.63
N ALA A 655 -13.49 1.60 -26.70
CA ALA A 655 -12.73 2.17 -25.59
C ALA A 655 -13.48 2.12 -24.27
N PRO A 656 -14.78 2.47 -24.19
CA PRO A 656 -15.45 2.37 -22.88
C PRO A 656 -15.44 0.98 -22.27
N PHE A 657 -15.86 -0.04 -23.02
CA PHE A 657 -15.91 -1.39 -22.48
C PHE A 657 -14.53 -1.87 -22.05
N LEU A 658 -13.54 -1.70 -22.92
CA LEU A 658 -12.21 -2.23 -22.67
C LEU A 658 -11.38 -1.33 -21.76
N ILE A 659 -11.92 -0.19 -21.34
CA ILE A 659 -11.28 0.59 -20.28
C ILE A 659 -12.00 0.42 -18.95
N ALA A 660 -13.28 0.03 -18.96
CA ALA A 660 -13.94 -0.34 -17.72
C ALA A 660 -13.53 -1.73 -17.27
N LEU A 661 -13.16 -2.59 -18.20
CA LEU A 661 -12.72 -3.93 -17.82
C LEU A 661 -11.45 -3.93 -16.95
N PRO A 662 -10.40 -3.16 -17.26
CA PRO A 662 -9.25 -3.11 -16.34
C PRO A 662 -9.58 -2.61 -14.95
N VAL A 663 -10.56 -1.71 -14.82
CA VAL A 663 -10.98 -1.26 -13.50
C VAL A 663 -11.53 -2.44 -12.70
N LEU A 664 -12.37 -3.25 -13.34
CA LEU A 664 -12.91 -4.44 -12.67
C LEU A 664 -11.79 -5.42 -12.33
N THR A 665 -10.81 -5.56 -13.21
CA THR A 665 -9.70 -6.47 -12.93
C THR A 665 -8.93 -6.00 -11.70
N ILE A 666 -8.64 -4.71 -11.60
CA ILE A 666 -7.91 -4.19 -10.46
C ILE A 666 -8.74 -4.32 -9.18
N GLY A 667 -10.05 -4.10 -9.28
CA GLY A 667 -10.90 -4.29 -8.12
C GLY A 667 -10.91 -5.72 -7.62
N PHE A 668 -10.99 -6.68 -8.54
CA PHE A 668 -10.89 -8.08 -8.15
C PHE A 668 -9.52 -8.38 -7.55
N HIS A 669 -8.47 -7.79 -8.10
CA HIS A 669 -7.15 -7.99 -7.52
C HIS A 669 -7.08 -7.49 -6.09
N HIS A 670 -7.71 -6.35 -5.82
CA HIS A 670 -7.73 -5.84 -4.46
C HIS A 670 -8.54 -6.75 -3.55
N PHE A 671 -9.65 -7.28 -4.04
CA PHE A 671 -10.42 -8.24 -3.24
C PHE A 671 -9.54 -9.43 -2.86
N CYS A 672 -8.83 -10.00 -3.83
CA CYS A 672 -7.97 -11.14 -3.55
C CYS A 672 -6.83 -10.76 -2.61
N LYS A 673 -6.24 -9.58 -2.82
CA LYS A 673 -5.14 -9.12 -1.98
C LYS A 673 -5.60 -8.91 -0.54
N GLY A 674 -6.88 -8.63 -0.35
CA GLY A 674 -7.39 -8.44 0.99
C GLY A 674 -7.88 -9.72 1.65
N ARG A 675 -8.37 -10.66 0.84
CA ARG A 675 -9.00 -11.85 1.42
C ARG A 675 -8.00 -12.99 1.66
N TYR A 676 -7.37 -13.48 0.61
CA TYR A 676 -6.50 -14.65 0.75
C TYR A 676 -5.06 -14.29 1.07
N GLU A 677 -4.61 -13.11 0.71
CA GLU A 677 -3.18 -12.80 0.83
C GLU A 677 -2.63 -12.86 2.24
N PRO A 678 -3.28 -12.31 3.27
CA PRO A 678 -2.68 -12.34 4.61
C PRO A 678 -2.30 -13.72 5.09
N ALA A 679 -2.93 -14.79 4.58
CA ALA A 679 -2.58 -16.13 5.03
C ALA A 679 -1.17 -16.54 4.63
N PHE A 680 -0.52 -15.78 3.75
CA PHE A 680 0.81 -16.14 3.27
C PHE A 680 1.93 -15.41 3.98
N ILE A 681 1.62 -14.55 4.95
CA ILE A 681 2.66 -13.82 5.66
C ILE A 681 2.49 -13.86 7.17
N ARG A 682 1.33 -14.23 7.70
CA ARG A 682 0.96 -13.81 9.03
C ARG A 682 0.04 -14.85 9.63
N TYR A 683 0.50 -15.45 10.73
CA TYR A 683 0.11 -16.80 11.14
C TYR A 683 -1.08 -16.77 12.08
N PRO A 684 -2.22 -17.34 11.70
CA PRO A 684 -3.44 -17.15 12.50
C PRO A 684 -3.29 -17.68 13.92
N LEU A 685 -4.01 -17.03 14.84
CA LEU A 685 -3.92 -17.43 16.25
C LEU A 685 -4.71 -18.70 16.51
N GLN A 686 -5.83 -18.89 15.81
CA GLN A 686 -6.62 -20.10 16.04
C GLN A 686 -5.85 -21.34 15.64
N GLU A 687 -5.17 -21.30 14.49
CA GLU A 687 -4.39 -22.45 14.07
C GLU A 687 -3.26 -22.74 15.05
N ALA A 688 -2.61 -21.69 15.54
CA ALA A 688 -1.57 -21.88 16.54
C ALA A 688 -2.13 -22.51 17.81
N MET A 689 -3.30 -22.07 18.25
CA MET A 689 -3.87 -22.62 19.46
C MET A 689 -4.23 -24.09 19.28
N MET A 690 -4.83 -24.46 18.14
CA MET A 690 -5.14 -25.87 17.92
C MET A 690 -3.87 -26.70 17.86
N LYS A 691 -2.84 -26.21 17.15
CA LYS A 691 -1.62 -26.98 17.04
C LYS A 691 -0.94 -27.14 18.40
N ASP A 692 -0.97 -26.09 19.22
CA ASP A 692 -0.35 -26.19 20.54
C ASP A 692 -1.11 -27.13 21.45
N THR A 693 -2.44 -27.08 21.41
CA THR A 693 -3.24 -28.02 22.20
C THR A 693 -2.97 -29.46 21.77
N LEU A 694 -2.93 -29.69 20.45
CA LEU A 694 -2.65 -31.02 19.94
C LEU A 694 -1.25 -31.48 20.34
N GLU A 695 -0.27 -30.57 20.30
CA GLU A 695 1.09 -30.94 20.67
C GLU A 695 1.19 -31.28 22.15
N THR A 696 0.52 -30.50 23.00
CA THR A 696 0.50 -30.84 24.43
C THR A 696 -0.17 -32.17 24.67
N ALA A 697 -1.27 -32.45 23.95
CA ALA A 697 -1.94 -33.74 24.12
C ALA A 697 -1.05 -34.90 23.67
N ARG A 698 -0.40 -34.74 22.51
CA ARG A 698 0.39 -35.83 21.96
C ARG A 698 1.64 -36.12 22.79
N GLU A 699 2.39 -35.06 23.11
CA GLU A 699 3.65 -35.18 23.85
C GLU A 699 3.54 -34.32 25.10
N PRO A 700 3.04 -34.88 26.21
CA PRO A 700 2.80 -34.07 27.40
C PRO A 700 4.05 -33.61 28.13
N ASN A 701 5.24 -34.06 27.72
CA ASN A 701 6.46 -33.63 28.39
C ASN A 701 7.64 -33.64 27.42
N LEU A 702 8.41 -32.57 27.42
CA LEU A 702 9.57 -32.38 26.57
C LEU A 702 10.26 -31.09 26.97
N ASN A 703 11.58 -31.06 26.84
CA ASN A 703 12.34 -29.85 27.13
C ASN A 703 12.41 -29.02 25.85
N LEU A 704 11.55 -28.00 25.76
CA LEU A 704 11.58 -27.11 24.61
C LEU A 704 12.81 -26.22 24.60
N LYS A 705 13.35 -25.90 25.78
CA LYS A 705 14.49 -24.99 25.85
C LYS A 705 15.68 -25.54 25.09
N GLY A 706 16.02 -26.81 25.32
CA GLY A 706 17.15 -27.39 24.63
C GLY A 706 16.97 -27.43 23.13
N TYR A 707 15.77 -27.77 22.67
CA TYR A 707 15.50 -27.82 21.24
C TYR A 707 15.44 -26.44 20.60
N LEU A 708 15.21 -25.38 21.39
CA LEU A 708 15.00 -24.06 20.82
C LEU A 708 16.25 -23.20 20.83
N GLN A 709 16.93 -23.10 21.97
CA GLN A 709 18.05 -22.16 22.03
C GLN A 709 19.32 -22.75 21.44
N ASN A 710 19.18 -23.43 20.32
CA ASN A 710 20.35 -23.84 19.54
C ASN A 710 20.09 -23.80 18.04
N ALA A 711 18.92 -23.36 17.59
CA ALA A 711 18.59 -23.37 16.18
C ALA A 711 18.77 -22.03 15.50
N TYR A 712 18.87 -20.95 16.27
CA TYR A 712 19.00 -19.60 15.70
C TYR A 712 20.28 -18.93 16.18
N VAL A 713 21.31 -19.72 16.49
CA VAL A 713 22.55 -19.12 16.95
C VAL A 713 23.27 -18.51 15.75
N HIS A 714 23.73 -19.37 14.86
CA HIS A 714 24.39 -19.03 13.60
C HIS A 714 24.71 -20.36 12.94
N PRO A 715 24.92 -20.43 11.63
CA PRO A 715 25.48 -21.66 11.05
C PRO A 715 26.91 -21.92 11.47
N VAL A 716 27.66 -20.87 11.84
CA VAL A 716 29.07 -21.06 12.21
C VAL A 716 29.20 -21.76 13.55
N PHE A 717 28.41 -21.35 14.54
CA PHE A 717 28.44 -22.02 15.84
C PHE A 717 27.81 -23.39 15.69
N LYS A 718 28.64 -24.42 15.54
CA LYS A 718 28.14 -25.78 15.39
C LYS A 718 27.41 -26.22 16.65
N THR B 3 0.65 48.95 -10.51
CA THR B 3 -0.32 48.07 -9.88
C THR B 3 0.17 47.65 -8.50
N LEU B 4 1.47 47.80 -8.27
CA LEU B 4 2.03 47.50 -6.95
C LEU B 4 1.40 48.40 -5.90
N GLN B 5 1.25 49.69 -6.20
CA GLN B 5 0.49 50.57 -5.33
C GLN B 5 -0.95 50.09 -5.22
N ASP B 6 -1.55 49.67 -6.34
CA ASP B 6 -2.92 49.18 -6.30
C ASP B 6 -3.04 47.93 -5.44
N ILE B 7 -2.07 47.01 -5.55
CA ILE B 7 -2.16 45.80 -4.74
C ILE B 7 -1.94 46.12 -3.27
N GLY B 8 -1.06 47.08 -2.96
CA GLY B 8 -0.91 47.50 -1.58
C GLY B 8 -2.18 48.11 -1.03
N VAL B 9 -2.85 48.95 -1.83
CA VAL B 9 -4.08 49.59 -1.39
C VAL B 9 -5.19 48.57 -1.19
N SER B 10 -5.33 47.62 -2.12
CA SER B 10 -6.36 46.59 -1.98
C SER B 10 -6.09 45.71 -0.76
N ALA B 11 -4.83 45.36 -0.53
CA ALA B 11 -4.48 44.60 0.67
C ALA B 11 -4.83 45.38 1.92
N GLY B 12 -4.52 46.68 1.94
CA GLY B 12 -4.87 47.50 3.07
C GLY B 12 -6.36 47.57 3.31
N ILE B 13 -7.14 47.69 2.23
CA ILE B 13 -8.59 47.75 2.38
C ILE B 13 -9.12 46.45 2.95
N ASN B 14 -8.66 45.31 2.41
CA ASN B 14 -9.14 44.03 2.90
C ASN B 14 -8.75 43.79 4.35
N ILE B 15 -7.51 44.11 4.72
CA ILE B 15 -7.07 43.89 6.09
C ILE B 15 -7.75 44.87 7.04
N LEU B 16 -8.08 46.07 6.56
CA LEU B 16 -8.82 47.01 7.39
C LEU B 16 -10.25 46.54 7.61
N SER B 17 -10.88 45.97 6.58
CA SER B 17 -12.17 45.33 6.78
C SER B 17 -12.06 44.16 7.76
N ALA B 18 -10.94 43.45 7.71
CA ALA B 18 -10.70 42.40 8.70
C ALA B 18 -10.69 42.95 10.11
N PHE B 19 -9.95 44.04 10.34
CA PHE B 19 -9.97 44.65 11.66
C PHE B 19 -11.34 45.24 12.01
N VAL B 20 -12.11 45.65 11.01
CA VAL B 20 -13.46 46.15 11.29
C VAL B 20 -14.35 45.03 11.80
N PHE B 21 -14.24 43.85 11.18
CA PHE B 21 -14.96 42.69 11.71
C PHE B 21 -14.44 42.31 13.08
N PHE B 22 -13.13 42.45 13.30
CA PHE B 22 -12.56 42.18 14.62
C PHE B 22 -13.04 43.18 15.67
N ILE B 23 -13.42 44.39 15.24
CA ILE B 23 -13.89 45.39 16.20
C ILE B 23 -15.39 45.31 16.43
N ILE B 24 -16.16 44.84 15.45
CA ILE B 24 -17.55 44.49 15.76
C ILE B 24 -17.57 43.21 16.61
N PHE B 25 -16.48 42.44 16.57
CA PHE B 25 -16.30 41.38 17.56
C PHE B 25 -16.23 41.94 18.97
N ALA B 26 -15.93 43.23 19.12
CA ALA B 26 -15.92 43.85 20.43
C ALA B 26 -17.29 44.37 20.85
N VAL B 27 -18.38 43.85 20.29
CA VAL B 27 -19.71 44.25 20.72
C VAL B 27 -20.18 43.40 21.89
N LEU B 28 -19.79 42.13 21.93
CA LEU B 28 -20.14 41.30 23.07
C LEU B 28 -19.44 41.81 24.33
N ARG B 29 -20.05 41.52 25.47
CA ARG B 29 -19.58 41.95 26.80
C ARG B 29 -19.75 43.45 27.03
N LEU B 30 -20.49 44.12 26.15
CA LEU B 30 -20.96 45.47 26.42
C LEU B 30 -22.47 45.53 26.28
N GLN B 31 -23.00 44.76 25.33
CA GLN B 31 -24.43 44.67 25.11
C GLN B 31 -25.11 43.97 26.28
N PRO B 32 -26.36 44.32 26.57
CA PRO B 32 -27.16 43.53 27.51
C PRO B 32 -27.18 42.06 27.12
N PHE B 33 -27.03 41.19 28.13
CA PHE B 33 -27.08 39.73 28.04
C PHE B 33 -25.83 39.14 27.41
N ASN B 34 -24.99 39.96 26.77
CA ASN B 34 -23.55 39.73 26.54
C ASN B 34 -23.21 38.27 26.23
N ASP B 35 -24.03 37.64 25.39
CA ASP B 35 -23.80 36.25 25.02
C ASP B 35 -24.10 36.04 23.54
N ARG B 36 -23.64 36.95 22.70
CA ARG B 36 -23.88 36.81 21.26
C ARG B 36 -23.22 35.55 20.72
N VAL B 37 -21.89 35.51 20.69
CA VAL B 37 -21.21 34.23 20.60
C VAL B 37 -21.56 33.44 21.84
N TYR B 38 -22.02 32.21 21.66
CA TYR B 38 -22.58 31.53 22.83
C TYR B 38 -21.54 31.35 23.92
N PHE B 39 -20.26 31.50 23.59
CA PHE B 39 -19.23 31.65 24.61
C PHE B 39 -19.25 30.44 25.53
N SER B 40 -19.16 29.25 24.93
CA SER B 40 -19.40 28.00 25.64
C SER B 40 -18.35 27.71 26.71
N LYS B 41 -17.39 28.61 26.91
CA LYS B 41 -16.27 28.42 27.82
C LYS B 41 -16.66 27.73 29.13
N TRP B 42 -17.80 28.11 29.73
CA TRP B 42 -18.23 27.43 30.92
C TRP B 42 -19.16 26.27 30.63
N TYR B 43 -19.61 26.14 29.37
CA TYR B 43 -20.59 25.13 28.99
C TYR B 43 -20.01 24.16 27.97
N LEU B 44 -18.89 24.52 27.35
CA LEU B 44 -18.16 23.66 26.42
C LEU B 44 -17.96 22.27 27.01
N LYS B 45 -17.29 22.19 28.16
CA LYS B 45 -17.19 20.94 28.90
C LYS B 45 -17.69 21.14 30.32
N GLY B 46 -18.74 21.93 30.47
CA GLY B 46 -19.33 22.18 31.78
C GLY B 46 -18.38 22.80 32.78
N LEU B 47 -17.60 23.80 32.35
CA LEU B 47 -16.55 24.33 33.21
C LEU B 47 -17.11 24.98 34.46
N ARG B 48 -18.38 25.40 34.43
CA ARG B 48 -19.09 25.70 35.67
C ARG B 48 -20.55 25.29 35.59
N SER B 49 -20.91 24.52 34.56
CA SER B 49 -22.28 24.06 34.42
C SER B 49 -22.62 23.05 35.51
N SER B 50 -23.85 23.15 36.01
CA SER B 50 -24.35 22.26 37.06
C SER B 50 -23.45 22.25 38.29
N VAL B 62 -28.94 50.79 34.89
CA VAL B 62 -28.86 49.35 34.68
C VAL B 62 -27.94 49.03 33.50
N ASN B 63 -26.71 48.62 33.83
CA ASN B 63 -25.70 48.27 32.82
C ASN B 63 -25.36 49.46 31.92
N LEU B 64 -25.17 50.62 32.57
CA LEU B 64 -24.85 51.85 31.85
C LEU B 64 -23.38 52.26 31.97
N ASP B 65 -22.78 52.07 33.14
CA ASP B 65 -21.40 52.44 33.36
C ASP B 65 -20.51 51.21 33.33
N PHE B 66 -19.23 51.40 33.68
CA PHE B 66 -18.25 50.31 33.77
C PHE B 66 -18.07 49.59 32.44
N ARG B 67 -17.75 50.37 31.41
CA ARG B 67 -17.38 49.78 30.13
C ARG B 67 -15.93 49.32 30.13
N SER B 68 -15.05 50.10 30.77
CA SER B 68 -13.67 49.73 31.05
C SER B 68 -12.82 49.63 29.80
N TYR B 69 -13.43 49.78 28.63
CA TYR B 69 -12.72 49.88 27.35
C TYR B 69 -11.75 48.69 27.16
N MET B 70 -12.36 47.51 27.00
CA MET B 70 -11.57 46.29 26.77
C MET B 70 -10.61 46.46 25.59
N LYS B 71 -11.09 47.09 24.52
CA LYS B 71 -10.28 47.35 23.32
C LYS B 71 -9.67 46.06 22.76
N PHE B 72 -10.44 44.96 22.81
CA PHE B 72 -10.06 43.64 22.33
C PHE B 72 -8.67 43.21 22.82
N LEU B 73 -8.17 43.86 23.86
CA LEU B 73 -6.94 43.44 24.51
C LEU B 73 -7.19 42.35 25.54
N ASN B 74 -8.46 42.10 25.88
CA ASN B 74 -8.79 41.10 26.87
C ASN B 74 -8.88 39.69 26.29
N TRP B 75 -8.89 39.56 24.95
CA TRP B 75 -8.83 38.25 24.33
C TRP B 75 -7.58 38.05 23.47
N MET B 76 -7.02 39.13 22.93
CA MET B 76 -5.97 39.01 21.92
C MET B 76 -4.75 38.23 22.40
N PRO B 77 -4.16 38.51 23.57
CA PRO B 77 -2.90 37.83 23.91
C PRO B 77 -3.05 36.47 24.57
N GLU B 78 -4.12 36.25 25.35
CA GLU B 78 -4.16 35.04 26.16
C GLU B 78 -4.58 33.82 25.35
N ALA B 79 -5.15 34.04 24.16
CA ALA B 79 -5.28 32.94 23.23
C ALA B 79 -3.93 32.33 22.90
N LEU B 80 -2.86 33.12 23.02
CA LEU B 80 -1.51 32.60 23.03
C LEU B 80 -1.03 32.28 24.44
N LYS B 81 -1.53 32.99 25.45
CA LYS B 81 -1.12 32.80 26.84
C LYS B 81 -1.97 31.70 27.49
N MET B 82 -1.61 30.46 27.18
CA MET B 82 -2.19 29.27 27.79
C MET B 82 -1.18 28.15 27.63
N PRO B 83 -0.88 27.41 28.69
CA PRO B 83 -0.05 26.22 28.52
C PRO B 83 -0.74 25.24 27.57
N GLU B 84 0.08 24.46 26.87
CA GLU B 84 -0.48 23.62 25.81
C GLU B 84 -1.12 22.34 26.35
N PRO B 85 -0.52 21.62 27.30
CA PRO B 85 -1.30 20.57 27.98
C PRO B 85 -2.61 21.06 28.54
N GLU B 86 -2.64 22.28 29.07
CA GLU B 86 -3.90 22.85 29.52
C GLU B 86 -4.89 22.93 28.38
N LEU B 87 -4.45 23.34 27.20
CA LEU B 87 -5.33 23.37 26.04
C LEU B 87 -5.80 21.97 25.67
N ILE B 88 -4.91 20.98 25.74
CA ILE B 88 -5.29 19.61 25.40
C ILE B 88 -6.42 19.13 26.30
N ASP B 89 -6.25 19.31 27.62
CA ASP B 89 -7.33 18.94 28.53
C ASP B 89 -8.55 19.83 28.34
N HIS B 90 -8.35 21.05 27.84
CA HIS B 90 -9.45 21.98 27.66
C HIS B 90 -10.36 21.56 26.50
N ALA B 91 -9.78 21.09 25.41
CA ALA B 91 -10.55 20.75 24.22
C ALA B 91 -10.34 19.33 23.74
N GLY B 92 -9.12 18.81 23.85
CA GLY B 92 -8.83 17.49 23.34
C GLY B 92 -7.65 17.51 22.39
N LEU B 93 -7.03 16.35 22.17
CA LEU B 93 -5.85 16.30 21.31
C LEU B 93 -6.22 16.59 19.87
N ASP B 94 -7.42 16.21 19.44
CA ASP B 94 -7.84 16.47 18.07
C ASP B 94 -7.74 17.95 17.74
N SER B 95 -8.29 18.80 18.61
CA SER B 95 -8.36 20.22 18.31
C SER B 95 -6.99 20.89 18.48
N VAL B 96 -6.20 20.44 19.45
CA VAL B 96 -4.86 20.98 19.60
C VAL B 96 -4.02 20.69 18.37
N VAL B 97 -4.11 19.46 17.84
CA VAL B 97 -3.41 19.16 16.60
C VAL B 97 -4.01 19.93 15.43
N TYR B 98 -5.32 20.10 15.41
CA TYR B 98 -5.95 20.83 14.31
C TYR B 98 -5.67 22.33 14.39
N LEU B 99 -5.08 22.81 15.49
CA LEU B 99 -4.46 24.13 15.47
C LEU B 99 -2.98 24.05 15.16
N ARG B 100 -2.32 22.99 15.60
CA ARG B 100 -0.93 22.79 15.24
C ARG B 100 -0.75 22.67 13.74
N ILE B 101 -1.82 22.39 12.99
CA ILE B 101 -1.71 22.43 11.54
C ILE B 101 -1.48 23.85 11.04
N TYR B 102 -2.20 24.82 11.59
CA TYR B 102 -1.95 26.22 11.23
C TYR B 102 -0.59 26.67 11.73
N TRP B 103 -0.21 26.24 12.93
CA TRP B 103 1.13 26.56 13.43
C TRP B 103 2.19 25.99 12.51
N LEU B 104 2.01 24.75 12.06
CA LEU B 104 2.90 24.16 11.08
C LEU B 104 3.00 25.05 9.85
N GLY B 105 1.85 25.40 9.27
CA GLY B 105 1.87 26.23 8.06
C GLY B 105 2.67 27.51 8.26
N LEU B 106 2.50 28.15 9.42
CA LEU B 106 3.33 29.30 9.75
C LEU B 106 4.82 28.93 9.74
N LYS B 107 5.15 27.76 10.29
CA LYS B 107 6.56 27.36 10.34
C LYS B 107 7.13 27.08 8.95
N ILE B 108 6.30 26.56 8.04
CA ILE B 108 6.77 26.42 6.66
C ILE B 108 7.03 27.79 6.06
N PHE B 109 6.08 28.70 6.17
CA PHE B 109 6.10 29.85 5.29
C PHE B 109 6.65 31.13 5.91
N THR B 110 7.13 31.10 7.15
CA THR B 110 7.88 32.30 7.52
C THR B 110 9.34 32.27 7.06
N PRO B 111 10.10 31.17 7.22
CA PRO B 111 11.48 31.21 6.73
C PRO B 111 11.55 31.23 5.23
N ILE B 112 10.68 30.47 4.57
CA ILE B 112 10.60 30.53 3.12
C ILE B 112 10.31 31.95 2.67
N ALA B 113 9.38 32.63 3.34
CA ALA B 113 9.06 34.00 2.94
C ALA B 113 10.27 34.92 3.06
N VAL B 114 10.91 34.92 4.23
CA VAL B 114 12.01 35.87 4.42
C VAL B 114 13.16 35.56 3.47
N LEU B 115 13.52 34.28 3.33
CA LEU B 115 14.65 33.93 2.49
C LEU B 115 14.33 34.14 1.01
N ALA B 116 13.12 33.80 0.59
CA ALA B 116 12.71 33.98 -0.79
C ALA B 116 12.76 35.45 -1.16
N TRP B 117 12.19 36.32 -0.33
CA TRP B 117 12.30 37.75 -0.60
C TRP B 117 13.76 38.16 -0.70
N ALA B 118 14.50 37.99 0.40
CA ALA B 118 15.86 38.51 0.51
C ALA B 118 16.83 37.96 -0.54
N VAL B 119 16.54 36.80 -1.15
CA VAL B 119 17.46 36.29 -2.16
C VAL B 119 16.91 36.48 -3.56
N LEU B 120 15.69 36.00 -3.82
CA LEU B 120 15.11 36.13 -5.15
C LEU B 120 14.93 37.59 -5.54
N VAL B 121 14.16 38.36 -4.77
CA VAL B 121 13.72 39.67 -5.23
C VAL B 121 14.88 40.54 -5.68
N PRO B 122 16.02 40.60 -4.98
CA PRO B 122 17.20 41.25 -5.57
C PRO B 122 17.63 40.59 -6.88
N VAL B 123 17.91 39.29 -6.84
CA VAL B 123 18.36 38.58 -8.04
C VAL B 123 17.29 38.63 -9.12
N ASN B 124 16.02 38.54 -8.72
CA ASN B 124 14.92 38.52 -9.66
C ASN B 124 14.78 39.86 -10.36
N TRP B 125 14.76 40.96 -9.60
CA TRP B 125 14.51 42.28 -10.14
C TRP B 125 15.81 43.04 -10.41
N THR B 126 16.62 42.53 -11.34
CA THR B 126 17.86 43.18 -11.70
C THR B 126 18.12 43.07 -13.20
N ASN B 127 17.18 42.50 -13.96
CA ASN B 127 17.46 42.14 -15.34
C ASN B 127 17.79 43.36 -16.20
N ASN B 128 17.18 44.50 -15.92
CA ASN B 128 17.43 45.69 -16.73
C ASN B 128 18.87 46.15 -16.62
N THR B 129 19.38 46.27 -15.39
CA THR B 129 20.76 46.66 -15.13
C THR B 129 21.02 46.45 -13.65
N LEU B 130 22.28 46.65 -13.25
CA LEU B 130 22.69 46.47 -11.86
C LEU B 130 23.57 47.64 -11.44
N GLU B 131 23.55 47.92 -10.13
CA GLU B 131 24.39 48.94 -9.50
C GLU B 131 24.14 50.32 -10.14
N MET B 132 22.90 50.78 -9.96
CA MET B 132 22.45 52.02 -10.58
C MET B 132 22.10 53.02 -9.48
N ALA B 133 21.65 54.20 -9.88
CA ALA B 133 21.23 55.23 -8.95
C ALA B 133 19.71 55.33 -8.81
N LYS B 134 18.95 54.44 -9.46
CA LYS B 134 17.50 54.51 -9.40
C LYS B 134 16.94 54.01 -8.07
N GLN B 135 17.79 53.46 -7.19
CA GLN B 135 17.31 52.93 -5.92
C GLN B 135 16.63 54.02 -5.09
N LEU B 136 17.21 55.22 -5.06
CA LEU B 136 16.62 56.33 -4.32
C LEU B 136 15.43 56.95 -5.04
N ARG B 137 15.20 56.61 -6.30
CA ARG B 137 14.10 57.20 -7.07
C ARG B 137 12.80 56.45 -6.81
N ASN B 138 11.69 57.11 -7.15
CA ASN B 138 10.38 56.53 -6.96
C ASN B 138 10.15 55.29 -7.82
N VAL B 139 10.94 55.10 -8.87
CA VAL B 139 10.82 53.91 -9.71
C VAL B 139 11.17 52.64 -8.95
N THR B 140 11.74 52.75 -7.75
CA THR B 140 12.07 51.57 -6.96
C THR B 140 10.83 50.78 -6.59
N SER B 141 9.76 51.45 -6.18
CA SER B 141 8.57 50.80 -5.68
C SER B 141 7.32 51.43 -6.27
N SER B 142 7.32 51.69 -7.57
CA SER B 142 6.15 52.26 -8.24
C SER B 142 5.85 51.61 -9.58
N ASP B 143 6.58 50.57 -9.97
CA ASP B 143 6.38 49.93 -11.26
C ASP B 143 5.41 48.76 -11.12
N ILE B 144 5.27 47.97 -12.18
CA ILE B 144 4.41 46.81 -12.15
C ILE B 144 4.97 45.79 -11.18
N ASP B 145 4.08 44.99 -10.58
CA ASP B 145 4.51 43.99 -9.61
C ASP B 145 4.99 42.73 -10.34
N LYS B 146 5.91 42.90 -11.28
CA LYS B 146 6.50 41.78 -12.01
C LYS B 146 7.96 41.60 -11.63
N LEU B 147 8.26 41.76 -10.35
CA LEU B 147 9.54 41.29 -9.84
C LEU B 147 9.39 39.81 -9.51
N SER B 148 8.84 39.06 -10.46
CA SER B 148 8.60 37.63 -10.36
C SER B 148 9.45 36.93 -11.41
N VAL B 149 9.39 35.60 -11.43
CA VAL B 149 10.17 34.81 -12.37
C VAL B 149 9.87 35.21 -13.80
N SER B 150 8.73 35.83 -14.07
CA SER B 150 8.40 36.30 -15.40
C SER B 150 9.30 37.45 -15.85
N ASN B 151 10.02 38.08 -14.92
CA ASN B 151 10.87 39.21 -15.29
C ASN B 151 12.14 38.75 -15.97
N ILE B 152 12.65 37.57 -15.62
CA ILE B 152 13.96 37.14 -16.08
C ILE B 152 13.89 36.77 -17.57
N PRO B 153 14.79 37.27 -18.41
CA PRO B 153 14.87 36.79 -19.80
C PRO B 153 15.01 35.28 -19.91
N GLU B 154 14.87 34.76 -21.13
CA GLU B 154 14.70 33.33 -21.32
C GLU B 154 15.90 32.54 -20.82
N TYR B 155 17.06 32.71 -21.46
CA TYR B 155 18.18 31.81 -21.25
C TYR B 155 19.14 32.26 -20.16
N SER B 156 18.79 33.30 -19.40
CA SER B 156 19.71 33.82 -18.40
C SER B 156 19.94 32.81 -17.29
N MET B 157 21.19 32.76 -16.80
CA MET B 157 21.55 31.81 -15.76
C MET B 157 20.95 32.15 -14.40
N ARG B 158 20.32 33.33 -14.26
CA ARG B 158 19.69 33.68 -12.99
C ARG B 158 18.65 32.66 -12.58
N PHE B 159 18.06 31.95 -13.56
CA PHE B 159 17.07 30.92 -13.24
C PHE B 159 17.64 29.89 -12.29
N TRP B 160 18.95 29.64 -12.34
CA TRP B 160 19.56 28.69 -11.43
C TRP B 160 19.21 29.01 -9.99
N THR B 161 19.24 30.29 -9.63
CA THR B 161 18.86 30.69 -8.28
C THR B 161 17.50 30.11 -7.91
N HIS B 162 16.51 30.33 -8.76
CA HIS B 162 15.18 29.80 -8.49
C HIS B 162 15.25 28.32 -8.20
N ILE B 163 15.99 27.58 -9.02
CA ILE B 163 16.11 26.14 -8.83
C ILE B 163 16.54 25.84 -7.41
N VAL B 164 17.66 26.43 -6.97
CA VAL B 164 18.19 26.06 -5.66
C VAL B 164 17.18 26.43 -4.59
N MET B 165 16.48 27.56 -4.78
CA MET B 165 15.48 27.96 -3.79
C MET B 165 14.47 26.85 -3.59
N ALA B 166 13.96 26.29 -4.69
CA ALA B 166 13.01 25.19 -4.57
C ALA B 166 13.60 24.10 -3.70
N TYR B 167 14.82 23.66 -4.02
CA TYR B 167 15.50 22.67 -3.21
C TYR B 167 15.46 23.07 -1.75
N ALA B 168 15.98 24.25 -1.45
CA ALA B 168 16.02 24.71 -0.07
C ALA B 168 14.63 24.63 0.53
N PHE B 169 13.65 25.21 -0.16
CA PHE B 169 12.30 25.21 0.39
C PHE B 169 11.84 23.80 0.68
N THR B 170 11.99 22.92 -0.32
CA THR B 170 11.60 21.52 -0.11
C THR B 170 12.26 20.98 1.14
N ILE B 171 13.59 21.11 1.21
CA ILE B 171 14.31 20.57 2.36
C ILE B 171 13.74 21.16 3.63
N TRP B 172 13.60 22.50 3.66
CA TRP B 172 13.10 23.12 4.87
C TRP B 172 11.71 22.59 5.20
N THR B 173 10.84 22.52 4.20
CA THR B 173 9.51 21.97 4.46
C THR B 173 9.63 20.58 5.02
N CYS B 174 10.44 19.73 4.38
CA CYS B 174 10.61 18.38 4.87
C CYS B 174 11.01 18.41 6.34
N TYR B 175 11.96 19.28 6.68
CA TYR B 175 12.39 19.39 8.07
C TYR B 175 11.21 19.54 8.99
N VAL B 176 10.42 20.60 8.79
CA VAL B 176 9.32 20.82 9.73
C VAL B 176 8.37 19.64 9.66
N LEU B 177 8.09 19.15 8.45
CA LEU B 177 7.15 18.04 8.31
C LEU B 177 7.63 16.81 9.05
N MET B 178 8.94 16.62 9.18
CA MET B 178 9.42 15.55 10.04
C MET B 178 9.25 15.93 11.51
N LYS B 179 9.80 17.09 11.89
CA LYS B 179 9.80 17.48 13.30
C LYS B 179 8.38 17.55 13.84
N GLU B 180 7.55 18.41 13.25
CA GLU B 180 6.11 18.41 13.48
C GLU B 180 5.56 17.01 13.67
N TYR B 181 5.82 16.14 12.71
CA TYR B 181 5.23 14.81 12.75
C TYR B 181 5.59 14.14 14.06
N GLU B 182 6.89 14.10 14.38
CA GLU B 182 7.36 13.50 15.62
C GLU B 182 6.63 14.09 16.81
N THR B 183 6.54 15.43 16.86
CA THR B 183 5.89 16.08 17.98
C THR B 183 4.50 15.52 18.20
N ILE B 184 3.69 15.50 17.14
CA ILE B 184 2.32 15.07 17.32
C ILE B 184 2.29 13.61 17.74
N ALA B 185 3.19 12.80 17.18
CA ALA B 185 3.27 11.41 17.60
C ALA B 185 3.42 11.33 19.11
N ASN B 186 4.40 12.06 19.65
CA ASN B 186 4.61 12.01 21.08
C ASN B 186 3.34 12.39 21.82
N MET B 187 2.68 13.44 21.34
CA MET B 187 1.48 13.92 22.02
C MET B 187 0.43 12.83 22.09
N ARG B 188 0.20 12.15 20.96
CA ARG B 188 -0.79 11.08 20.98
C ARG B 188 -0.40 10.03 22.01
N LEU B 189 0.88 9.65 22.03
CA LEU B 189 1.33 8.69 23.03
C LEU B 189 1.14 9.27 24.42
N GLN B 190 1.55 10.52 24.63
CA GLN B 190 1.36 11.12 25.94
C GLN B 190 -0.13 11.23 26.27
N PHE B 191 -0.98 11.23 25.25
CA PHE B 191 -2.42 11.19 25.51
C PHE B 191 -2.85 9.80 25.96
N VAL B 192 -2.38 8.75 25.29
CA VAL B 192 -2.91 7.43 25.59
C VAL B 192 -2.39 6.94 26.93
N ALA B 193 -1.11 7.16 27.21
CA ALA B 193 -0.54 6.66 28.46
C ALA B 193 -1.11 7.39 29.66
N SER B 194 -1.26 8.70 29.57
CA SER B 194 -1.76 9.52 30.68
C SER B 194 -3.20 9.90 30.39
N GLU B 195 -4.13 9.05 30.84
CA GLU B 195 -5.54 9.35 30.72
C GLU B 195 -6.29 8.54 31.77
N ALA B 196 -7.57 8.87 31.95
CA ALA B 196 -8.38 8.32 33.03
C ALA B 196 -9.47 7.43 32.45
N ARG B 197 -9.22 6.12 32.42
CA ARG B 197 -10.25 5.10 32.31
C ARG B 197 -11.08 5.26 31.02
N ARG B 198 -10.41 5.02 29.90
CA ARG B 198 -11.12 4.90 28.63
C ARG B 198 -11.47 3.44 28.39
N PRO B 199 -12.75 3.09 28.27
CA PRO B 199 -13.10 1.69 27.99
C PRO B 199 -12.53 1.17 26.69
N ASP B 200 -12.34 2.04 25.69
CA ASP B 200 -11.86 1.60 24.39
C ASP B 200 -10.47 1.00 24.45
N GLN B 201 -9.71 1.28 25.51
CA GLN B 201 -8.39 0.69 25.63
C GLN B 201 -8.44 -0.78 25.99
N PHE B 202 -9.60 -1.26 26.44
CA PHE B 202 -9.75 -2.66 26.83
C PHE B 202 -10.63 -3.45 25.88
N THR B 203 -10.98 -2.90 24.72
CA THR B 203 -12.00 -3.48 23.87
C THR B 203 -11.52 -3.56 22.43
N VAL B 204 -11.94 -4.62 21.74
CA VAL B 204 -11.60 -4.88 20.35
C VAL B 204 -12.88 -5.19 19.59
N LEU B 205 -13.06 -4.54 18.45
CA LEU B 205 -14.22 -4.80 17.60
C LEU B 205 -13.94 -6.05 16.78
N VAL B 206 -14.82 -7.04 16.93
CA VAL B 206 -14.78 -8.28 16.17
C VAL B 206 -15.92 -8.25 15.16
N ARG B 207 -15.60 -8.49 13.90
CA ARG B 207 -16.55 -8.33 12.81
C ARG B 207 -16.48 -9.52 11.88
N ASN B 208 -17.60 -9.81 11.22
CA ASN B 208 -17.70 -10.90 10.24
C ASN B 208 -17.39 -12.25 10.87
N VAL B 209 -18.09 -12.57 11.96
CA VAL B 209 -17.98 -13.91 12.50
C VAL B 209 -18.80 -14.80 11.58
N PRO B 210 -18.44 -16.07 11.39
CA PRO B 210 -19.14 -16.90 10.43
C PRO B 210 -20.41 -17.45 11.03
N PRO B 211 -21.43 -17.70 10.21
CA PRO B 211 -22.64 -18.34 10.73
C PRO B 211 -22.36 -19.77 11.12
N ASP B 212 -23.11 -20.25 12.11
CA ASP B 212 -23.04 -21.63 12.54
C ASP B 212 -24.43 -22.23 12.46
N ALA B 213 -24.49 -23.56 12.45
CA ALA B 213 -25.77 -24.23 12.22
C ALA B 213 -26.77 -23.89 13.32
N ASP B 214 -26.52 -24.35 14.54
CA ASP B 214 -27.38 -24.06 15.70
C ASP B 214 -26.48 -23.61 16.84
N GLU B 215 -26.12 -22.33 16.84
CA GLU B 215 -25.39 -21.71 17.95
C GLU B 215 -25.57 -20.20 17.86
N SER B 216 -25.96 -19.60 18.98
CA SER B 216 -26.09 -18.15 19.03
C SER B 216 -24.74 -17.50 18.79
N VAL B 217 -24.77 -16.27 18.28
CA VAL B 217 -23.53 -15.56 17.98
C VAL B 217 -22.71 -15.35 19.24
N SER B 218 -23.37 -15.01 20.35
CA SER B 218 -22.66 -14.85 21.61
C SER B 218 -21.97 -16.15 22.01
N GLU B 219 -22.62 -17.28 21.77
CA GLU B 219 -21.99 -18.57 22.06
C GLU B 219 -20.73 -18.75 21.23
N LEU B 220 -20.81 -18.42 19.94
CA LEU B 220 -19.63 -18.51 19.07
C LEU B 220 -18.49 -17.67 19.60
N VAL B 221 -18.78 -16.41 19.95
CA VAL B 221 -17.72 -15.51 20.39
C VAL B 221 -17.15 -15.98 21.72
N GLU B 222 -18.00 -16.40 22.64
CA GLU B 222 -17.54 -16.92 23.92
C GLU B 222 -16.58 -18.08 23.71
N HIS B 223 -16.99 -19.08 22.93
CA HIS B 223 -16.15 -20.24 22.74
C HIS B 223 -14.85 -19.87 22.05
N PHE B 224 -14.94 -19.03 21.02
CA PHE B 224 -13.76 -18.69 20.22
C PHE B 224 -12.73 -17.95 21.06
N PHE B 225 -13.17 -16.95 21.83
CA PHE B 225 -12.23 -16.14 22.59
C PHE B 225 -11.91 -16.74 23.95
N LEU B 226 -12.59 -17.82 24.34
CA LEU B 226 -12.16 -18.56 25.52
C LEU B 226 -11.10 -19.60 25.14
N VAL B 227 -11.24 -20.21 23.96
CA VAL B 227 -10.25 -21.17 23.51
C VAL B 227 -8.97 -20.47 23.08
N ASN B 228 -9.09 -19.37 22.32
CA ASN B 228 -7.94 -18.76 21.68
C ASN B 228 -7.34 -17.58 22.44
N HIS B 229 -8.09 -16.96 23.33
CA HIS B 229 -7.57 -15.86 24.15
C HIS B 229 -7.88 -16.12 25.61
N PRO B 230 -7.27 -17.15 26.20
CA PRO B 230 -7.46 -17.39 27.62
C PRO B 230 -6.59 -16.43 28.43
N ASP B 231 -6.66 -16.59 29.76
CA ASP B 231 -5.98 -15.73 30.71
C ASP B 231 -6.47 -14.28 30.61
N HIS B 232 -7.43 -14.03 29.75
CA HIS B 232 -7.92 -12.71 29.38
C HIS B 232 -9.38 -12.89 28.99
N TYR B 233 -9.91 -11.96 28.19
CA TYR B 233 -11.30 -12.02 27.74
C TYR B 233 -12.25 -11.89 28.94
N LEU B 234 -12.24 -10.68 29.50
CA LEU B 234 -13.15 -10.35 30.59
C LEU B 234 -14.60 -10.60 30.18
N THR B 235 -15.01 -10.07 29.04
CA THR B 235 -16.41 -10.17 28.61
C THR B 235 -16.51 -9.75 27.14
N HIS B 236 -17.73 -9.74 26.63
CA HIS B 236 -18.01 -9.38 25.25
C HIS B 236 -19.45 -8.93 25.15
N GLN B 237 -19.69 -8.00 24.22
CA GLN B 237 -21.03 -7.49 23.95
C GLN B 237 -21.34 -7.72 22.48
N VAL B 238 -22.43 -8.38 22.20
CA VAL B 238 -22.84 -8.65 20.83
C VAL B 238 -23.81 -7.55 20.40
N VAL B 239 -23.81 -7.25 19.10
CA VAL B 239 -24.57 -6.14 18.58
C VAL B 239 -25.84 -6.63 17.91
N CYS B 240 -26.79 -5.72 17.72
CA CYS B 240 -28.13 -6.06 17.28
C CYS B 240 -28.76 -4.85 16.59
N ASN B 241 -29.78 -5.13 15.79
CA ASN B 241 -30.55 -4.07 15.14
C ASN B 241 -31.74 -3.72 16.03
N ALA B 242 -31.59 -2.65 16.79
CA ALA B 242 -32.64 -2.17 17.69
C ALA B 242 -33.20 -0.88 17.10
N ASN B 243 -34.16 -1.02 16.19
CA ASN B 243 -34.83 0.13 15.59
C ASN B 243 -36.05 0.56 16.38
N LYS B 244 -36.91 -0.40 16.76
CA LYS B 244 -38.09 -0.07 17.56
C LYS B 244 -37.68 0.57 18.88
N LEU B 245 -36.70 -0.02 19.56
CA LEU B 245 -36.19 0.57 20.79
C LEU B 245 -35.69 1.99 20.55
N ALA B 246 -35.09 2.26 19.38
CA ALA B 246 -34.55 3.58 19.11
C ALA B 246 -35.64 4.63 19.02
N ASP B 247 -36.68 4.37 18.22
CA ASP B 247 -37.77 5.34 18.12
C ASP B 247 -38.49 5.50 19.45
N LEU B 248 -38.67 4.40 20.19
CA LEU B 248 -39.34 4.50 21.48
C LEU B 248 -38.54 5.36 22.45
N VAL B 249 -37.21 5.18 22.49
CA VAL B 249 -36.42 6.00 23.42
C VAL B 249 -36.37 7.45 22.95
N LYS B 250 -36.42 7.69 21.64
CA LYS B 250 -36.52 9.07 21.16
C LYS B 250 -37.82 9.71 21.63
N LYS B 251 -38.93 8.99 21.53
CA LYS B 251 -40.20 9.48 22.04
C LYS B 251 -40.12 9.72 23.54
N LYS B 252 -39.43 8.84 24.26
CA LYS B 252 -39.23 9.03 25.69
C LYS B 252 -38.47 10.31 25.97
N LYS B 253 -37.45 10.61 25.17
CA LYS B 253 -36.68 11.84 25.37
C LYS B 253 -37.53 13.07 25.11
N LYS B 254 -38.33 13.03 24.04
CA LYS B 254 -39.24 14.15 23.78
C LYS B 254 -40.22 14.35 24.94
N LEU B 255 -40.78 13.25 25.44
CA LEU B 255 -41.71 13.33 26.56
C LEU B 255 -41.02 13.87 27.81
N GLN B 256 -39.76 13.47 28.03
CA GLN B 256 -39.00 13.99 29.16
C GLN B 256 -38.79 15.49 29.05
N ASN B 257 -38.46 15.97 27.84
CA ASN B 257 -38.34 17.40 27.62
C ASN B 257 -39.64 18.11 27.92
N TRP B 258 -40.75 17.56 27.43
CA TRP B 258 -42.05 18.19 27.66
C TRP B 258 -42.37 18.24 29.15
N LEU B 259 -42.09 17.16 29.87
CA LEU B 259 -42.36 17.14 31.31
C LEU B 259 -41.49 18.14 32.05
N ASP B 260 -40.22 18.24 31.68
CA ASP B 260 -39.34 19.21 32.33
C ASP B 260 -39.82 20.64 32.07
N TYR B 261 -40.21 20.93 30.83
CA TYR B 261 -40.74 22.26 30.51
C TYR B 261 -42.00 22.55 31.31
N TYR B 262 -42.91 21.57 31.38
CA TYR B 262 -44.15 21.76 32.13
C TYR B 262 -43.86 22.02 33.60
N GLN B 263 -42.95 21.24 34.20
CA GLN B 263 -42.63 21.41 35.60
C GLN B 263 -42.00 22.77 35.85
N LEU B 264 -41.09 23.19 34.97
CA LEU B 264 -40.44 24.49 35.15
C LEU B 264 -41.47 25.62 35.04
N LYS B 265 -42.38 25.53 34.07
CA LYS B 265 -43.40 26.56 33.93
C LYS B 265 -44.33 26.57 35.13
N TYR B 266 -44.72 25.40 35.63
CA TYR B 266 -45.64 25.33 36.76
C TYR B 266 -45.00 25.86 38.03
N ALA B 267 -43.72 25.55 38.25
CA ALA B 267 -43.00 26.14 39.37
C ALA B 267 -42.88 27.65 39.22
N ARG B 268 -42.59 28.11 38.01
CA ARG B 268 -42.57 29.55 37.75
C ARG B 268 -43.96 30.15 37.91
N ASN B 269 -44.99 29.45 37.44
CA ASN B 269 -46.36 29.94 37.55
C ASN B 269 -47.29 28.74 37.52
N ASN B 270 -47.93 28.45 38.66
CA ASN B 270 -48.88 27.34 38.73
C ASN B 270 -50.10 27.62 37.85
N SER B 271 -50.53 28.87 37.78
CA SER B 271 -51.69 29.29 36.98
C SER B 271 -52.93 28.48 37.36
N GLN B 272 -53.12 28.28 38.67
CA GLN B 272 -54.24 27.51 39.20
C GLN B 272 -54.29 26.11 38.59
N ARG B 273 -53.13 25.47 38.47
CA ARG B 273 -52.99 24.13 37.91
C ARG B 273 -53.55 24.06 36.50
N ILE B 274 -52.90 24.80 35.60
CA ILE B 274 -53.34 24.85 34.20
C ILE B 274 -53.13 23.48 33.57
N MET B 275 -54.21 22.89 33.07
CA MET B 275 -54.20 21.55 32.49
C MET B 275 -54.59 21.67 31.01
N VAL B 276 -53.58 21.80 30.15
CA VAL B 276 -53.79 21.93 28.71
C VAL B 276 -52.96 20.87 28.01
N LYS B 277 -53.61 20.04 27.19
CA LYS B 277 -52.91 18.99 26.47
C LYS B 277 -53.75 18.57 25.28
N LEU B 278 -53.08 18.36 24.14
CA LEU B 278 -53.74 17.91 22.91
C LEU B 278 -54.88 18.85 22.51
N GLY B 279 -54.67 20.15 22.72
CA GLY B 279 -55.68 21.13 22.37
C GLY B 279 -55.82 21.37 20.89
N PHE B 280 -54.79 21.05 20.12
CA PHE B 280 -54.85 21.24 18.67
C PHE B 280 -55.91 20.34 18.04
N LEU B 281 -55.99 19.10 18.47
CA LEU B 281 -56.94 18.15 17.91
C LEU B 281 -58.36 18.34 18.43
N GLY B 282 -58.54 19.09 19.52
CA GLY B 282 -59.87 19.34 20.04
C GLY B 282 -60.37 18.25 20.98
N LEU B 283 -61.22 17.35 20.47
CA LEU B 283 -61.77 16.29 21.29
C LEU B 283 -60.70 15.32 21.79
N TRP B 284 -59.64 15.13 21.02
CA TRP B 284 -58.57 14.25 21.46
C TRP B 284 -57.81 14.87 22.63
N GLY B 285 -57.50 14.05 23.62
CA GLY B 285 -56.81 14.54 24.81
C GLY B 285 -57.68 15.28 25.80
N GLN B 286 -58.45 16.26 25.32
CA GLN B 286 -59.40 17.02 26.13
C GLN B 286 -58.73 17.81 27.25
N LYS B 287 -57.40 17.86 27.24
CA LYS B 287 -56.62 18.64 28.21
C LYS B 287 -57.01 18.27 29.65
N VAL B 288 -56.77 17.01 29.99
CA VAL B 288 -57.25 16.49 31.27
C VAL B 288 -56.44 17.10 32.43
N ASP B 289 -55.16 16.73 32.52
CA ASP B 289 -54.32 17.24 33.61
C ASP B 289 -53.00 17.80 33.10
N ALA B 290 -52.51 17.23 31.99
CA ALA B 290 -51.26 17.62 31.33
C ALA B 290 -50.02 17.35 32.17
N ILE B 291 -50.17 16.74 33.35
CA ILE B 291 -49.03 16.36 34.18
C ILE B 291 -49.07 14.86 34.50
N GLU B 292 -50.19 14.39 35.06
CA GLU B 292 -50.36 12.95 35.25
C GLU B 292 -50.37 12.22 33.91
N HIS B 293 -50.86 12.88 32.86
CA HIS B 293 -50.80 12.29 31.53
C HIS B 293 -49.36 12.00 31.15
N TYR B 294 -48.47 12.98 31.33
CA TYR B 294 -47.09 12.82 30.88
C TYR B 294 -46.37 11.75 31.68
N ILE B 295 -46.57 11.72 33.00
CA ILE B 295 -45.97 10.64 33.78
C ILE B 295 -46.58 9.30 33.37
N ALA B 296 -47.82 9.31 32.88
CA ALA B 296 -48.42 8.07 32.37
C ALA B 296 -47.68 7.59 31.14
N GLU B 297 -47.41 8.48 30.18
CA GLU B 297 -46.62 8.03 29.04
C GLU B 297 -45.21 7.63 29.48
N ILE B 298 -44.63 8.30 30.46
CA ILE B 298 -43.30 7.90 30.93
C ILE B 298 -43.33 6.46 31.43
N ASP B 299 -44.30 6.15 32.29
CA ASP B 299 -44.42 4.80 32.82
C ASP B 299 -44.66 3.79 31.72
N LYS B 300 -45.55 4.12 30.77
CA LYS B 300 -45.84 3.19 29.69
C LYS B 300 -44.61 2.91 28.85
N ILE B 301 -43.91 3.98 28.42
CA ILE B 301 -42.70 3.83 27.61
C ILE B 301 -41.69 2.98 28.35
N SER B 302 -41.46 3.28 29.62
CA SER B 302 -40.55 2.45 30.41
C SER B 302 -40.99 1.00 30.39
N LYS B 303 -42.31 0.76 30.39
CA LYS B 303 -42.81 -0.60 30.38
C LYS B 303 -42.41 -1.33 29.11
N GLU B 304 -42.67 -0.74 27.94
CA GLU B 304 -42.33 -1.54 26.75
C GLU B 304 -40.83 -1.57 26.51
N ILE B 305 -40.08 -0.57 26.97
CA ILE B 305 -38.62 -0.66 26.87
C ILE B 305 -38.11 -1.82 27.72
N SER B 306 -38.63 -1.97 28.93
CA SER B 306 -38.25 -3.11 29.74
C SER B 306 -38.67 -4.43 29.08
N LYS B 307 -39.86 -4.45 28.47
CA LYS B 307 -40.37 -5.70 27.92
C LYS B 307 -39.62 -6.12 26.66
N GLU B 308 -39.29 -5.19 25.77
CA GLU B 308 -38.72 -5.50 24.47
C GLU B 308 -37.20 -5.38 24.43
N ARG B 309 -36.62 -4.52 25.26
CA ARG B 309 -35.17 -4.39 25.32
C ARG B 309 -34.51 -5.71 25.67
N GLU B 310 -35.08 -6.46 26.61
CA GLU B 310 -34.54 -7.74 27.01
C GLU B 310 -34.91 -8.87 26.05
N GLU B 311 -35.83 -8.64 25.13
CA GLU B 311 -36.27 -9.68 24.21
C GLU B 311 -35.48 -9.67 22.90
N VAL B 312 -35.12 -8.48 22.41
CA VAL B 312 -34.45 -8.39 21.12
C VAL B 312 -33.04 -8.97 21.19
N VAL B 313 -32.40 -8.92 22.36
CA VAL B 313 -31.03 -9.37 22.47
C VAL B 313 -30.94 -10.87 22.19
N ASN B 314 -31.84 -11.66 22.76
CA ASN B 314 -31.78 -13.11 22.66
C ASN B 314 -32.77 -13.63 21.61
N ASP B 315 -32.54 -13.28 20.35
CA ASP B 315 -33.28 -13.88 19.26
C ASP B 315 -32.45 -13.80 17.99
N PRO B 316 -32.56 -14.79 17.10
CA PRO B 316 -31.79 -14.75 15.85
C PRO B 316 -32.45 -13.86 14.81
N LYS B 317 -31.86 -13.82 13.62
CA LYS B 317 -32.39 -13.07 12.48
C LYS B 317 -32.45 -11.59 12.80
N ALA B 318 -31.88 -11.19 13.94
CA ALA B 318 -31.75 -9.78 14.27
C ALA B 318 -30.41 -9.48 14.90
N ILE B 319 -29.54 -10.47 15.06
CA ILE B 319 -28.21 -10.29 15.62
C ILE B 319 -27.22 -10.43 14.48
N MET B 320 -26.69 -9.29 14.01
CA MET B 320 -25.71 -9.32 12.95
C MET B 320 -24.36 -9.79 13.50
N PRO B 321 -23.51 -10.32 12.64
CA PRO B 321 -22.24 -10.87 13.11
C PRO B 321 -21.23 -9.81 13.51
N ALA B 322 -21.10 -9.54 14.81
CA ALA B 322 -20.13 -8.60 15.35
C ALA B 322 -20.24 -8.61 16.86
N ALA B 323 -19.18 -8.12 17.50
CA ALA B 323 -19.13 -8.01 18.95
C ALA B 323 -18.04 -7.01 19.32
N PHE B 324 -18.09 -6.55 20.57
CA PHE B 324 -17.05 -5.68 21.11
C PHE B 324 -16.44 -6.41 22.31
N VAL B 325 -15.44 -7.25 22.05
CA VAL B 325 -14.89 -8.09 23.09
C VAL B 325 -13.97 -7.24 23.98
N SER B 326 -14.24 -7.24 25.27
CA SER B 326 -13.47 -6.43 26.22
C SER B 326 -12.62 -7.36 27.07
N PHE B 327 -11.35 -6.99 27.25
CA PHE B 327 -10.37 -7.86 27.89
C PHE B 327 -10.03 -7.34 29.28
N LYS B 328 -9.11 -8.06 29.93
CA LYS B 328 -8.67 -7.77 31.28
C LYS B 328 -7.43 -6.90 31.33
N THR B 329 -6.80 -6.63 30.19
CA THR B 329 -5.52 -5.94 30.17
C THR B 329 -5.40 -5.18 28.85
N ARG B 330 -4.79 -4.00 28.88
CA ARG B 330 -4.53 -3.27 27.65
C ARG B 330 -3.58 -4.04 26.75
N TRP B 331 -2.61 -4.75 27.34
CA TRP B 331 -1.73 -5.60 26.55
C TRP B 331 -2.52 -6.64 25.77
N ALA B 332 -3.45 -7.32 26.45
CA ALA B 332 -4.25 -8.33 25.77
C ALA B 332 -5.11 -7.72 24.67
N ALA B 333 -5.70 -6.55 24.94
CA ALA B 333 -6.54 -5.92 23.93
C ALA B 333 -5.73 -5.54 22.70
N ALA B 334 -4.53 -4.99 22.90
CA ALA B 334 -3.67 -4.67 21.77
C ALA B 334 -3.27 -5.94 21.01
N VAL B 335 -2.99 -7.01 21.75
CA VAL B 335 -2.64 -8.28 21.13
C VAL B 335 -3.76 -8.75 20.21
N CYS B 336 -5.00 -8.76 20.71
CA CYS B 336 -6.10 -9.21 19.89
C CYS B 336 -6.37 -8.26 18.75
N ALA B 337 -6.09 -6.96 18.93
CA ALA B 337 -6.41 -6.00 17.89
C ALA B 337 -5.43 -6.08 16.72
N GLN B 338 -4.16 -6.35 17.00
CA GLN B 338 -3.15 -6.26 15.97
C GLN B 338 -2.86 -7.57 15.27
N THR B 339 -3.52 -8.66 15.66
CA THR B 339 -3.32 -9.97 15.07
C THR B 339 -4.58 -10.38 14.30
N GLN B 340 -4.46 -11.44 13.50
CA GLN B 340 -5.64 -12.07 12.91
C GLN B 340 -5.85 -13.44 13.54
N GLN B 341 -7.11 -13.81 13.69
CA GLN B 341 -7.51 -14.95 14.50
C GLN B 341 -7.61 -16.24 13.71
N THR B 342 -8.42 -16.25 12.66
CA THR B 342 -8.84 -17.47 11.99
C THR B 342 -8.14 -17.61 10.64
N ARG B 343 -8.16 -18.83 10.10
CA ARG B 343 -7.54 -19.11 8.81
C ARG B 343 -8.06 -18.21 7.71
N ASN B 344 -9.29 -17.74 7.82
CA ASN B 344 -9.88 -16.86 6.82
C ASN B 344 -9.63 -15.42 7.23
N PRO B 345 -8.80 -14.67 6.52
CA PRO B 345 -8.48 -13.31 6.95
C PRO B 345 -9.66 -12.36 6.89
N THR B 346 -10.77 -12.73 6.27
CA THR B 346 -11.96 -11.91 6.28
C THR B 346 -12.99 -12.37 7.28
N GLN B 347 -12.67 -13.37 8.09
CA GLN B 347 -13.54 -13.84 9.16
C GLN B 347 -12.90 -13.52 10.49
N TRP B 348 -13.74 -13.22 11.49
CA TRP B 348 -13.26 -12.88 12.82
C TRP B 348 -12.27 -11.72 12.77
N LEU B 349 -12.58 -10.71 11.96
CA LEU B 349 -11.76 -9.51 11.93
C LEU B 349 -11.73 -8.87 13.31
N THR B 350 -10.56 -8.43 13.73
CA THR B 350 -10.38 -7.76 15.01
C THR B 350 -9.63 -6.46 14.77
N GLU B 351 -10.17 -5.35 15.29
CA GLU B 351 -9.48 -4.08 15.21
C GLU B 351 -9.67 -3.33 16.52
N TRP B 352 -8.79 -2.37 16.78
CA TRP B 352 -8.90 -1.60 18.01
C TRP B 352 -10.23 -0.88 18.03
N ALA B 353 -11.01 -1.13 19.07
CA ALA B 353 -12.33 -0.54 19.15
C ALA B 353 -12.21 0.98 19.23
N PRO B 354 -12.98 1.72 18.48
CA PRO B 354 -12.98 3.18 18.63
C PRO B 354 -13.57 3.57 19.97
N GLU B 355 -13.64 4.86 20.25
CA GLU B 355 -14.37 5.30 21.43
C GLU B 355 -15.84 4.91 21.25
N PRO B 356 -16.52 4.50 22.33
CA PRO B 356 -17.94 4.12 22.19
C PRO B 356 -18.78 5.20 21.54
N ARG B 357 -18.44 6.46 21.78
CA ARG B 357 -19.09 7.56 21.06
C ARG B 357 -18.78 7.53 19.58
N ASP B 358 -17.56 7.12 19.22
CA ASP B 358 -17.13 7.15 17.82
C ASP B 358 -17.89 6.14 16.97
N VAL B 359 -18.21 4.96 17.53
CA VAL B 359 -18.63 3.82 16.73
C VAL B 359 -19.79 4.20 15.81
N PHE B 360 -19.70 3.74 14.56
CA PHE B 360 -20.76 3.90 13.57
C PHE B 360 -21.54 2.59 13.53
N TRP B 361 -22.59 2.49 14.35
CA TRP B 361 -23.31 1.25 14.52
C TRP B 361 -24.06 0.82 13.26
N SER B 362 -24.00 1.59 12.19
CA SER B 362 -24.78 1.28 11.00
C SER B 362 -24.09 0.34 10.04
N ASN B 363 -22.79 0.09 10.18
CA ASN B 363 -22.02 -0.62 9.18
C ASN B 363 -21.15 -1.70 9.81
N LEU B 364 -21.72 -2.44 10.76
CA LEU B 364 -20.99 -3.51 11.43
C LEU B 364 -21.44 -4.90 10.95
N ALA B 365 -22.12 -4.97 9.81
CA ALA B 365 -22.68 -6.23 9.33
C ALA B 365 -22.46 -6.39 7.83
N ILE B 366 -21.27 -6.05 7.36
CA ILE B 366 -20.99 -6.04 5.93
C ILE B 366 -19.94 -7.10 5.64
N PRO B 367 -20.24 -8.10 4.81
CA PRO B 367 -19.21 -9.07 4.42
C PRO B 367 -18.11 -8.40 3.62
N TYR B 368 -17.00 -9.12 3.45
CA TYR B 368 -15.86 -8.54 2.75
C TYR B 368 -16.19 -8.27 1.28
N VAL B 369 -16.89 -9.19 0.63
CA VAL B 369 -17.22 -9.01 -0.78
C VAL B 369 -18.10 -7.78 -0.97
N SER B 370 -19.03 -7.55 -0.04
CA SER B 370 -19.85 -6.35 -0.11
C SER B 370 -19.00 -5.10 0.01
N LEU B 371 -18.03 -5.12 0.94
CA LEU B 371 -17.14 -3.97 1.07
C LEU B 371 -16.42 -3.69 -0.24
N THR B 372 -15.81 -4.70 -0.84
CA THR B 372 -15.04 -4.46 -2.06
C THR B 372 -15.93 -3.96 -3.18
N VAL B 373 -17.13 -4.54 -3.32
CA VAL B 373 -18.06 -4.09 -4.37
C VAL B 373 -18.43 -2.63 -4.15
N ARG B 374 -18.76 -2.26 -2.90
CA ARG B 374 -19.16 -0.90 -2.62
C ARG B 374 -18.01 0.07 -2.86
N ARG B 375 -16.79 -0.29 -2.47
CA ARG B 375 -15.66 0.60 -2.69
C ARG B 375 -15.42 0.82 -4.17
N LEU B 376 -15.49 -0.23 -4.99
CA LEU B 376 -15.32 -0.01 -6.43
C LEU B 376 -16.43 0.86 -6.99
N ILE B 377 -17.68 0.59 -6.60
CA ILE B 377 -18.81 1.35 -7.14
C ILE B 377 -18.64 2.82 -6.80
N MET B 378 -18.29 3.13 -5.55
CA MET B 378 -18.17 4.52 -5.17
C MET B 378 -16.87 5.17 -5.62
N HIS B 379 -15.80 4.42 -5.87
CA HIS B 379 -14.65 5.04 -6.52
C HIS B 379 -15.02 5.49 -7.92
N VAL B 380 -15.72 4.64 -8.67
CA VAL B 380 -16.17 5.04 -10.00
C VAL B 380 -17.14 6.22 -9.91
N ALA B 381 -18.06 6.17 -8.95
CA ALA B 381 -19.03 7.25 -8.80
C ALA B 381 -18.36 8.57 -8.45
N PHE B 382 -17.36 8.55 -7.57
CA PHE B 382 -16.67 9.78 -7.23
C PHE B 382 -15.89 10.31 -8.42
N PHE B 383 -15.28 9.42 -9.20
CA PHE B 383 -14.63 9.85 -10.43
C PHE B 383 -15.61 10.59 -11.33
N PHE B 384 -16.77 9.98 -11.58
CA PHE B 384 -17.75 10.61 -12.45
C PHE B 384 -18.28 11.91 -11.86
N LEU B 385 -18.38 11.98 -10.54
CA LEU B 385 -18.80 13.21 -9.88
C LEU B 385 -17.79 14.33 -10.13
N THR B 386 -16.52 14.07 -9.85
CA THR B 386 -15.53 15.15 -9.91
C THR B 386 -15.24 15.57 -11.34
N PHE B 387 -15.22 14.64 -12.29
CA PHE B 387 -14.81 15.00 -13.64
C PHE B 387 -15.97 15.38 -14.55
N PHE B 388 -17.21 15.13 -14.15
CA PHE B 388 -18.37 15.64 -14.86
C PHE B 388 -19.22 16.47 -13.91
N PHE B 389 -18.50 17.25 -13.11
CA PHE B 389 -19.06 18.17 -12.14
C PHE B 389 -20.13 19.10 -12.72
N ILE B 390 -19.92 19.59 -13.93
CA ILE B 390 -20.67 20.76 -14.40
C ILE B 390 -21.91 20.41 -15.22
N VAL B 391 -21.95 19.24 -15.86
CA VAL B 391 -22.99 18.97 -16.85
C VAL B 391 -24.40 19.00 -16.27
N PRO B 392 -24.73 18.24 -15.21
CA PRO B 392 -26.13 18.23 -14.77
C PRO B 392 -26.58 19.55 -14.19
N ILE B 393 -25.71 20.23 -13.45
CA ILE B 393 -26.11 21.51 -12.87
C ILE B 393 -26.26 22.57 -13.96
N ALA B 394 -25.41 22.53 -15.00
CA ALA B 394 -25.61 23.44 -16.12
C ALA B 394 -26.94 23.17 -16.80
N PHE B 395 -27.28 21.90 -16.99
CA PHE B 395 -28.56 21.56 -17.62
C PHE B 395 -29.73 22.08 -16.80
N VAL B 396 -29.71 21.84 -15.49
CA VAL B 396 -30.86 22.24 -14.67
C VAL B 396 -30.95 23.75 -14.58
N GLN B 397 -29.81 24.45 -14.50
CA GLN B 397 -29.85 25.91 -14.47
C GLN B 397 -30.42 26.46 -15.78
N SER B 398 -30.00 25.89 -16.91
CA SER B 398 -30.57 26.32 -18.19
C SER B 398 -32.06 26.02 -18.25
N LEU B 399 -32.51 24.95 -17.60
CA LEU B 399 -33.94 24.67 -17.55
C LEU B 399 -34.67 25.66 -16.64
N ALA B 400 -34.02 26.12 -15.57
CA ALA B 400 -34.64 27.03 -14.62
C ALA B 400 -34.45 28.46 -15.13
N THR B 401 -35.39 28.91 -15.96
CA THR B 401 -35.35 30.24 -16.55
C THR B 401 -36.47 31.09 -15.98
N ILE B 402 -36.18 32.38 -15.82
CA ILE B 402 -37.17 33.31 -15.29
C ILE B 402 -38.35 33.46 -16.25
N GLU B 403 -38.10 33.42 -17.57
CA GLU B 403 -39.20 33.53 -18.53
C GLU B 403 -40.00 32.24 -18.60
N GLY B 404 -39.36 31.09 -18.37
CA GLY B 404 -40.06 29.82 -18.42
C GLY B 404 -40.79 29.45 -17.15
N ILE B 405 -40.65 30.25 -16.09
CA ILE B 405 -41.32 29.98 -14.83
C ILE B 405 -42.70 30.63 -14.76
N VAL B 406 -43.12 31.31 -15.82
CA VAL B 406 -44.41 32.00 -15.82
C VAL B 406 -45.53 30.98 -15.64
N LYS B 407 -46.47 31.28 -14.74
CA LYS B 407 -47.58 30.40 -14.43
C LYS B 407 -48.69 31.24 -13.83
N ALA B 408 -49.73 30.58 -13.30
CA ALA B 408 -50.83 31.30 -12.68
C ALA B 408 -50.39 32.00 -11.40
N ALA B 409 -49.58 31.33 -10.58
CA ALA B 409 -49.15 31.94 -9.31
C ALA B 409 -48.33 33.22 -9.52
N PRO B 410 -47.32 33.27 -10.41
CA PRO B 410 -46.50 34.49 -10.52
C PRO B 410 -47.22 35.66 -11.17
N PHE B 411 -48.54 35.55 -11.36
CA PHE B 411 -49.30 36.67 -11.93
C PHE B 411 -49.14 37.93 -11.08
N LEU B 412 -49.25 37.79 -9.77
CA LEU B 412 -49.00 38.90 -8.85
C LEU B 412 -47.52 39.17 -8.64
N LYS B 413 -46.65 38.28 -9.11
CA LYS B 413 -45.20 38.39 -8.93
C LYS B 413 -44.51 38.68 -10.26
N PHE B 414 -45.08 39.59 -11.04
CA PHE B 414 -44.50 39.98 -12.32
C PHE B 414 -43.28 40.88 -12.09
N ILE B 415 -42.75 41.43 -13.18
CA ILE B 415 -41.62 42.34 -13.09
C ILE B 415 -42.01 43.65 -12.41
N VAL B 416 -43.31 43.92 -12.27
CA VAL B 416 -43.77 45.18 -11.69
C VAL B 416 -43.28 45.32 -10.26
N ASP B 417 -43.39 44.25 -9.47
CA ASP B 417 -42.98 44.31 -8.08
C ASP B 417 -41.60 43.67 -7.82
N ASP B 418 -41.05 42.96 -8.79
CA ASP B 418 -39.77 42.29 -8.63
C ASP B 418 -38.64 43.20 -9.12
N LYS B 419 -37.43 42.63 -9.16
CA LYS B 419 -36.24 43.21 -9.79
C LYS B 419 -35.74 44.47 -9.10
N PHE B 420 -36.45 44.95 -8.07
CA PHE B 420 -36.02 46.19 -7.41
C PHE B 420 -34.70 45.98 -6.67
N MET B 421 -34.73 45.19 -5.62
CA MET B 421 -33.54 44.80 -4.87
C MET B 421 -33.24 43.32 -4.98
N LYS B 422 -34.08 42.57 -5.70
CA LYS B 422 -33.97 41.12 -5.81
C LYS B 422 -33.37 40.69 -7.14
N SER B 423 -33.23 41.62 -8.09
CA SER B 423 -32.73 41.26 -9.41
C SER B 423 -31.31 40.70 -9.36
N VAL B 424 -30.57 41.02 -8.31
CA VAL B 424 -29.21 40.49 -8.17
C VAL B 424 -29.23 38.97 -8.10
N ILE B 425 -30.09 38.43 -7.22
CA ILE B 425 -30.17 36.97 -7.07
C ILE B 425 -30.73 36.33 -8.33
N GLN B 426 -31.76 36.95 -8.93
CA GLN B 426 -32.35 36.38 -10.12
C GLN B 426 -31.41 36.40 -11.32
N GLY B 427 -30.43 37.31 -11.33
CA GLY B 427 -29.43 37.33 -12.37
C GLY B 427 -28.22 36.47 -12.05
N PHE B 428 -28.03 36.20 -10.76
CA PHE B 428 -26.90 35.40 -10.30
C PHE B 428 -27.26 33.93 -10.14
N LEU B 429 -28.53 33.58 -10.36
CA LEU B 429 -28.97 32.18 -10.29
C LEU B 429 -27.99 31.18 -10.91
N PRO B 430 -27.32 31.45 -12.04
CA PRO B 430 -26.27 30.52 -12.49
C PRO B 430 -25.22 30.27 -11.42
N GLY B 431 -24.85 31.29 -10.66
CA GLY B 431 -23.99 31.07 -9.51
C GLY B 431 -24.72 30.42 -8.35
N ILE B 432 -26.04 30.62 -8.26
CA ILE B 432 -26.78 30.04 -7.14
C ILE B 432 -26.81 28.53 -7.23
N ALA B 433 -27.05 27.97 -8.41
CA ALA B 433 -27.07 26.52 -8.55
C ALA B 433 -25.71 25.92 -8.22
N LEU B 434 -24.64 26.54 -8.71
CA LEU B 434 -23.29 26.07 -8.43
C LEU B 434 -23.00 26.12 -6.93
N LYS B 435 -23.34 27.23 -6.28
CA LYS B 435 -23.09 27.37 -4.86
C LYS B 435 -23.92 26.38 -4.05
N LEU B 436 -25.14 26.11 -4.50
CA LEU B 436 -25.96 25.08 -3.86
C LEU B 436 -25.26 23.73 -3.91
N PHE B 437 -24.74 23.35 -5.09
CA PHE B 437 -24.11 22.05 -5.16
C PHE B 437 -22.87 22.01 -4.27
N LEU B 438 -22.05 23.06 -4.33
CA LEU B 438 -20.85 23.08 -3.52
C LEU B 438 -21.16 23.08 -2.03
N ALA B 439 -22.33 23.59 -1.64
CA ALA B 439 -22.72 23.51 -0.24
C ALA B 439 -23.13 22.09 0.13
N PHE B 440 -23.84 21.40 -0.77
CA PHE B 440 -24.19 20.00 -0.50
C PHE B 440 -22.99 19.06 -0.62
N LEU B 441 -21.91 19.49 -1.25
CA LEU B 441 -20.81 18.59 -1.55
C LEU B 441 -20.23 17.89 -0.32
N PRO B 442 -19.98 18.56 0.81
CA PRO B 442 -19.55 17.81 1.99
C PRO B 442 -20.52 16.70 2.37
N SER B 443 -21.82 16.96 2.23
CA SER B 443 -22.80 15.94 2.55
C SER B 443 -22.75 14.78 1.56
N ILE B 444 -22.56 15.06 0.28
CA ILE B 444 -22.44 13.99 -0.71
C ILE B 444 -21.22 13.14 -0.40
N LEU B 445 -20.10 13.78 -0.06
CA LEU B 445 -18.88 13.04 0.25
C LEU B 445 -19.08 12.18 1.49
N MET B 446 -19.76 12.72 2.51
CA MET B 446 -20.03 11.91 3.69
C MET B 446 -20.97 10.75 3.39
N ILE B 447 -21.97 10.96 2.54
CA ILE B 447 -22.88 9.87 2.19
C ILE B 447 -22.12 8.77 1.45
N MET B 448 -21.29 9.17 0.50
CA MET B 448 -20.51 8.19 -0.25
C MET B 448 -19.50 7.50 0.63
N SER B 449 -19.06 8.15 1.70
CA SER B 449 -18.18 7.49 2.66
C SER B 449 -18.96 6.48 3.50
N LYS B 450 -20.16 6.85 3.95
CA LYS B 450 -20.95 5.95 4.77
C LYS B 450 -21.40 4.73 3.98
N PHE B 451 -21.66 4.89 2.68
CA PHE B 451 -22.16 3.77 1.90
C PHE B 451 -21.16 2.61 1.90
N GLU B 452 -19.88 2.93 1.73
CA GLU B 452 -18.79 1.98 1.92
C GLU B 452 -18.49 1.92 3.41
N GLY B 453 -19.04 0.91 4.09
CA GLY B 453 -19.05 0.87 5.54
C GLY B 453 -17.69 1.01 6.19
N PHE B 454 -17.58 1.92 7.16
CA PHE B 454 -16.29 2.21 7.76
C PHE B 454 -16.26 2.09 9.28
N THR B 455 -17.40 2.02 9.95
CA THR B 455 -17.57 1.60 11.35
C THR B 455 -17.11 2.64 12.37
N SER B 456 -16.51 3.75 11.97
CA SER B 456 -16.00 4.70 12.94
C SER B 456 -16.07 6.10 12.36
N ILE B 457 -16.77 6.99 13.07
CA ILE B 457 -16.98 8.35 12.58
C ILE B 457 -15.66 8.96 12.14
N SER B 458 -14.58 8.64 12.84
CA SER B 458 -13.28 9.20 12.48
C SER B 458 -12.85 8.75 11.09
N SER B 459 -13.04 7.47 10.78
CA SER B 459 -12.66 6.98 9.44
C SER B 459 -13.57 7.58 8.37
N LEU B 460 -14.84 7.76 8.68
CA LEU B 460 -15.74 8.46 7.78
C LEU B 460 -15.21 9.85 7.46
N GLU B 461 -14.80 10.59 8.49
CA GLU B 461 -14.32 11.95 8.30
C GLU B 461 -13.02 11.95 7.50
N ARG B 462 -12.12 11.00 7.77
CA ARG B 462 -10.88 10.96 7.01
C ARG B 462 -11.13 10.66 5.54
N ARG B 463 -12.03 9.72 5.25
CA ARG B 463 -12.32 9.39 3.86
C ARG B 463 -12.98 10.57 3.15
N ALA B 464 -13.94 11.21 3.81
CA ALA B 464 -14.58 12.39 3.22
C ALA B 464 -13.58 13.51 3.02
N ALA B 465 -12.63 13.67 3.94
CA ALA B 465 -11.59 14.68 3.77
C ALA B 465 -10.72 14.38 2.56
N PHE B 466 -10.38 13.11 2.33
CA PHE B 466 -9.58 12.78 1.16
C PHE B 466 -10.35 13.06 -0.13
N ARG B 467 -11.63 12.65 -0.16
CA ARG B 467 -12.43 12.89 -1.35
C ARG B 467 -12.56 14.40 -1.61
N TYR B 468 -12.79 15.17 -0.56
CA TYR B 468 -12.90 16.61 -0.71
C TYR B 468 -11.58 17.19 -1.17
N TYR B 469 -10.47 16.67 -0.68
CA TYR B 469 -9.18 17.20 -1.09
C TYR B 469 -8.98 17.01 -2.58
N ILE B 470 -9.27 15.81 -3.08
CA ILE B 470 -9.05 15.54 -4.51
C ILE B 470 -9.99 16.39 -5.36
N PHE B 471 -11.28 16.43 -5.00
CA PHE B 471 -12.24 17.21 -5.76
C PHE B 471 -11.88 18.69 -5.74
N ASN B 472 -11.53 19.21 -4.57
CA ASN B 472 -11.15 20.60 -4.42
C ASN B 472 -9.91 20.91 -5.25
N LEU B 473 -8.90 20.06 -5.16
CA LEU B 473 -7.72 20.18 -6.00
C LEU B 473 -8.13 20.37 -7.45
N VAL B 474 -8.76 19.36 -8.04
CA VAL B 474 -9.09 19.38 -9.46
C VAL B 474 -9.86 20.66 -9.77
N ASN B 475 -11.05 20.79 -9.21
CA ASN B 475 -11.92 21.89 -9.57
C ASN B 475 -11.28 23.24 -9.30
N VAL B 476 -11.08 23.58 -8.02
CA VAL B 476 -10.60 24.92 -7.69
C VAL B 476 -9.26 25.19 -8.38
N PHE B 477 -8.24 24.37 -8.10
CA PHE B 477 -6.91 24.66 -8.61
C PHE B 477 -6.90 24.74 -10.13
N LEU B 478 -7.24 23.65 -10.82
CA LEU B 478 -7.07 23.63 -12.27
C LEU B 478 -8.03 24.59 -12.95
N ALA B 479 -9.31 24.58 -12.57
CA ALA B 479 -10.25 25.53 -13.17
C ALA B 479 -9.84 26.98 -12.92
N SER B 480 -9.03 27.24 -11.89
CA SER B 480 -8.42 28.55 -11.78
C SER B 480 -7.26 28.71 -12.75
N VAL B 481 -6.52 27.62 -13.00
CA VAL B 481 -5.29 27.74 -13.78
C VAL B 481 -5.55 27.52 -15.28
N ILE B 482 -6.48 26.65 -15.64
CA ILE B 482 -6.71 26.30 -17.06
C ILE B 482 -8.16 26.63 -17.41
N ALA B 483 -8.57 26.29 -18.64
CA ALA B 483 -9.89 26.63 -19.15
C ALA B 483 -11.01 25.97 -18.36
N GLY B 484 -12.25 26.26 -18.71
CA GLY B 484 -13.37 26.08 -17.80
C GLY B 484 -13.77 24.67 -17.40
N ALA B 485 -14.33 23.90 -18.33
CA ALA B 485 -14.99 22.66 -17.95
C ALA B 485 -13.98 21.59 -17.54
N ALA B 486 -14.36 20.79 -16.54
CA ALA B 486 -13.45 19.78 -16.01
C ALA B 486 -13.35 18.56 -16.92
N PHE B 487 -14.45 18.13 -17.53
CA PHE B 487 -14.39 16.95 -18.39
C PHE B 487 -13.61 17.24 -19.67
N GLU B 488 -13.78 18.43 -20.25
CA GLU B 488 -12.95 18.79 -21.39
C GLU B 488 -11.50 18.97 -20.99
N GLN B 489 -11.24 19.42 -19.75
CA GLN B 489 -9.87 19.48 -19.26
C GLN B 489 -9.26 18.10 -19.17
N LEU B 490 -10.04 17.12 -18.67
CA LEU B 490 -9.56 15.75 -18.62
C LEU B 490 -9.31 15.20 -20.02
N ASN B 491 -10.20 15.49 -20.96
CA ASN B 491 -9.99 15.07 -22.34
C ASN B 491 -8.70 15.66 -22.90
N SER B 492 -8.50 16.95 -22.69
CA SER B 492 -7.28 17.59 -23.19
C SER B 492 -6.04 16.96 -22.57
N PHE B 493 -6.04 16.80 -21.24
CA PHE B 493 -4.87 16.23 -20.57
C PHE B 493 -4.63 14.80 -21.00
N LEU B 494 -5.69 14.07 -21.37
CA LEU B 494 -5.49 12.76 -21.96
C LEU B 494 -4.88 12.87 -23.35
N ASN B 495 -5.18 13.94 -24.06
CA ASN B 495 -4.64 14.12 -25.41
C ASN B 495 -3.37 14.96 -25.46
N GLN B 496 -2.78 15.27 -24.31
CA GLN B 496 -1.44 15.85 -24.29
C GLN B 496 -0.42 14.81 -23.86
N SER B 497 0.84 15.07 -24.22
CA SER B 497 1.92 14.18 -23.85
C SER B 497 2.12 14.17 -22.35
N ALA B 498 2.83 13.16 -21.87
CA ALA B 498 3.20 13.13 -20.45
C ALA B 498 4.23 14.19 -20.11
N ASN B 499 4.91 14.73 -21.11
CA ASN B 499 5.87 15.81 -20.91
C ASN B 499 5.26 17.19 -21.15
N GLN B 500 3.97 17.27 -21.47
CA GLN B 500 3.33 18.52 -21.80
C GLN B 500 2.41 19.04 -20.70
N ILE B 501 1.89 18.16 -19.84
CA ILE B 501 1.03 18.61 -18.75
C ILE B 501 1.76 19.55 -17.80
N PRO B 502 2.95 19.20 -17.27
CA PRO B 502 3.67 20.18 -16.45
C PRO B 502 3.98 21.44 -17.21
N LYS B 503 4.29 21.34 -18.50
CA LYS B 503 4.62 22.53 -19.27
C LYS B 503 3.44 23.49 -19.32
N THR B 504 2.25 22.98 -19.67
CA THR B 504 1.10 23.87 -19.81
C THR B 504 0.66 24.44 -18.46
N ILE B 505 0.64 23.62 -17.41
CA ILE B 505 0.18 24.18 -16.14
C ILE B 505 1.21 25.16 -15.58
N GLY B 506 2.49 24.84 -15.68
CA GLY B 506 3.52 25.75 -15.20
C GLY B 506 3.54 27.06 -15.95
N VAL B 507 3.35 27.02 -17.27
CA VAL B 507 3.32 28.27 -18.00
C VAL B 507 2.07 29.06 -17.65
N ALA B 508 0.96 28.39 -17.31
CA ALA B 508 -0.23 29.12 -16.93
C ALA B 508 -0.19 29.68 -15.51
N ILE B 509 0.74 29.21 -14.67
CA ILE B 509 0.80 29.69 -13.28
C ILE B 509 1.03 31.20 -13.17
N PRO B 510 2.04 31.80 -13.81
CA PRO B 510 2.38 33.20 -13.46
C PRO B 510 1.29 34.21 -13.71
N MET B 511 0.49 34.07 -14.77
CA MET B 511 -0.59 35.03 -14.98
C MET B 511 -1.69 34.89 -13.93
N LYS B 512 -1.94 33.68 -13.46
CA LYS B 512 -2.93 33.48 -12.41
C LYS B 512 -2.38 33.79 -11.02
N ALA B 513 -1.09 34.15 -10.92
CA ALA B 513 -0.53 34.57 -9.64
C ALA B 513 -1.37 35.66 -8.97
N THR B 514 -1.71 36.71 -9.71
CA THR B 514 -2.42 37.83 -9.09
C THR B 514 -3.87 37.46 -8.75
N PHE B 515 -4.50 36.63 -9.59
CA PHE B 515 -5.83 36.15 -9.25
C PHE B 515 -5.78 35.30 -7.98
N PHE B 516 -4.70 34.56 -7.78
CA PHE B 516 -4.56 33.80 -6.55
C PHE B 516 -4.30 34.72 -5.36
N ILE B 517 -3.61 35.84 -5.57
CA ILE B 517 -3.50 36.85 -4.52
C ILE B 517 -4.88 37.30 -4.10
N THR B 518 -5.72 37.63 -5.09
CA THR B 518 -7.06 38.12 -4.80
C THR B 518 -7.89 37.05 -4.10
N TYR B 519 -7.78 35.79 -4.56
CA TYR B 519 -8.52 34.70 -3.92
C TYR B 519 -8.06 34.52 -2.49
N ILE B 520 -6.76 34.60 -2.25
CA ILE B 520 -6.26 34.49 -0.88
C ILE B 520 -6.91 35.56 0.00
N MET B 521 -6.78 36.83 -0.38
CA MET B 521 -7.42 37.85 0.46
C MET B 521 -8.89 37.56 0.62
N VAL B 522 -9.66 37.59 -0.46
CA VAL B 522 -11.12 37.49 -0.35
C VAL B 522 -11.49 36.25 0.45
N ASP B 523 -11.22 35.07 -0.09
CA ASP B 523 -11.75 33.86 0.54
C ASP B 523 -11.14 33.63 1.91
N GLY B 524 -9.81 33.52 1.98
CA GLY B 524 -9.19 33.15 3.24
C GLY B 524 -9.39 34.21 4.31
N TRP B 525 -9.08 35.47 3.99
CA TRP B 525 -9.18 36.54 4.98
C TRP B 525 -10.62 36.73 5.42
N ALA B 526 -11.58 36.71 4.48
CA ALA B 526 -12.98 36.82 4.88
C ALA B 526 -13.40 35.65 5.74
N GLY B 527 -12.92 34.44 5.41
CA GLY B 527 -13.28 33.27 6.19
C GLY B 527 -12.79 33.36 7.63
N VAL B 528 -11.52 33.73 7.82
CA VAL B 528 -11.02 33.84 9.18
C VAL B 528 -11.63 35.02 9.90
N ALA B 529 -11.86 36.13 9.20
CA ALA B 529 -12.47 37.30 9.83
C ALA B 529 -13.87 37.00 10.32
N GLY B 530 -14.69 36.37 9.48
CA GLY B 530 -15.99 35.93 9.94
C GLY B 530 -15.90 34.87 11.01
N GLU B 531 -14.95 33.94 10.89
CA GLU B 531 -14.88 32.76 11.75
C GLU B 531 -14.87 33.12 13.23
N ILE B 532 -14.55 34.36 13.57
CA ILE B 532 -14.66 34.78 14.96
C ILE B 532 -16.13 34.84 15.37
N LEU B 533 -16.98 35.42 14.52
CA LEU B 533 -18.43 35.37 14.64
C LEU B 533 -19.07 35.85 13.35
N MET B 534 -20.00 35.09 12.79
CA MET B 534 -20.65 35.48 11.55
C MET B 534 -22.13 35.76 11.79
N LEU B 535 -22.83 36.00 10.69
CA LEU B 535 -24.28 36.02 10.73
C LEU B 535 -24.84 34.66 11.13
N LYS B 536 -24.27 33.57 10.59
CA LYS B 536 -24.89 32.26 10.77
C LYS B 536 -25.01 31.83 12.21
N PRO B 537 -23.98 31.95 13.08
CA PRO B 537 -24.16 31.42 14.44
C PRO B 537 -25.17 32.22 15.23
N LEU B 538 -25.15 33.54 15.10
CA LEU B 538 -26.12 34.37 15.80
C LEU B 538 -27.53 34.07 15.32
N ILE B 539 -27.72 33.96 14.00
CA ILE B 539 -29.06 33.81 13.48
C ILE B 539 -29.56 32.39 13.68
N MET B 540 -28.69 31.42 13.91
CA MET B 540 -29.21 30.11 14.27
C MET B 540 -29.53 30.07 15.76
N PHE B 541 -28.62 30.56 16.61
CA PHE B 541 -28.85 30.43 18.05
C PHE B 541 -30.02 31.29 18.53
N HIS B 542 -30.03 32.58 18.17
CA HIS B 542 -31.05 33.46 18.69
C HIS B 542 -32.41 33.17 18.07
N LEU B 543 -32.44 32.52 16.90
CA LEU B 543 -33.70 32.05 16.34
C LEU B 543 -34.16 30.76 17.04
N LYS B 544 -33.24 29.82 17.26
CA LYS B 544 -33.56 28.61 18.00
C LYS B 544 -34.00 28.93 19.41
N ASN B 545 -33.63 30.11 19.91
CA ASN B 545 -34.11 30.57 21.20
C ASN B 545 -35.62 30.48 21.29
N ALA B 546 -36.32 31.02 20.30
CA ALA B 546 -37.77 30.98 20.27
C ALA B 546 -38.34 29.88 19.37
N PHE B 547 -37.49 29.16 18.63
CA PHE B 547 -38.02 28.13 17.74
C PHE B 547 -38.17 26.78 18.44
N LEU B 548 -37.08 26.22 18.94
CA LEU B 548 -37.12 24.81 19.33
C LEU B 548 -37.78 24.61 20.69
N VAL B 549 -37.14 25.07 21.76
CA VAL B 549 -37.72 24.92 23.08
C VAL B 549 -37.70 26.23 23.86
N LYS B 550 -36.51 26.78 24.08
CA LYS B 550 -36.30 27.93 24.96
C LYS B 550 -34.88 28.43 24.73
N THR B 551 -34.42 29.33 25.60
CA THR B 551 -33.10 29.95 25.41
C THR B 551 -31.96 28.95 25.45
N ASP B 552 -31.69 28.31 26.60
CA ASP B 552 -30.73 27.21 26.62
C ASP B 552 -31.12 26.26 27.74
N LYS B 553 -31.92 25.26 27.40
CA LYS B 553 -32.14 24.09 28.25
C LYS B 553 -32.17 22.90 27.31
N ASP B 554 -32.64 21.75 27.81
CA ASP B 554 -32.80 20.56 26.96
C ASP B 554 -31.47 20.18 26.31
N ARG B 555 -30.55 19.71 27.15
CA ARG B 555 -29.21 19.41 26.65
C ARG B 555 -29.23 18.10 25.88
N GLU B 556 -30.06 18.05 24.84
CA GLU B 556 -30.01 17.01 23.79
C GLU B 556 -30.12 17.82 22.50
N GLU B 557 -28.98 18.32 22.03
CA GLU B 557 -28.97 19.33 20.98
C GLU B 557 -27.53 19.51 20.52
N ALA B 558 -27.37 19.93 19.27
CA ALA B 558 -26.06 20.17 18.69
C ALA B 558 -25.91 21.60 18.16
N MET B 559 -26.62 22.57 18.76
CA MET B 559 -26.46 23.95 18.31
C MET B 559 -25.04 24.42 18.56
N ASP B 560 -24.47 24.08 19.70
CA ASP B 560 -23.07 24.33 19.94
C ASP B 560 -22.28 23.32 19.10
N PRO B 561 -21.39 23.77 18.22
CA PRO B 561 -20.82 22.87 17.20
C PRO B 561 -20.22 21.58 17.76
N GLY B 562 -20.58 20.47 17.14
CA GLY B 562 -20.07 19.19 17.60
C GLY B 562 -18.57 19.08 17.45
N SER B 563 -18.03 19.59 16.34
CA SER B 563 -16.59 19.55 16.12
C SER B 563 -16.24 20.55 15.03
N ILE B 564 -15.13 21.26 15.25
CA ILE B 564 -14.59 22.09 14.17
C ILE B 564 -14.17 21.17 13.04
N GLY B 565 -14.62 21.49 11.84
CA GLY B 565 -14.57 20.54 10.75
C GLY B 565 -13.20 20.10 10.31
N PHE B 566 -12.83 18.86 10.66
CA PHE B 566 -11.77 18.20 9.92
C PHE B 566 -12.31 17.61 8.62
N ASN B 567 -13.59 17.25 8.62
CA ASN B 567 -14.27 16.89 7.38
C ASN B 567 -14.14 18.03 6.37
N THR B 568 -14.46 19.25 6.81
CA THR B 568 -14.45 20.41 5.95
C THR B 568 -13.62 21.50 6.62
N GLY B 569 -12.54 21.91 5.96
CA GLY B 569 -11.66 22.93 6.50
C GLY B 569 -10.21 22.53 6.44
N GLU B 570 -9.93 21.26 6.71
CA GLU B 570 -8.59 20.74 6.45
C GLU B 570 -8.28 20.77 4.96
N PRO B 571 -9.21 20.34 4.09
CA PRO B 571 -8.94 20.50 2.66
C PRO B 571 -8.70 21.94 2.23
N ARG B 572 -9.38 22.91 2.83
CA ARG B 572 -9.20 24.29 2.40
C ARG B 572 -7.81 24.82 2.75
N ILE B 573 -7.38 24.61 4.00
CA ILE B 573 -6.05 25.06 4.37
C ILE B 573 -4.99 24.23 3.68
N GLN B 574 -5.31 22.99 3.28
CA GLN B 574 -4.39 22.26 2.42
C GLN B 574 -4.26 22.92 1.05
N LEU B 575 -5.38 23.40 0.51
CA LEU B 575 -5.32 24.17 -0.73
C LEU B 575 -4.44 25.39 -0.57
N TYR B 576 -4.49 26.02 0.61
CA TYR B 576 -3.63 27.19 0.84
C TYR B 576 -2.17 26.79 0.97
N PHE B 577 -1.89 25.64 1.59
CA PHE B 577 -0.54 25.08 1.52
C PHE B 577 -0.09 24.94 0.08
N LEU B 578 -0.98 24.44 -0.77
CA LEU B 578 -0.65 24.26 -2.18
C LEU B 578 -0.31 25.60 -2.83
N LEU B 579 -1.11 26.62 -2.56
CA LEU B 579 -0.82 27.93 -3.11
C LEU B 579 0.52 28.46 -2.63
N GLY B 580 0.82 28.29 -1.34
CA GLY B 580 2.08 28.80 -0.82
C GLY B 580 3.28 28.08 -1.41
N LEU B 581 3.21 26.76 -1.54
CA LEU B 581 4.34 26.01 -2.08
C LEU B 581 4.52 26.22 -3.57
N VAL B 582 3.42 26.41 -4.31
CA VAL B 582 3.52 26.60 -5.75
C VAL B 582 4.18 27.93 -6.06
N TYR B 583 3.84 28.97 -5.30
CA TYR B 583 4.20 30.34 -5.64
C TYR B 583 5.38 30.87 -4.85
N ALA B 584 6.13 30.01 -4.19
CA ALA B 584 7.32 30.49 -3.49
C ALA B 584 8.46 30.75 -4.47
N PRO B 585 8.77 29.84 -5.40
CA PRO B 585 9.87 30.12 -6.34
C PRO B 585 9.47 30.95 -7.54
N VAL B 586 8.17 31.17 -7.77
CA VAL B 586 7.73 31.71 -9.05
C VAL B 586 7.38 33.19 -8.89
N THR B 587 6.39 33.49 -8.05
CA THR B 587 6.03 34.87 -7.70
C THR B 587 5.92 34.95 -6.19
N PRO B 588 7.00 35.31 -5.50
CA PRO B 588 6.96 35.39 -4.04
C PRO B 588 6.01 36.45 -3.50
N MET B 589 5.36 37.25 -4.35
CA MET B 589 4.44 38.28 -3.86
C MET B 589 3.25 37.66 -3.13
N LEU B 590 2.81 36.47 -3.54
CA LEU B 590 1.81 35.75 -2.77
C LEU B 590 2.25 35.52 -1.34
N LEU B 591 3.52 35.24 -1.16
CA LEU B 591 4.07 34.57 0.01
C LEU B 591 4.02 35.38 1.31
N PRO B 592 4.07 36.73 1.28
CA PRO B 592 3.72 37.48 2.50
C PRO B 592 2.23 37.43 2.80
N PHE B 593 1.40 37.64 1.78
CA PHE B 593 -0.04 37.72 2.00
C PHE B 593 -0.55 36.44 2.63
N ILE B 594 -0.16 35.30 2.06
CA ILE B 594 -0.59 34.01 2.60
C ILE B 594 -0.18 33.89 4.06
N LEU B 595 1.02 34.37 4.39
CA LEU B 595 1.48 34.31 5.77
C LEU B 595 0.45 34.94 6.70
N VAL B 596 -0.03 36.13 6.34
CA VAL B 596 -0.97 36.83 7.19
C VAL B 596 -2.18 35.95 7.48
N PHE B 597 -2.68 35.27 6.43
CA PHE B 597 -3.82 34.39 6.62
C PHE B 597 -3.51 33.37 7.72
N PHE B 598 -2.39 32.65 7.58
CA PHE B 598 -2.01 31.71 8.63
C PHE B 598 -2.01 32.40 9.97
N ALA B 599 -1.34 33.55 10.06
CA ALA B 599 -1.31 34.30 11.30
C ALA B 599 -2.71 34.42 11.87
N LEU B 600 -3.61 35.04 11.12
CA LEU B 600 -4.94 35.29 11.66
C LEU B 600 -5.62 33.98 11.99
N ALA B 601 -5.44 32.97 11.14
CA ALA B 601 -6.03 31.67 11.43
C ALA B 601 -5.55 31.17 12.78
N TYR B 602 -4.23 31.14 12.98
CA TYR B 602 -3.70 30.59 14.21
C TYR B 602 -4.16 31.38 15.42
N ILE B 603 -4.67 32.59 15.22
CA ILE B 603 -5.32 33.29 16.32
C ILE B 603 -6.76 32.82 16.45
N VAL B 604 -7.56 33.06 15.41
CA VAL B 604 -9.01 32.94 15.54
C VAL B 604 -9.38 31.56 16.04
N TYR B 605 -9.05 30.53 15.25
CA TYR B 605 -9.43 29.18 15.62
C TYR B 605 -8.92 28.83 17.01
N ARG B 606 -7.70 29.26 17.33
CA ARG B 606 -7.18 29.04 18.68
C ARG B 606 -8.13 29.60 19.71
N HIS B 607 -8.42 30.89 19.62
CA HIS B 607 -9.40 31.48 20.52
C HIS B 607 -10.73 30.77 20.39
N GLN B 608 -11.11 30.42 19.15
CA GLN B 608 -12.32 29.68 18.92
C GLN B 608 -12.29 28.33 19.63
N ILE B 609 -11.16 27.61 19.53
CA ILE B 609 -11.02 26.34 20.24
C ILE B 609 -11.19 26.55 21.73
N ILE B 610 -10.81 27.73 22.22
CA ILE B 610 -10.99 28.02 23.64
C ILE B 610 -12.47 28.04 23.99
N ASN B 611 -13.28 28.68 23.15
CA ASN B 611 -14.60 29.17 23.58
C ASN B 611 -15.75 28.34 23.04
N VAL B 612 -15.85 28.15 21.74
CA VAL B 612 -17.01 27.49 21.13
C VAL B 612 -16.56 26.42 20.13
N TYR B 613 -16.19 25.26 20.65
CA TYR B 613 -16.25 23.98 19.93
C TYR B 613 -16.21 22.84 20.94
N ASN B 614 -17.05 21.85 20.72
CA ASN B 614 -17.09 20.63 21.51
C ASN B 614 -16.39 19.51 20.74
N GLN B 615 -16.50 18.29 21.23
CA GLN B 615 -15.94 17.12 20.57
C GLN B 615 -17.05 16.12 20.29
N GLU B 616 -17.47 16.00 19.03
CA GLU B 616 -18.47 15.00 18.68
C GLU B 616 -17.91 13.59 18.90
N TYR B 617 -16.66 13.38 18.53
CA TYR B 617 -15.91 12.19 18.91
C TYR B 617 -14.50 12.63 19.28
N GLU B 618 -13.65 11.68 19.68
CA GLU B 618 -12.30 12.04 20.05
C GLU B 618 -11.42 10.81 19.87
N SER B 619 -10.58 10.81 18.83
CA SER B 619 -9.62 9.74 18.61
C SER B 619 -8.23 10.34 18.39
N ALA B 620 -7.60 10.73 19.50
CA ALA B 620 -6.15 10.89 19.64
C ALA B 620 -5.42 11.36 18.39
N ALA B 621 -5.93 12.38 17.71
CA ALA B 621 -5.28 12.97 16.55
C ALA B 621 -4.86 11.90 15.54
N ALA B 622 -5.75 10.95 15.30
CA ALA B 622 -5.46 9.86 14.38
C ALA B 622 -5.36 10.29 12.93
N PHE B 623 -5.79 11.51 12.61
CA PHE B 623 -5.87 11.98 11.24
C PHE B 623 -4.57 12.58 10.74
N TRP B 624 -3.56 12.69 11.57
CA TRP B 624 -2.38 13.46 11.17
C TRP B 624 -1.63 12.87 9.97
N PRO B 625 -1.40 11.55 9.85
CA PRO B 625 -0.72 11.06 8.65
C PRO B 625 -1.44 11.41 7.37
N ASP B 626 -2.76 11.48 7.42
CA ASP B 626 -3.57 11.98 6.32
C ASP B 626 -3.11 13.37 5.90
N VAL B 627 -3.03 14.29 6.85
CA VAL B 627 -2.61 15.65 6.58
C VAL B 627 -1.19 15.69 6.04
N HIS B 628 -0.30 14.91 6.65
CA HIS B 628 1.09 14.92 6.22
C HIS B 628 1.22 14.42 4.78
N GLY B 629 0.46 13.39 4.43
CA GLY B 629 0.47 12.93 3.05
C GLY B 629 -0.01 14.00 2.09
N ARG B 630 -1.06 14.73 2.46
CA ARG B 630 -1.47 15.82 1.58
C ARG B 630 -0.44 16.92 1.46
N VAL B 631 0.29 17.23 2.53
CA VAL B 631 1.33 18.26 2.41
C VAL B 631 2.42 17.79 1.46
N ILE B 632 2.83 16.52 1.58
CA ILE B 632 3.83 15.99 0.65
C ILE B 632 3.30 16.03 -0.78
N ALA B 633 2.03 15.70 -0.98
CA ALA B 633 1.46 15.72 -2.31
C ALA B 633 1.46 17.12 -2.90
N ALA B 634 1.06 18.11 -2.11
CA ALA B 634 1.07 19.49 -2.57
C ALA B 634 2.49 19.94 -2.90
N LEU B 635 3.46 19.51 -2.10
CA LEU B 635 4.84 19.86 -2.36
C LEU B 635 5.31 19.29 -3.70
N VAL B 636 4.99 18.02 -3.95
CA VAL B 636 5.38 17.39 -5.21
C VAL B 636 4.70 18.08 -6.39
N ILE B 637 3.42 18.45 -6.23
CA ILE B 637 2.71 19.16 -7.28
C ILE B 637 3.40 20.48 -7.59
N SER B 638 3.80 21.22 -6.54
CA SER B 638 4.50 22.48 -6.76
C SER B 638 5.81 22.26 -7.50
N GLN B 639 6.56 21.24 -7.13
CA GLN B 639 7.83 20.98 -7.80
C GLN B 639 7.61 20.65 -9.28
N LEU B 640 6.60 19.83 -9.57
CA LEU B 640 6.32 19.49 -10.97
C LEU B 640 5.91 20.72 -11.77
N LEU B 641 5.06 21.58 -11.19
CA LEU B 641 4.63 22.77 -11.91
C LEU B 641 5.79 23.74 -12.14
N LEU B 642 6.68 23.87 -11.16
CA LEU B 642 7.86 24.70 -11.35
C LEU B 642 8.76 24.12 -12.45
N MET B 643 8.90 22.79 -12.48
CA MET B 643 9.67 22.17 -13.55
C MET B 643 9.06 22.48 -14.91
N GLY B 644 7.73 22.40 -15.01
CA GLY B 644 7.08 22.73 -16.26
C GLY B 644 7.30 24.17 -16.66
N LEU B 645 7.16 25.09 -15.72
CA LEU B 645 7.34 26.51 -16.04
C LEU B 645 8.77 26.78 -16.50
N LEU B 646 9.76 26.27 -15.77
CA LEU B 646 11.14 26.47 -16.18
C LEU B 646 11.45 25.76 -17.49
N GLY B 647 10.70 24.72 -17.82
CA GLY B 647 10.82 24.12 -19.14
C GLY B 647 10.31 25.04 -20.23
N THR B 648 9.20 25.73 -19.97
CA THR B 648 8.68 26.69 -20.95
C THR B 648 9.65 27.84 -21.17
N LYS B 649 10.08 28.49 -20.10
CA LYS B 649 11.09 29.54 -20.18
C LYS B 649 12.45 28.87 -20.27
N HIS B 650 12.92 28.66 -21.49
CA HIS B 650 14.10 27.85 -21.77
C HIS B 650 15.26 28.25 -20.86
N ALA B 651 15.67 27.35 -19.98
CA ALA B 651 16.74 27.66 -19.03
C ALA B 651 17.86 26.64 -19.19
N ALA B 652 18.79 26.64 -18.23
CA ALA B 652 19.78 25.57 -18.18
C ALA B 652 19.06 24.26 -17.85
N LEU B 653 19.85 23.19 -17.70
CA LEU B 653 19.22 21.91 -17.40
C LEU B 653 18.42 22.05 -16.12
N ALA B 654 17.09 22.00 -16.26
CA ALA B 654 16.18 22.33 -15.17
C ALA B 654 15.21 21.18 -14.96
N ALA B 655 14.82 20.52 -16.05
CA ALA B 655 14.01 19.31 -15.92
C ALA B 655 14.70 18.24 -15.08
N PRO B 656 16.00 17.95 -15.24
CA PRO B 656 16.60 16.92 -14.38
C PRO B 656 16.52 17.23 -12.89
N PHE B 657 16.96 18.42 -12.48
CA PHE B 657 16.95 18.76 -11.06
C PHE B 657 15.54 18.71 -10.49
N LEU B 658 14.60 19.34 -11.17
CA LEU B 658 13.25 19.49 -10.67
C LEU B 658 12.39 18.24 -10.92
N ILE B 659 12.94 17.22 -11.58
CA ILE B 659 12.26 15.93 -11.63
C ILE B 659 12.91 14.93 -10.69
N ALA B 660 14.18 15.13 -10.32
CA ALA B 660 14.77 14.31 -9.27
C ALA B 660 14.30 14.75 -7.90
N LEU B 661 13.96 16.03 -7.74
CA LEU B 661 13.47 16.50 -6.46
C LEU B 661 12.16 15.82 -6.03
N PRO B 662 11.15 15.66 -6.88
CA PRO B 662 9.96 14.91 -6.45
C PRO B 662 10.24 13.47 -6.04
N VAL B 663 11.22 12.83 -6.65
CA VAL B 663 11.58 11.48 -6.23
C VAL B 663 12.07 11.49 -4.79
N LEU B 664 12.93 12.46 -4.45
CA LEU B 664 13.39 12.58 -3.07
C LEU B 664 12.24 12.89 -2.12
N THR B 665 11.29 13.73 -2.57
CA THR B 665 10.15 14.04 -1.72
C THR B 665 9.33 12.80 -1.43
N ILE B 666 9.08 11.97 -2.45
CA ILE B 666 8.30 10.76 -2.23
C ILE B 666 9.07 9.78 -1.36
N GLY B 667 10.38 9.70 -1.52
CA GLY B 667 11.17 8.83 -0.66
C GLY B 667 11.12 9.25 0.78
N PHE B 668 11.22 10.56 1.04
CA PHE B 668 11.06 11.05 2.41
C PHE B 668 9.66 10.77 2.94
N HIS B 669 8.66 10.90 2.08
CA HIS B 669 7.31 10.59 2.51
C HIS B 669 7.18 9.13 2.92
N HIS B 670 7.83 8.23 2.18
CA HIS B 670 7.79 6.82 2.56
C HIS B 670 8.52 6.58 3.85
N PHE B 671 9.65 7.27 4.07
CA PHE B 671 10.34 7.15 5.35
C PHE B 671 9.43 7.55 6.49
N CYS B 672 8.75 8.69 6.36
CA CYS B 672 7.85 9.14 7.41
C CYS B 672 6.68 8.18 7.58
N LYS B 673 6.13 7.68 6.48
CA LYS B 673 5.00 6.76 6.53
C LYS B 673 5.40 5.45 7.21
N GLY B 674 6.67 5.11 7.16
CA GLY B 674 7.11 3.88 7.80
C GLY B 674 7.55 4.08 9.23
N ARG B 675 8.06 5.25 9.58
CA ARG B 675 8.60 5.45 10.94
C ARG B 675 7.55 5.94 11.92
N TYR B 676 6.98 7.12 11.69
CA TYR B 676 6.08 7.68 12.68
C TYR B 676 4.63 7.26 12.51
N GLU B 677 4.23 6.88 11.31
CA GLU B 677 2.81 6.65 11.06
C GLU B 677 2.20 5.54 11.89
N PRO B 678 2.81 4.37 12.07
CA PRO B 678 2.14 3.30 12.83
C PRO B 678 1.69 3.73 14.22
N ALA B 679 2.32 4.73 14.82
CA ALA B 679 1.93 5.15 16.16
C ALA B 679 0.53 5.75 16.20
N PHE B 680 -0.07 6.06 15.05
CA PHE B 680 -1.38 6.69 14.99
C PHE B 680 -2.52 5.71 14.75
N ILE B 681 -2.23 4.41 14.62
CA ILE B 681 -3.28 3.44 14.39
C ILE B 681 -3.19 2.23 15.29
N ARG B 682 -2.07 1.98 15.96
CA ARG B 682 -1.75 0.64 16.39
C ARG B 682 -0.88 0.73 17.65
N TYR B 683 -1.41 0.20 18.75
CA TYR B 683 -1.09 0.63 20.10
C TYR B 683 0.06 -0.19 20.67
N PRO B 684 1.21 0.41 20.98
CA PRO B 684 2.40 -0.37 21.34
C PRO B 684 2.16 -1.22 22.57
N LEU B 685 2.84 -2.37 22.62
CA LEU B 685 2.68 -3.28 23.75
C LEU B 685 3.43 -2.78 24.98
N GLN B 686 4.57 -2.13 24.78
CA GLN B 686 5.32 -1.64 25.95
C GLN B 686 4.53 -0.58 26.70
N GLU B 687 3.93 0.35 25.96
CA GLU B 687 3.13 1.39 26.62
C GLU B 687 1.95 0.78 27.37
N ALA B 688 1.29 -0.21 26.76
CA ALA B 688 0.21 -0.90 27.43
C ALA B 688 0.69 -1.58 28.71
N MET B 689 1.84 -2.23 28.65
CA MET B 689 2.35 -2.90 29.84
C MET B 689 2.67 -1.91 30.95
N MET B 690 3.31 -0.80 30.62
CA MET B 690 3.60 0.20 31.65
C MET B 690 2.32 0.76 32.23
N LYS B 691 1.34 1.08 31.38
CA LYS B 691 0.09 1.64 31.89
C LYS B 691 -0.64 0.64 32.77
N ASP B 692 -0.64 -0.63 32.39
CA ASP B 692 -1.32 -1.63 33.19
C ASP B 692 -0.62 -1.86 34.53
N THR B 693 0.71 -1.88 34.53
CA THR B 693 1.44 -2.01 35.78
C THR B 693 1.16 -0.82 36.69
N LEU B 694 1.17 0.39 36.12
CA LEU B 694 0.88 1.58 36.91
C LEU B 694 -0.55 1.56 37.45
N GLU B 695 -1.49 1.09 36.63
CA GLU B 695 -2.88 1.04 37.08
C GLU B 695 -3.06 0.03 38.20
N THR B 696 -2.41 -1.13 38.10
CA THR B 696 -2.47 -2.10 39.19
C THR B 696 -1.85 -1.54 40.45
N ALA B 697 -0.73 -0.83 40.32
CA ALA B 697 -0.09 -0.24 41.50
C ALA B 697 -0.98 0.83 42.13
N ARG B 698 -1.58 1.69 41.32
CA ARG B 698 -2.36 2.80 41.85
C ARG B 698 -3.66 2.31 42.49
N GLU B 699 -4.40 1.45 41.78
CA GLU B 699 -5.69 0.96 42.24
C GLU B 699 -5.63 -0.56 42.26
N PRO B 700 -5.20 -1.15 43.39
CA PRO B 700 -4.99 -2.60 43.43
C PRO B 700 -6.27 -3.44 43.41
N ASN B 701 -7.45 -2.81 43.48
CA ASN B 701 -8.70 -3.56 43.46
C ASN B 701 -9.82 -2.73 42.85
N LEU B 702 -10.56 -3.34 41.94
CA LEU B 702 -11.67 -2.72 41.24
C LEU B 702 -12.34 -3.79 40.38
N ASN B 703 -13.65 -3.65 40.21
CA ASN B 703 -14.40 -4.57 39.36
C ASN B 703 -14.39 -4.02 37.94
N LEU B 704 -13.51 -4.55 37.10
CA LEU B 704 -13.44 -4.12 35.71
C LEU B 704 -14.66 -4.59 34.92
N LYS B 705 -15.24 -5.73 35.31
CA LYS B 705 -16.36 -6.28 34.55
C LYS B 705 -17.53 -5.32 34.51
N GLY B 706 -17.91 -4.76 35.66
CA GLY B 706 -19.03 -3.83 35.69
C GLY B 706 -18.77 -2.59 34.86
N TYR B 707 -17.56 -2.05 34.92
CA TYR B 707 -17.22 -0.86 34.16
C TYR B 707 -17.09 -1.14 32.67
N LEU B 708 -16.87 -2.39 32.27
CA LEU B 708 -16.59 -2.71 30.87
C LEU B 708 -17.83 -3.18 30.11
N GLN B 709 -18.57 -4.16 30.65
CA GLN B 709 -19.66 -4.71 29.88
C GLN B 709 -20.91 -3.86 29.96
N ASN B 710 -20.74 -2.55 29.86
CA ASN B 710 -21.86 -1.65 29.69
C ASN B 710 -21.55 -0.45 28.81
N ALA B 711 -20.34 -0.37 28.25
CA ALA B 711 -19.95 0.78 27.47
C ALA B 711 -20.06 0.57 25.98
N TYR B 712 -20.16 -0.68 25.52
CA TYR B 712 -20.24 -1.00 24.10
C TYR B 712 -21.52 -1.75 23.76
N VAL B 713 -22.58 -1.52 24.52
CA VAL B 713 -23.83 -2.20 24.24
C VAL B 713 -24.48 -1.56 23.02
N HIS B 714 -24.91 -0.33 23.18
CA HIS B 714 -25.50 0.52 22.15
C HIS B 714 -25.82 1.83 22.84
N PRO B 715 -25.96 2.95 22.13
CA PRO B 715 -26.52 4.14 22.78
C PRO B 715 -27.99 3.99 23.16
N VAL B 716 -28.73 3.10 22.48
CA VAL B 716 -30.15 2.95 22.77
C VAL B 716 -30.37 2.26 24.12
N PHE B 717 -29.63 1.20 24.39
CA PHE B 717 -29.72 0.52 25.68
C PHE B 717 -29.12 1.41 26.75
N LYS B 718 -29.97 2.16 27.46
CA LYS B 718 -29.50 3.06 28.51
C LYS B 718 -28.85 2.25 29.63
C1 PCW C . 23.44 -31.67 -35.48
C2 PCW C . 24.82 -31.68 -34.80
C3 PCW C . 24.72 -32.44 -33.45
C4 PCW C . 25.47 -27.95 -36.75
C5 PCW C . 25.18 -26.64 -35.95
C6 PCW C . 25.80 -25.22 -37.82
C7 PCW C . 24.69 -24.13 -36.04
C8 PCW C . 23.45 -25.67 -37.35
C11 PCW C . 26.57 -33.02 -32.03
C12 PCW C . 28.10 -32.86 -32.03
C13 PCW C . 28.84 -33.37 -30.75
C14 PCW C . 30.22 -32.68 -30.46
C15 PCW C . 30.04 -31.54 -29.37
C16 PCW C . 30.85 -31.67 -28.04
C17 PCW C . 31.62 -30.36 -27.70
C18 PCW C . 32.61 -30.19 -26.48
C19 PCW C . 33.41 -31.37 -25.83
C20 PCW C . 34.75 -31.62 -26.00
C21 PCW C . 35.69 -30.77 -26.91
C22 PCW C . 37.24 -30.93 -26.71
C23 PCW C . 37.94 -31.72 -27.85
C24 PCW C . 39.40 -31.19 -28.12
C25 PCW C . 40.22 -32.03 -29.17
C26 PCW C . 40.71 -33.40 -28.61
C27 PCW C . 41.90 -34.02 -29.38
C28 PCW C . 41.91 -33.66 -30.90
C31 PCW C . 27.04 -31.76 -35.62
C32 PCW C . 27.88 -31.68 -36.94
C33 PCW C . 29.01 -32.76 -37.01
C34 PCW C . 28.69 -33.92 -38.00
C35 PCW C . 27.66 -34.95 -37.44
C36 PCW C . 28.12 -35.66 -36.15
C37 PCW C . 29.60 -36.12 -36.20
C38 PCW C . 29.91 -37.26 -35.22
C39 PCW C . 29.79 -36.83 -33.73
C40 PCW C . 30.42 -37.48 -32.75
C41 PCW C . 31.30 -38.72 -32.99
C42 PCW C . 31.19 -39.77 -31.86
C43 PCW C . 31.74 -39.26 -30.50
C44 PCW C . 32.01 -40.41 -29.50
C45 PCW C . 32.64 -39.94 -28.16
C46 PCW C . 31.59 -39.40 -27.15
C47 PCW C . 32.21 -39.11 -25.75
C48 PCW C . 32.21 -37.63 -25.29
N PCW C . 24.79 -25.43 -36.76
O2 PCW C . 25.74 -32.32 -35.64
O3 PCW C . 25.91 -33.19 -33.28
O11 PCW C . 25.95 -33.02 -31.01
O31 PCW C . 27.49 -31.33 -34.62
O1P PCW C . 21.81 -29.07 -37.31
O2P PCW C . 23.05 -28.83 -35.20
O3P PCW C . 23.53 -30.92 -36.68
O4P PCW C . 24.32 -28.40 -37.45
P PCW C . 23.15 -29.28 -36.63
C1 PCW D . 32.49 -21.41 -26.58
C2 PCW D . 33.50 -22.29 -27.34
C3 PCW D . 34.37 -21.39 -28.22
C4 PCW D . 28.67 -20.93 -25.49
C5 PCW D . 27.45 -21.27 -24.54
C6 PCW D . 26.87 -23.52 -23.96
C7 PCW D . 26.50 -22.98 -26.26
C8 PCW D . 25.17 -21.95 -24.61
C11 PCW D . 35.36 -23.05 -29.65
C12 PCW D . 36.57 -23.69 -30.36
C13 PCW D . 36.13 -24.40 -31.68
C14 PCW D . 37.21 -25.33 -32.31
C15 PCW D . 37.12 -25.22 -33.86
C16 PCW D . 37.67 -26.41 -34.75
C17 PCW D . 38.54 -27.42 -33.92
C18 PCW D . 39.74 -28.01 -34.72
C19 PCW D . 40.24 -29.34 -34.10
C20 PCW D . 40.40 -30.48 -34.81
C21 PCW D . 40.08 -30.57 -36.32
C22 PCW D . 40.70 -31.83 -36.99
C23 PCW D . 40.17 -33.19 -36.43
C24 PCW D . 38.63 -33.22 -36.17
C25 PCW D . 38.11 -34.68 -35.94
C26 PCW D . 37.08 -35.13 -37.02
C27 PCW D . 36.68 -36.62 -36.83
C28 PCW D . 35.49 -36.80 -35.86
C31 PCW D . 34.61 -24.35 -26.76
C32 PCW D . 35.63 -25.20 -25.93
C33 PCW D . 36.69 -25.84 -26.87
C34 PCW D . 38.04 -26.24 -26.19
C35 PCW D . 37.87 -27.30 -25.06
C36 PCW D . 39.23 -27.81 -24.49
C37 PCW D . 40.13 -28.47 -25.55
C38 PCW D . 41.28 -29.30 -24.95
C39 PCW D . 42.61 -28.50 -24.83
C40 PCW D . 43.40 -28.24 -25.89
C41 PCW D . 43.04 -28.67 -27.33
C42 PCW D . 43.06 -27.49 -28.32
C43 PCW D . 42.73 -26.14 -27.63
C44 PCW D . 42.17 -25.07 -28.59
C45 PCW D . 41.86 -23.76 -27.83
C46 PCW D . 40.60 -23.02 -28.36
C47 PCW D . 39.34 -23.32 -27.50
C48 PCW D . 38.28 -22.21 -27.60
N PCW D . 26.53 -22.41 -24.89
O2 PCW D . 34.31 -23.00 -26.42
O3 PCW D . 35.55 -22.12 -28.58
O11 PCW D . 34.25 -23.34 -29.99
O31 PCW D . 34.10 -24.88 -27.68
O1P PCW D . 29.06 -20.96 -28.44
O2P PCW D . 30.23 -23.11 -28.31
O3P PCW D . 31.48 -20.98 -27.49
O4P PCW D . 29.34 -22.05 -26.09
P PCW D . 30.01 -21.79 -27.60
C1 PCW E . 30.25 -19.58 -21.11
C2 PCW E . 30.23 -20.04 -22.57
C3 PCW E . 31.28 -19.24 -23.35
C4 PCW E . 28.07 -18.15 -18.04
C5 PCW E . 27.37 -17.70 -16.71
C6 PCW E . 26.73 -19.96 -16.07
C7 PCW E . 24.96 -18.67 -17.02
C8 PCW E . 25.82 -18.02 -14.93
C11 PCW E . 33.25 -20.50 -22.79
C12 PCW E . 34.33 -20.92 -21.76
C13 PCW E . 35.14 -22.16 -22.22
C14 PCW E . 36.25 -21.81 -23.25
C15 PCW E . 37.67 -22.19 -22.72
C16 PCW E . 38.80 -21.94 -23.75
C17 PCW E . 40.01 -22.90 -23.53
C18 PCW E . 41.31 -22.45 -24.24
C19 PCW E . 41.89 -21.12 -23.67
C20 PCW E . 43.21 -20.86 -23.67
C21 PCW E . 44.25 -21.84 -24.26
C22 PCW E . 45.53 -21.09 -24.75
C23 PCW E . 45.29 -20.34 -26.09
C24 PCW E . 45.41 -21.30 -27.32
C25 PCW E . 44.90 -20.63 -28.64
C26 PCW E . 44.69 -21.68 -29.77
C27 PCW E . 44.67 -21.05 -31.18
C28 PCW E . 44.54 -22.10 -32.31
C31 PCW E . 30.21 -22.14 -23.84
C32 PCW E . 30.83 -23.58 -23.94
C33 PCW E . 30.21 -24.56 -25.00
C34 PCW E . 31.18 -24.92 -26.18
C35 PCW E . 30.47 -25.76 -27.28
C36 PCW E . 31.33 -25.98 -28.55
C37 PCW E . 31.97 -27.39 -28.55
C38 PCW E . 33.29 -27.55 -29.35
C39 PCW E . 33.07 -28.30 -30.70
C40 PCW E . 33.48 -29.57 -30.96
C41 PCW E . 34.24 -30.51 -29.98
C42 PCW E . 33.68 -31.96 -30.05
C43 PCW E . 33.96 -32.95 -28.88
C44 PCW E . 33.36 -34.40 -28.93
C45 PCW E . 32.84 -34.76 -27.46
C46 PCW E . 32.16 -36.13 -27.05
C47 PCW E . 31.74 -36.21 -25.53
C48 PCW E . 30.20 -36.27 -25.17
N PCW E . 26.22 -18.57 -16.24
O2 PCW E . 30.50 -21.42 -22.64
O3 PCW E . 32.51 -19.29 -22.61
O11 PCW E . 33.05 -21.20 -23.73
O31 PCW E . 29.53 -21.67 -24.70
O1P PCW E . 28.00 -17.73 -21.23
O2P PCW E . 26.61 -19.76 -21.29
O3P PCW E . 29.07 -20.00 -20.46
O4P PCW E . 27.15 -18.72 -18.97
P PCW E . 27.68 -19.04 -20.52
C1 PCW F . 28.70 -26.01 -35.70
C2 PCW F . 30.19 -26.35 -35.78
C3 PCW F . 30.93 -25.57 -34.67
C4 PCW F . 28.14 -26.39 -31.09
C5 PCW F . 27.03 -25.88 -30.12
C6 PCW F . 27.35 -27.64 -28.48
C7 PCW F . 25.62 -28.05 -30.05
C8 PCW F . 25.35 -26.29 -28.49
C11 PCW F . 32.89 -24.95 -35.90
C12 PCW F . 34.43 -24.89 -36.07
C13 PCW F . 34.92 -26.40 -35.92
C14 PCW F . 36.41 -26.77 -35.49
C15 PCW F . 36.92 -28.07 -36.34
C16 PCW F . 35.90 -28.86 -37.22
C17 PCW F . 36.42 -30.25 -37.69
C18 PCW F . 35.37 -30.95 -38.59
C19 PCW F . 35.17 -30.21 -39.95
C20 PCW F . 34.22 -30.56 -40.83
C21 PCW F . 33.23 -31.72 -40.55
C22 PCW F . 33.75 -33.10 -41.02
C23 PCW F . 32.74 -34.23 -40.63
C24 PCW F . 33.23 -35.66 -40.97
C25 PCW F . 32.55 -36.72 -40.03
C26 PCW F . 33.28 -38.09 -40.03
C27 PCW F . 32.64 -39.11 -39.05
C28 PCW F . 32.50 -38.56 -37.60
C31 PCW F . 31.43 -28.32 -36.27
C32 PCW F . 31.39 -29.86 -36.56
C33 PCW F . 31.24 -30.67 -35.24
C34 PCW F . 32.09 -31.97 -35.20
C35 PCW F . 32.30 -32.46 -33.74
C36 PCW F . 30.96 -32.75 -33.01
C37 PCW F . 31.12 -33.28 -31.53
C38 PCW F . 32.17 -34.42 -31.31
C39 PCW F . 32.48 -35.13 -29.92
C40 PCW F . 33.36 -36.16 -29.93
C41 PCW F . 34.27 -36.54 -31.12
C42 PCW F . 35.38 -37.51 -30.64
C43 PCW F . 36.24 -36.99 -29.44
C44 PCW F . 37.07 -38.11 -28.74
C45 PCW F . 37.64 -37.66 -27.38
C46 PCW F . 38.24 -38.83 -26.55
C47 PCW F . 39.10 -38.33 -25.35
C48 PCW F . 39.65 -39.50 -24.50
N PCW F . 26.35 -26.96 -29.32
O2 PCW F . 30.34 -27.73 -35.60
O3 PCW F . 32.33 -25.73 -34.85
O11 PCW F . 32.18 -24.35 -36.65
O31 PCW F . 32.37 -27.69 -36.60
O1P PCW F . 28.42 -23.70 -33.91
O2P PCW F . 26.39 -24.91 -33.17
O3P PCW F . 28.27 -26.27 -34.37
O4P PCW F . 28.61 -25.28 -31.85
P PCW F . 27.90 -25.00 -33.34
C1 PCW G . 27.96 -36.63 -44.63
C2 PCW G . 27.43 -37.12 -43.27
C3 PCW G . 26.09 -37.83 -43.50
C4 PCW G . 28.63 -33.60 -42.10
C5 PCW G . 29.54 -32.42 -41.61
C6 PCW G . 28.96 -30.69 -43.26
C7 PCW G . 29.73 -29.91 -41.17
C8 PCW G . 27.64 -30.99 -41.22
C11 PCW G . 25.34 -39.87 -44.55
C12 PCW G . 25.55 -41.38 -44.86
C13 PCW G . 27.06 -41.71 -45.03
C14 PCW G . 27.34 -43.22 -45.29
C15 PCW G . 26.63 -44.15 -44.28
C16 PCW G . 27.09 -45.63 -44.37
C17 PCW G . 26.43 -46.51 -43.27
C18 PCW G . 26.77 -48.02 -43.45
C19 PCW G . 26.20 -48.91 -42.30
C20 PCW G . 24.89 -49.15 -42.15
C21 PCW G . 23.81 -48.57 -43.11
C22 PCW G . 22.80 -49.66 -43.58
C23 PCW G . 21.77 -50.08 -42.49
C24 PCW G . 20.75 -51.10 -43.07
C25 PCW G . 19.64 -51.52 -42.05
C26 PCW G . 18.33 -51.94 -42.77
C27 PCW G . 17.21 -52.35 -41.80
C28 PCW G . 17.04 -53.89 -41.68
C31 PCW G . 28.00 -38.60 -41.49
C32 PCW G . 28.81 -39.82 -40.94
C33 PCW G . 28.15 -41.18 -41.33
C34 PCW G . 28.20 -42.25 -40.20
C35 PCW G . 29.60 -42.91 -40.03
C36 PCW G . 29.76 -43.61 -38.66
C37 PCW G . 31.11 -44.35 -38.52
C38 PCW G . 31.05 -45.89 -38.55
C39 PCW G . 29.87 -46.50 -39.38
C40 PCW G . 29.45 -47.77 -39.22
C41 PCW G . 30.09 -48.76 -38.22
C42 PCW G . 29.10 -49.20 -37.11
C43 PCW G . 27.81 -49.84 -37.67
C44 PCW G . 26.88 -50.35 -36.55
C45 PCW G . 25.51 -50.86 -37.08
C46 PCW G . 24.58 -49.70 -37.55
C47 PCW G . 23.28 -50.21 -38.22
C48 PCW G . 22.26 -49.08 -38.47
N PCW G . 28.99 -31.03 -41.81
O2 PCW G . 28.37 -38.02 -42.73
O3 PCW G . 26.38 -39.18 -43.86
O11 PCW G . 24.34 -39.32 -44.89
O31 PCW G . 27.10 -38.16 -40.85
O1P PCW G . 29.75 -33.28 -45.23
O2P PCW G . 27.44 -33.96 -45.78
O3P PCW G . 28.93 -35.60 -44.40
O4P PCW G . 27.98 -33.28 -43.32
P PCW G . 28.52 -34.00 -44.72
C1 PCW H . 34.02 -21.74 -9.13
C2 PCW H . 35.02 -22.25 -10.18
C3 PCW H . 34.38 -23.34 -11.06
C4 PCW H . 32.57 -23.76 -4.59
C5 PCW H . 32.14 -22.61 -3.58
C6 PCW H . 31.87 -22.14 -1.15
C7 PCW H . 33.72 -23.46 -1.70
C8 PCW H . 31.53 -24.35 -1.97
C11 PCW H . 36.34 -24.58 -11.66
C12 PCW H . 37.29 -25.25 -12.70
C13 PCW H . 38.17 -26.36 -12.07
C14 PCW H . 39.34 -26.83 -12.98
C15 PCW H . 39.93 -28.20 -12.51
C16 PCW H . 40.86 -28.85 -13.57
C17 PCW H . 42.28 -28.20 -13.61
C18 PCW H . 42.85 -28.12 -15.04
C19 PCW H . 44.27 -27.47 -15.09
C20 PCW H . 45.00 -27.45 -16.22
C21 PCW H . 44.48 -28.05 -17.56
C22 PCW H . 45.64 -28.57 -18.45
C23 PCW H . 46.55 -27.44 -18.99
C24 PCW H . 48.08 -27.79 -18.95
C25 PCW H . 48.44 -29.09 -19.73
C26 PCW H . 49.64 -29.84 -19.08
C27 PCW H . 49.95 -31.19 -19.77
C28 PCW H . 49.90 -32.38 -18.79
C31 PCW H . 36.49 -20.43 -10.48
C32 PCW H . 36.37 -18.88 -10.35
C33 PCW H . 37.00 -18.12 -11.55
C34 PCW H . 36.03 -17.05 -12.13
C35 PCW H . 36.66 -16.25 -13.31
C36 PCW H . 35.97 -14.88 -13.51
C37 PCW H . 36.82 -13.84 -14.25
C38 PCW H . 37.94 -13.27 -13.36
C39 PCW H . 38.50 -11.92 -13.90
C40 PCW H . 39.77 -11.73 -14.27
C41 PCW H . 40.85 -12.84 -14.21
C42 PCW H . 42.05 -12.49 -15.11
C43 PCW H . 43.21 -13.51 -15.07
C44 PCW H . 44.13 -13.37 -13.83
C45 PCW H . 43.78 -14.35 -12.68
C46 PCW H . 44.65 -14.13 -11.42
C47 PCW H . 44.30 -15.12 -10.27
C48 PCW H . 44.58 -16.60 -10.67
N PCW H . 32.34 -23.13 -2.15
O2 PCW H . 35.40 -21.17 -10.99
O3 PCW H . 35.31 -23.70 -12.08
O11 PCW H . 36.50 -24.82 -10.50
O31 PCW H . 37.49 -20.97 -10.15
O1P PCW H . 31.91 -22.89 -7.36
O2P PCW H . 33.53 -24.73 -7.63
O3P PCW H . 34.40 -22.28 -7.86
O4P PCW H . 33.63 -23.33 -5.44
P PCW H . 33.34 -23.32 -7.10
C1 PCW I . 33.59 -19.84 -13.16
C2 PCW I . 34.61 -19.51 -14.25
C3 PCW I . 34.66 -20.71 -15.20
C4 PCW I . 31.51 -18.70 -10.12
C5 PCW I . 30.17 -18.21 -9.51
C6 PCW I . 28.80 -20.16 -10.02
C7 PCW I . 28.05 -18.84 -8.20
C8 PCW I . 30.05 -20.05 -7.92
C11 PCW I . 35.73 -21.62 -17.12
C12 PCW I . 37.09 -22.16 -17.62
C13 PCW I . 38.27 -21.74 -16.72
C14 PCW I . 39.14 -20.62 -17.37
C15 PCW I . 40.45 -20.36 -16.58
C16 PCW I . 41.57 -21.37 -16.95
C17 PCW I . 42.95 -20.99 -16.32
C18 PCW I . 44.09 -21.85 -16.91
C19 PCW I . 44.55 -21.31 -18.30
C20 PCW I . 45.16 -22.07 -19.22
C21 PCW I . 45.45 -23.59 -18.99
C22 PCW I . 44.42 -24.49 -19.70
C23 PCW I . 42.94 -24.19 -19.29
C24 PCW I . 41.90 -24.99 -20.14
C25 PCW I . 40.46 -24.83 -19.57
C26 PCW I . 39.37 -25.34 -20.57
C27 PCW I . 37.94 -25.00 -20.07
C28 PCW I . 36.85 -25.75 -20.87
C31 PCW I . 35.13 -17.29 -15.06
C32 PCW I . 35.09 -16.42 -16.34
C33 PCW I . 35.01 -17.26 -17.65
C34 PCW I . 36.40 -17.78 -18.14
C35 PCW I . 37.26 -16.68 -18.82
C36 PCW I . 38.72 -17.14 -19.05
C37 PCW I . 39.62 -16.02 -19.58
C38 PCW I . 41.02 -16.54 -19.97
C39 PCW I . 41.83 -15.50 -20.79
C40 PCW I . 43.14 -15.29 -20.59
C41 PCW I . 43.96 -16.07 -19.54
C42 PCW I . 43.86 -15.43 -18.13
C43 PCW I . 44.80 -16.09 -17.08
C44 PCW I . 44.76 -17.63 -17.16
C45 PCW I . 45.41 -18.33 -15.93
C46 PCW I . 44.61 -18.08 -14.62
C47 PCW I . 44.95 -19.11 -13.50
C48 PCW I . 46.44 -19.07 -13.12
N PCW I . 29.27 -19.29 -8.92
O2 PCW I . 34.20 -18.36 -14.95
O3 PCW I . 35.70 -20.56 -16.16
O11 PCW I . 34.71 -22.08 -17.53
O31 PCW I . 35.92 -17.02 -14.18
O1P PCW I . 31.32 -17.43 -12.74
O2P PCW I . 29.75 -19.25 -13.32
O3P PCW I . 32.28 -19.65 -13.73
O4P PCW I . 31.26 -19.58 -11.22
P PCW I . 31.12 -18.93 -12.76
#